data_6S4S
#
_entry.id   6S4S
#
_cell.length_a   333.321
_cell.length_b   95.118
_cell.length_c   83.846
_cell.angle_alpha   90.00
_cell.angle_beta   90.33
_cell.angle_gamma   90.00
#
_symmetry.space_group_name_H-M   'C 1 2 1'
#
loop_
_entity.id
_entity.type
_entity.pdbx_description
1 polymer PlyP35
2 polymer PlyP35
3 polymer PlyP35
4 non-polymer 'MALONATE ION'
5 water water
#
loop_
_entity_poly.entity_id
_entity_poly.type
_entity_poly.pdbx_seq_one_letter_code
_entity_poly.pdbx_strand_id
1 'polypeptide(L)'
;HMMENINIVIKDVGYFQDKPQFLNSKSVRQWKHGTKVKLTKHNSHWYTGVVKDGNKSVRGYIYHSMAKVTSKNSDGSVNA
TINAHAFCWDNKKLNGGDFINLKRGFKGITHPASDGFYPLYFASRKKTFYIPRYMFDIKG
;
A
2 'polypeptide(L)'
;MMENINIVIKDVGYFQDKPQFLNSKSVRQWKHGTKVKLTKHNSHWYTGVVKDGNKSVRGYIYHSMAKVTSKNSDGSVNAT
INAHAFCWDNKKLNGGDFINLKRGFKGITHPASDGFYPLYFASRKKTFYIPRYMFDIKK
;
B,D,E,F,G,H,I,L,K
3 'polypeptide(L)'
;HMMENINIVIKDVGYFQDKPQFLNSKSVRQWKHGTKVKLTKHNSHWYTGVVKDGNKSVRGYIYHSMAKVTSKNSDGSVNA
TINAHAFCWDNKKLNGGDFINLKRGFKGITHPASDGFYPLYFASRKKTFYIPRYMFDIKK
;
C,J
#
loop_
_chem_comp.id
_chem_comp.type
_chem_comp.name
_chem_comp.formula
MLI non-polymer 'MALONATE ION' 'C3 H2 O4 -2'
#
# COMPACT_ATOMS: atom_id res chain seq x y z
N HIS A 1 -20.57 12.80 -21.51
CA HIS A 1 -21.50 13.42 -20.52
C HIS A 1 -22.20 12.33 -19.68
N MET A 2 -21.41 11.61 -18.88
CA MET A 2 -21.88 10.60 -17.89
C MET A 2 -22.67 11.31 -16.78
N MET A 3 -22.31 12.55 -16.43
CA MET A 3 -23.05 13.38 -15.42
C MET A 3 -24.35 13.91 -16.06
N GLU A 4 -25.46 13.89 -15.33
CA GLU A 4 -26.81 14.30 -15.80
C GLU A 4 -27.41 15.29 -14.82
N ASN A 5 -28.30 16.16 -15.26
CA ASN A 5 -29.19 16.96 -14.38
C ASN A 5 -30.63 16.52 -14.56
N ILE A 6 -31.47 16.85 -13.58
CA ILE A 6 -32.92 16.55 -13.50
C ILE A 6 -33.59 17.87 -13.16
N ASN A 7 -34.56 18.32 -13.95
CA ASN A 7 -35.44 19.44 -13.56
C ASN A 7 -36.52 18.87 -12.63
N ILE A 8 -36.76 19.53 -11.51
CA ILE A 8 -37.75 19.05 -10.51
C ILE A 8 -38.69 20.18 -10.17
N VAL A 9 -39.87 19.82 -9.70
CA VAL A 9 -40.83 20.79 -9.13
C VAL A 9 -41.32 20.20 -7.81
N ILE A 10 -41.31 21.04 -6.77
CA ILE A 10 -41.76 20.65 -5.43
C ILE A 10 -43.28 20.46 -5.51
N LYS A 11 -43.78 19.36 -4.94
CA LYS A 11 -45.21 18.96 -5.02
C LYS A 11 -46.08 20.01 -4.38
N ASP A 12 -47.34 20.06 -4.79
CA ASP A 12 -48.40 20.93 -4.23
C ASP A 12 -49.11 20.23 -3.06
N VAL A 13 -48.35 19.50 -2.22
CA VAL A 13 -48.93 18.65 -1.13
C VAL A 13 -48.25 18.92 0.22
N GLY A 14 -48.97 18.58 1.30
CA GLY A 14 -48.43 18.33 2.65
C GLY A 14 -48.21 16.83 2.84
N TYR A 15 -47.25 16.45 3.70
CA TYR A 15 -46.81 15.04 3.83
C TYR A 15 -47.33 14.46 5.15
N PHE A 16 -48.27 13.53 5.03
CA PHE A 16 -48.87 12.78 6.15
C PHE A 16 -48.14 11.44 6.19
N GLN A 17 -47.05 11.37 6.98
CA GLN A 17 -46.10 10.23 6.93
C GLN A 17 -46.52 9.14 7.93
N ASP A 18 -46.06 7.91 7.77
CA ASP A 18 -46.39 6.82 8.71
C ASP A 18 -45.64 6.98 10.03
N LYS A 19 -44.69 7.91 10.11
CA LYS A 19 -43.90 8.22 11.33
C LYS A 19 -43.68 9.72 11.39
N PRO A 20 -43.45 10.31 12.59
CA PRO A 20 -43.17 11.74 12.70
C PRO A 20 -41.72 12.05 12.39
N GLN A 21 -41.30 11.72 11.17
CA GLN A 21 -39.91 11.92 10.69
C GLN A 21 -39.97 11.96 9.16
N PHE A 22 -39.04 12.68 8.55
CA PHE A 22 -38.94 12.81 7.08
C PHE A 22 -38.07 11.70 6.48
N LEU A 23 -37.11 11.18 7.23
CA LEU A 23 -36.19 10.11 6.75
C LEU A 23 -36.78 8.75 7.07
N ASN A 24 -36.76 7.81 6.11
CA ASN A 24 -37.20 6.40 6.29
C ASN A 24 -38.67 6.37 6.71
N SER A 25 -39.49 7.28 6.19
CA SER A 25 -40.97 7.24 6.36
C SER A 25 -41.65 7.11 5.01
N LYS A 26 -42.83 6.53 4.98
CA LYS A 26 -43.69 6.41 3.78
C LYS A 26 -44.84 7.39 3.96
N SER A 27 -45.34 7.94 2.87
CA SER A 27 -46.51 8.84 2.86
C SER A 27 -47.76 7.97 2.99
N VAL A 28 -48.52 8.17 4.04
CA VAL A 28 -49.89 7.59 4.18
C VAL A 28 -50.83 8.42 3.29
N ARG A 29 -50.67 9.74 3.31
CA ARG A 29 -51.37 10.66 2.37
C ARG A 29 -50.40 11.77 1.95
N GLN A 30 -50.52 12.21 0.72
CA GLN A 30 -49.96 13.47 0.19
C GLN A 30 -51.17 14.34 -0.14
N TRP A 31 -51.56 15.16 0.81
CA TRP A 31 -52.80 15.96 0.74
C TRP A 31 -52.52 17.25 -0.04
N LYS A 32 -53.31 17.48 -1.08
CA LYS A 32 -53.29 18.72 -1.89
C LYS A 32 -53.43 19.93 -0.98
N HIS A 33 -52.68 21.00 -1.29
CA HIS A 33 -52.84 22.33 -0.65
C HIS A 33 -54.33 22.63 -0.49
N GLY A 34 -54.76 23.07 0.68
CA GLY A 34 -56.16 23.46 0.98
C GLY A 34 -57.03 22.32 1.49
N THR A 35 -56.59 21.05 1.45
CA THR A 35 -57.39 19.92 1.99
C THR A 35 -57.74 20.21 3.45
N LYS A 36 -58.98 19.95 3.84
CA LYS A 36 -59.47 20.11 5.24
C LYS A 36 -59.41 18.74 5.94
N VAL A 37 -58.84 18.72 7.14
CA VAL A 37 -58.58 17.44 7.87
C VAL A 37 -58.89 17.66 9.34
N LYS A 38 -59.00 16.54 10.06
CA LYS A 38 -59.00 16.53 11.54
C LYS A 38 -57.66 15.91 12.00
N LEU A 39 -57.03 16.54 12.99
CA LEU A 39 -55.70 16.15 13.50
C LEU A 39 -55.72 16.26 15.02
N THR A 40 -54.71 15.73 15.70
CA THR A 40 -54.44 15.98 17.13
C THR A 40 -52.97 16.38 17.24
N LYS A 41 -52.66 17.37 18.08
CA LYS A 41 -51.26 17.74 18.39
C LYS A 41 -50.55 16.48 18.92
N HIS A 42 -49.41 16.13 18.32
CA HIS A 42 -48.61 14.94 18.71
C HIS A 42 -47.43 15.40 19.56
N ASN A 43 -46.72 16.43 19.13
CA ASN A 43 -45.65 17.09 19.94
C ASN A 43 -45.50 18.52 19.45
N SER A 44 -44.42 19.20 19.80
CA SER A 44 -44.21 20.63 19.48
C SER A 44 -44.18 20.84 17.96
N HIS A 45 -43.78 19.85 17.16
CA HIS A 45 -43.53 20.02 15.71
C HIS A 45 -44.48 19.17 14.86
N TRP A 46 -45.28 18.29 15.43
CA TRP A 46 -46.04 17.31 14.63
C TRP A 46 -47.48 17.21 15.10
N TYR A 47 -48.38 16.96 14.15
CA TYR A 47 -49.78 16.55 14.36
C TYR A 47 -49.86 15.09 13.97
N THR A 48 -50.88 14.41 14.46
CA THR A 48 -51.21 13.03 14.03
C THR A 48 -52.70 12.96 13.70
N GLY A 49 -53.09 11.98 12.93
CA GLY A 49 -54.49 11.66 12.65
C GLY A 49 -54.59 10.24 12.14
N VAL A 50 -55.80 9.84 11.80
CA VAL A 50 -56.14 8.47 11.33
C VAL A 50 -56.98 8.60 10.06
N VAL A 51 -56.70 7.78 9.08
CA VAL A 51 -57.40 7.74 7.77
C VAL A 51 -57.78 6.28 7.53
N LYS A 52 -58.61 6.03 6.54
CA LYS A 52 -59.04 4.62 6.20
C LYS A 52 -58.38 4.24 4.89
N ASP A 53 -57.60 3.15 4.85
CA ASP A 53 -57.17 2.47 3.61
C ASP A 53 -58.01 1.19 3.51
N GLY A 54 -59.11 1.23 2.74
CA GLY A 54 -60.17 0.20 2.77
C GLY A 54 -60.94 0.25 4.08
N ASN A 55 -60.96 -0.84 4.82
CA ASN A 55 -61.57 -0.92 6.19
C ASN A 55 -60.49 -0.69 7.25
N LYS A 56 -59.21 -0.69 6.87
CA LYS A 56 -58.06 -0.56 7.81
C LYS A 56 -57.86 0.92 8.18
N SER A 57 -57.89 1.22 9.47
CA SER A 57 -57.47 2.50 10.07
C SER A 57 -55.93 2.59 10.04
N VAL A 58 -55.38 3.70 9.54
CA VAL A 58 -53.91 3.93 9.43
C VAL A 58 -53.59 5.28 10.06
N ARG A 59 -52.62 5.31 10.97
CA ARG A 59 -52.20 6.57 11.63
C ARG A 59 -51.12 7.26 10.78
N GLY A 60 -51.18 8.58 10.73
CA GLY A 60 -50.14 9.40 10.08
C GLY A 60 -49.75 10.57 10.93
N TYR A 61 -48.68 11.23 10.50
CA TYR A 61 -48.06 12.37 11.20
C TYR A 61 -47.76 13.45 10.16
N ILE A 62 -48.08 14.69 10.48
CA ILE A 62 -47.78 15.80 9.54
C ILE A 62 -47.16 16.96 10.34
N TYR A 63 -46.13 17.54 9.78
CA TYR A 63 -45.32 18.62 10.39
C TYR A 63 -46.17 19.87 10.58
N HIS A 64 -45.96 20.60 11.66
CA HIS A 64 -46.87 21.68 12.15
C HIS A 64 -47.03 22.76 11.06
N SER A 65 -45.99 23.05 10.28
CA SER A 65 -46.03 24.18 9.31
C SER A 65 -46.82 23.77 8.07
N MET A 66 -47.21 22.51 7.94
CA MET A 66 -48.04 22.01 6.81
C MET A 66 -49.51 21.93 7.20
N ALA A 67 -49.89 22.40 8.38
CA ALA A 67 -51.27 22.29 8.89
C ALA A 67 -51.66 23.59 9.59
N LYS A 68 -52.63 24.31 9.04
CA LYS A 68 -53.15 25.58 9.58
C LYS A 68 -54.41 25.24 10.39
N VAL A 69 -54.36 25.40 11.71
CA VAL A 69 -55.49 25.04 12.62
C VAL A 69 -56.53 26.17 12.56
N THR A 70 -57.76 25.85 12.21
CA THR A 70 -58.90 26.82 12.07
C THR A 70 -59.86 26.72 13.27
N SER A 71 -59.97 25.55 13.93
CA SER A 71 -60.79 25.42 15.17
C SER A 71 -60.37 24.21 16.03
N LYS A 72 -60.84 24.22 17.27
CA LYS A 72 -60.46 23.21 18.32
C LYS A 72 -61.70 22.43 18.77
N ASN A 73 -61.68 21.11 18.66
CA ASN A 73 -62.82 20.24 19.03
C ASN A 73 -62.75 19.94 20.55
N SER A 74 -63.87 19.57 21.16
CA SER A 74 -64.00 19.25 22.62
C SER A 74 -63.13 18.06 23.00
N ASP A 75 -63.00 17.06 22.12
CA ASP A 75 -62.23 15.82 22.38
C ASP A 75 -60.71 16.08 22.33
N GLY A 76 -60.25 17.33 22.17
CA GLY A 76 -58.82 17.70 22.11
C GLY A 76 -58.23 17.65 20.70
N SER A 77 -58.94 17.11 19.70
CA SER A 77 -58.55 17.21 18.27
C SER A 77 -58.71 18.65 17.76
N VAL A 78 -58.19 18.92 16.57
CA VAL A 78 -58.29 20.24 15.89
C VAL A 78 -58.74 20.02 14.45
N ASN A 79 -59.34 21.05 13.87
CA ASN A 79 -59.73 21.06 12.43
C ASN A 79 -58.68 21.94 11.74
N ALA A 80 -58.09 21.47 10.67
CA ALA A 80 -56.96 22.18 10.03
C ALA A 80 -57.07 22.13 8.52
N THR A 81 -56.40 23.07 7.86
CA THR A 81 -56.25 23.13 6.40
C THR A 81 -54.79 22.85 6.04
N ILE A 82 -54.55 21.98 5.08
CA ILE A 82 -53.18 21.64 4.65
C ILE A 82 -52.55 22.83 3.93
N ASN A 83 -51.36 23.21 4.36
CA ASN A 83 -50.43 24.20 3.75
C ASN A 83 -49.26 23.44 3.12
N ALA A 84 -49.34 23.15 1.84
CA ALA A 84 -48.32 22.42 1.06
C ALA A 84 -46.98 23.20 1.06
N HIS A 85 -45.92 22.50 1.40
CA HIS A 85 -44.50 22.93 1.19
C HIS A 85 -43.61 21.72 1.41
N ALA A 86 -42.36 21.81 0.96
CA ALA A 86 -41.35 20.76 1.17
C ALA A 86 -40.19 21.33 1.98
N PHE A 87 -39.15 20.55 2.16
CA PHE A 87 -37.91 20.95 2.86
C PHE A 87 -36.72 20.41 2.10
N CYS A 88 -35.57 21.06 2.22
CA CYS A 88 -34.25 20.40 1.96
C CYS A 88 -33.36 20.66 3.17
N TRP A 89 -32.41 19.77 3.43
CA TRP A 89 -31.59 19.77 4.67
C TRP A 89 -30.12 19.77 4.30
N ASP A 90 -29.30 20.39 5.14
CA ASP A 90 -27.83 20.41 4.89
C ASP A 90 -27.21 19.10 5.32
N ASN A 91 -27.99 18.09 5.70
CA ASN A 91 -27.42 16.75 5.97
C ASN A 91 -28.46 15.66 5.69
N LYS A 92 -28.03 14.40 5.63
CA LYS A 92 -28.85 13.27 5.18
C LYS A 92 -29.66 12.64 6.33
N LYS A 93 -29.70 13.25 7.50
CA LYS A 93 -30.61 12.82 8.61
C LYS A 93 -32.01 13.39 8.39
N LEU A 94 -32.12 14.48 7.61
CA LEU A 94 -33.43 15.15 7.31
C LEU A 94 -34.08 15.52 8.65
N ASN A 95 -33.31 16.09 9.57
CA ASN A 95 -33.80 16.36 10.92
C ASN A 95 -33.00 17.53 11.50
N GLY A 96 -33.61 18.70 11.65
CA GLY A 96 -32.93 19.91 12.15
C GLY A 96 -31.68 20.26 11.35
N GLY A 97 -30.65 20.75 12.01
CA GLY A 97 -29.49 21.39 11.37
C GLY A 97 -29.98 22.60 10.58
N ASP A 98 -29.39 22.84 9.43
CA ASP A 98 -29.78 23.94 8.53
C ASP A 98 -30.77 23.32 7.50
N PHE A 99 -31.97 23.87 7.43
CA PHE A 99 -33.00 23.40 6.49
C PHE A 99 -33.69 24.61 5.88
N ILE A 100 -34.22 24.42 4.68
CA ILE A 100 -34.95 25.48 3.91
C ILE A 100 -36.37 24.98 3.62
N ASN A 101 -37.35 25.81 3.94
CA ASN A 101 -38.77 25.67 3.53
C ASN A 101 -38.84 25.94 2.01
N LEU A 102 -39.08 24.91 1.18
CA LEU A 102 -39.27 25.08 -0.27
C LEU A 102 -40.77 25.23 -0.56
N LYS A 103 -41.16 26.38 -1.12
CA LYS A 103 -42.56 26.73 -1.47
C LYS A 103 -43.13 25.67 -2.41
N ARG A 104 -44.42 25.38 -2.29
CA ARG A 104 -45.08 24.47 -3.28
C ARG A 104 -44.79 25.01 -4.69
N GLY A 105 -44.46 24.17 -5.64
CA GLY A 105 -44.14 24.60 -7.02
C GLY A 105 -42.73 25.11 -7.22
N PHE A 106 -41.91 25.19 -6.18
CA PHE A 106 -40.48 25.58 -6.33
C PHE A 106 -39.84 24.76 -7.44
N LYS A 107 -39.17 25.43 -8.37
CA LYS A 107 -38.50 24.79 -9.54
C LYS A 107 -37.00 24.68 -9.25
N GLY A 108 -36.44 23.50 -9.31
CA GLY A 108 -35.02 23.30 -9.00
C GLY A 108 -34.36 22.40 -10.01
N ILE A 109 -33.06 22.22 -9.86
CA ILE A 109 -32.24 21.26 -10.63
C ILE A 109 -31.51 20.39 -9.62
N THR A 110 -31.46 19.08 -9.85
CA THR A 110 -30.71 18.15 -9.02
C THR A 110 -30.00 17.17 -9.96
N HIS A 111 -29.43 16.11 -9.39
CA HIS A 111 -28.62 15.09 -10.12
C HIS A 111 -29.06 13.73 -9.63
N PRO A 112 -28.98 12.70 -10.50
CA PRO A 112 -29.26 11.33 -10.11
C PRO A 112 -28.53 11.02 -8.82
N ALA A 113 -29.28 10.57 -7.81
CA ALA A 113 -28.75 10.14 -6.50
C ALA A 113 -29.14 8.68 -6.29
N SER A 114 -28.14 7.79 -6.27
CA SER A 114 -28.32 6.33 -6.01
C SER A 114 -28.87 6.13 -4.59
N ASP A 115 -28.51 7.01 -3.63
CA ASP A 115 -28.87 6.87 -2.20
C ASP A 115 -30.17 7.60 -1.87
N GLY A 116 -30.85 8.19 -2.87
CA GLY A 116 -32.16 8.84 -2.68
C GLY A 116 -32.08 10.20 -2.02
N PHE A 117 -30.87 10.73 -1.75
CA PHE A 117 -30.71 12.11 -1.24
C PHE A 117 -30.30 13.02 -2.38
N TYR A 118 -31.27 13.75 -2.95
CA TYR A 118 -31.07 14.54 -4.20
C TYR A 118 -30.46 15.87 -3.83
N PRO A 119 -29.26 16.18 -4.39
CA PRO A 119 -28.52 17.38 -4.02
C PRO A 119 -29.08 18.62 -4.71
N LEU A 120 -29.20 19.68 -3.93
CA LEU A 120 -29.62 21.03 -4.38
C LEU A 120 -28.45 21.98 -4.03
N TYR A 121 -27.80 22.53 -5.05
CA TYR A 121 -26.77 23.56 -4.86
C TYR A 121 -27.43 24.93 -4.96
N PHE A 122 -27.46 25.68 -3.86
CA PHE A 122 -27.94 27.08 -3.82
C PHE A 122 -26.71 28.01 -3.91
N ALA A 123 -26.60 28.80 -4.98
CA ALA A 123 -25.52 29.80 -5.20
C ALA A 123 -25.32 30.65 -3.93
N SER A 124 -26.39 31.29 -3.44
CA SER A 124 -26.38 32.21 -2.28
C SER A 124 -25.79 31.53 -1.04
N ARG A 125 -25.88 30.22 -0.94
CA ARG A 125 -25.37 29.42 0.21
C ARG A 125 -24.06 28.79 -0.32
N LYS A 126 -23.13 28.38 0.51
CA LYS A 126 -21.92 27.73 -0.09
C LYS A 126 -22.04 26.23 0.19
N LYS A 127 -23.21 25.66 0.06
CA LYS A 127 -23.50 24.31 0.62
C LYS A 127 -24.50 23.53 -0.21
N THR A 128 -24.38 22.22 -0.09
CA THR A 128 -25.32 21.27 -0.70
C THR A 128 -26.46 21.06 0.30
N PHE A 129 -27.70 21.20 -0.13
CA PHE A 129 -28.88 20.70 0.60
C PHE A 129 -29.37 19.43 -0.08
N TYR A 130 -30.16 18.64 0.65
CA TYR A 130 -30.69 17.34 0.19
C TYR A 130 -32.21 17.34 0.35
N ILE A 131 -32.87 16.81 -0.67
CA ILE A 131 -34.36 16.64 -0.72
C ILE A 131 -34.61 15.18 -1.05
N PRO A 132 -35.51 14.49 -0.31
CA PRO A 132 -35.87 13.11 -0.64
C PRO A 132 -36.82 13.07 -1.86
N ARG A 133 -36.83 11.93 -2.55
CA ARG A 133 -37.54 11.71 -3.82
C ARG A 133 -39.03 12.06 -3.70
N TYR A 134 -39.65 11.77 -2.58
CA TYR A 134 -41.12 11.84 -2.43
C TYR A 134 -41.60 13.29 -2.36
N MET A 135 -40.71 14.27 -2.27
CA MET A 135 -41.14 15.69 -2.14
C MET A 135 -41.18 16.43 -3.50
N PHE A 136 -40.85 15.78 -4.60
CA PHE A 136 -40.82 16.48 -5.90
C PHE A 136 -41.28 15.58 -7.05
N ASP A 137 -41.65 16.21 -8.16
CA ASP A 137 -41.89 15.50 -9.44
C ASP A 137 -40.78 15.90 -10.44
N ILE A 138 -40.52 15.02 -11.39
CA ILE A 138 -39.62 15.22 -12.54
C ILE A 138 -40.48 15.55 -13.77
N LYS A 139 -40.33 16.75 -14.33
CA LYS A 139 -41.07 17.19 -15.55
C LYS A 139 -40.79 16.25 -16.75
N GLY A 140 -41.88 15.73 -17.34
CA GLY A 140 -41.98 14.43 -18.07
C GLY A 140 -43.15 13.60 -17.52
N MET B 1 0.41 -27.94 -5.19
CA MET B 1 0.02 -26.54 -5.38
C MET B 1 -0.98 -26.12 -4.29
N MET B 2 -0.87 -24.86 -3.84
CA MET B 2 -1.71 -24.25 -2.78
C MET B 2 -3.09 -23.93 -3.37
N GLU B 3 -4.15 -24.15 -2.58
CA GLU B 3 -5.57 -23.93 -3.01
C GLU B 3 -6.27 -22.99 -2.04
N ASN B 4 -7.22 -22.19 -2.52
CA ASN B 4 -8.14 -21.44 -1.63
C ASN B 4 -9.56 -21.99 -1.78
N ILE B 5 -10.39 -21.74 -0.78
CA ILE B 5 -11.79 -22.20 -0.64
C ILE B 5 -12.60 -20.96 -0.28
N ASN B 6 -13.63 -20.64 -1.03
CA ASN B 6 -14.60 -19.59 -0.62
C ASN B 6 -15.59 -20.24 0.36
N ILE B 7 -15.86 -19.57 1.47
CA ILE B 7 -16.76 -20.11 2.51
C ILE B 7 -17.78 -19.04 2.86
N VAL B 8 -18.90 -19.48 3.38
CA VAL B 8 -19.92 -18.57 3.96
C VAL B 8 -20.30 -19.16 5.32
N ILE B 9 -20.34 -18.30 6.33
CA ILE B 9 -20.71 -18.68 7.70
C ILE B 9 -22.22 -18.97 7.67
N LYS B 10 -22.62 -20.08 8.27
CA LYS B 10 -24.01 -20.58 8.25
C LYS B 10 -24.93 -19.57 8.92
N ASP B 11 -26.21 -19.60 8.55
CA ASP B 11 -27.28 -18.73 9.12
C ASP B 11 -27.90 -19.43 10.36
N VAL B 12 -27.06 -20.09 11.19
CA VAL B 12 -27.55 -20.93 12.33
C VAL B 12 -26.82 -20.61 13.64
N GLY B 13 -27.45 -20.96 14.76
CA GLY B 13 -26.84 -21.13 16.10
C GLY B 13 -26.57 -22.59 16.35
N TYR B 14 -25.58 -22.93 17.19
CA TYR B 14 -25.05 -24.30 17.32
C TYR B 14 -25.49 -24.89 18.66
N PHE B 15 -26.38 -25.87 18.59
CA PHE B 15 -26.90 -26.64 19.75
C PHE B 15 -26.08 -27.93 19.79
N GLN B 16 -24.98 -27.94 20.54
CA GLN B 16 -23.96 -29.04 20.48
C GLN B 16 -24.30 -30.12 21.51
N ASP B 17 -23.79 -31.33 21.35
CA ASP B 17 -24.03 -32.43 22.32
C ASP B 17 -23.23 -32.21 23.62
N LYS B 18 -22.34 -31.22 23.66
CA LYS B 18 -21.51 -30.85 24.84
C LYS B 18 -21.36 -29.35 24.88
N PRO B 19 -21.13 -28.74 26.05
CA PRO B 19 -20.91 -27.30 26.13
C PRO B 19 -19.48 -26.92 25.75
N GLN B 20 -19.09 -27.25 24.54
CA GLN B 20 -17.74 -26.97 23.99
C GLN B 20 -17.86 -26.93 22.45
N PHE B 21 -17.02 -26.15 21.81
CA PHE B 21 -16.98 -26.03 20.33
C PHE B 21 -16.07 -27.10 19.72
N LEU B 22 -15.04 -27.54 20.45
CA LEU B 22 -14.07 -28.55 19.96
C LEU B 22 -14.57 -29.96 20.31
N ASN B 23 -14.53 -30.90 19.36
CA ASN B 23 -14.87 -32.33 19.54
C ASN B 23 -16.32 -32.46 20.03
N SER B 24 -17.22 -31.62 19.55
CA SER B 24 -18.68 -31.75 19.78
C SER B 24 -19.40 -31.91 18.45
N LYS B 25 -20.55 -32.57 18.47
CA LYS B 25 -21.44 -32.75 17.29
C LYS B 25 -22.65 -31.84 17.50
N SER B 26 -23.21 -31.32 16.42
CA SER B 26 -24.44 -30.50 16.46
C SER B 26 -25.64 -31.44 16.64
N VAL B 27 -26.37 -31.26 17.71
CA VAL B 27 -27.70 -31.91 17.92
C VAL B 27 -28.71 -31.13 17.05
N ARG B 28 -28.63 -29.81 17.05
CA ARG B 28 -29.41 -28.93 16.12
C ARG B 28 -28.51 -27.81 15.62
N GLN B 29 -28.70 -27.43 14.35
CA GLN B 29 -28.23 -26.14 13.80
C GLN B 29 -29.50 -25.34 13.50
N TRP B 30 -29.90 -24.52 14.45
CA TRP B 30 -31.17 -23.77 14.41
C TRP B 30 -30.99 -22.50 13.60
N LYS B 31 -31.84 -22.31 12.59
CA LYS B 31 -31.92 -21.11 11.75
C LYS B 31 -32.07 -19.88 12.64
N HIS B 32 -31.41 -18.79 12.28
CA HIS B 32 -31.61 -17.45 12.87
C HIS B 32 -33.10 -17.21 13.08
N GLY B 33 -33.49 -16.76 14.26
CA GLY B 33 -34.89 -16.43 14.61
C GLY B 33 -35.69 -17.59 15.17
N THR B 34 -35.19 -18.84 15.14
CA THR B 34 -35.90 -19.98 15.75
C THR B 34 -36.21 -19.67 17.22
N LYS B 35 -37.43 -19.97 17.68
CA LYS B 35 -37.85 -19.79 19.09
C LYS B 35 -37.67 -21.14 19.83
N VAL B 36 -37.05 -21.10 21.00
CA VAL B 36 -36.67 -22.34 21.75
C VAL B 36 -36.92 -22.10 23.23
N LYS B 37 -36.97 -23.20 23.97
CA LYS B 37 -36.96 -23.16 25.46
C LYS B 37 -35.61 -23.72 25.93
N LEU B 38 -34.96 -23.05 26.88
CA LEU B 38 -33.61 -23.39 27.35
C LEU B 38 -33.58 -23.22 28.87
N THR B 39 -32.54 -23.79 29.51
CA THR B 39 -32.22 -23.52 30.93
C THR B 39 -30.76 -23.10 31.00
N LYS B 40 -30.45 -22.13 31.83
CA LYS B 40 -29.05 -21.70 32.09
C LYS B 40 -28.25 -22.92 32.58
N HIS B 41 -27.14 -23.25 31.94
CA HIS B 41 -26.26 -24.39 32.31
C HIS B 41 -25.07 -23.87 33.11
N ASN B 42 -24.41 -22.82 32.64
CA ASN B 42 -23.33 -22.13 33.39
C ASN B 42 -23.26 -20.68 32.91
N SER B 43 -22.18 -19.96 33.22
CA SER B 43 -22.07 -18.52 32.92
C SER B 43 -22.13 -18.28 31.39
N HIS B 44 -21.74 -19.22 30.56
CA HIS B 44 -21.57 -19.02 29.10
C HIS B 44 -22.52 -19.90 28.28
N TRP B 45 -23.23 -20.85 28.89
CA TRP B 45 -23.96 -21.88 28.12
C TRP B 45 -25.37 -22.06 28.66
N TYR B 46 -26.29 -22.33 27.73
CA TYR B 46 -27.66 -22.79 27.99
C TYR B 46 -27.70 -24.27 27.61
N THR B 47 -28.68 -24.98 28.15
CA THR B 47 -28.96 -26.37 27.73
C THR B 47 -30.45 -26.50 27.45
N GLY B 48 -30.82 -27.51 26.69
CA GLY B 48 -32.22 -27.89 26.47
C GLY B 48 -32.28 -29.31 25.97
N VAL B 49 -33.49 -29.75 25.65
CA VAL B 49 -33.80 -31.14 25.24
C VAL B 49 -34.67 -31.09 23.99
N VAL B 50 -34.37 -31.94 23.01
CA VAL B 50 -35.18 -32.09 21.79
C VAL B 50 -35.46 -33.59 21.63
N LYS B 51 -36.34 -33.95 20.71
CA LYS B 51 -36.68 -35.37 20.41
C LYS B 51 -36.03 -35.72 19.07
N ASP B 52 -35.20 -36.76 19.03
CA ASP B 52 -34.77 -37.45 17.79
C ASP B 52 -35.54 -38.77 17.73
N GLY B 53 -36.66 -38.81 17.00
CA GLY B 53 -37.68 -39.87 17.10
C GLY B 53 -38.39 -39.80 18.44
N ASN B 54 -38.35 -40.89 19.21
CA ASN B 54 -38.90 -40.97 20.59
C ASN B 54 -37.80 -40.65 21.62
N LYS B 55 -36.53 -40.61 21.19
CA LYS B 55 -35.36 -40.39 22.09
C LYS B 55 -35.22 -38.89 22.41
N SER B 56 -35.22 -38.56 23.70
CA SER B 56 -34.84 -37.24 24.26
C SER B 56 -33.33 -37.07 24.16
N VAL B 57 -32.85 -35.95 23.61
CA VAL B 57 -31.39 -35.67 23.44
C VAL B 57 -31.12 -34.28 24.00
N ARG B 58 -30.11 -34.18 24.86
CA ARG B 58 -29.72 -32.89 25.48
C ARG B 58 -28.72 -32.18 24.58
N GLY B 59 -28.83 -30.86 24.50
CA GLY B 59 -27.86 -30.01 23.79
C GLY B 59 -27.49 -28.81 24.61
N TYR B 60 -26.48 -28.10 24.13
CA TYR B 60 -25.88 -26.93 24.80
C TYR B 60 -25.67 -25.85 23.74
N ILE B 61 -26.02 -24.62 24.05
CA ILE B 61 -25.81 -23.51 23.09
C ILE B 61 -25.22 -22.33 23.86
N TYR B 62 -24.22 -21.70 23.25
CA TYR B 62 -23.45 -20.57 23.82
C TYR B 62 -24.36 -19.37 23.99
N HIS B 63 -24.17 -18.59 25.05
CA HIS B 63 -25.11 -17.54 25.52
C HIS B 63 -25.35 -16.51 24.38
N SER B 64 -24.36 -16.20 23.56
CA SER B 64 -24.47 -15.10 22.55
C SER B 64 -25.31 -15.58 21.37
N MET B 65 -25.60 -16.89 21.26
CA MET B 65 -26.43 -17.43 20.16
C MET B 65 -27.90 -17.59 20.58
N ALA B 66 -28.25 -17.14 21.79
CA ALA B 66 -29.62 -17.27 22.33
C ALA B 66 -29.98 -15.97 23.01
N LYS B 67 -30.95 -15.25 22.44
CA LYS B 67 -31.49 -14.00 22.99
C LYS B 67 -32.69 -14.35 23.87
N VAL B 68 -32.56 -14.17 25.20
CA VAL B 68 -33.64 -14.56 26.13
C VAL B 68 -34.67 -13.43 26.16
N THR B 69 -35.92 -13.75 25.85
CA THR B 69 -37.05 -12.78 25.69
C THR B 69 -38.00 -12.88 26.87
N SER B 70 -38.09 -14.04 27.54
CA SER B 70 -38.91 -14.19 28.77
C SER B 70 -38.45 -15.34 29.65
N LYS B 71 -38.96 -15.35 30.87
CA LYS B 71 -38.60 -16.28 31.96
C LYS B 71 -39.84 -17.09 32.37
N ASN B 72 -39.73 -18.43 32.35
CA ASN B 72 -40.82 -19.33 32.78
C ASN B 72 -40.72 -19.53 34.30
N SER B 73 -41.81 -19.95 34.95
CA SER B 73 -41.94 -20.19 36.41
C SER B 73 -40.99 -21.31 36.86
N ASP B 74 -40.81 -22.34 36.05
CA ASP B 74 -39.97 -23.52 36.37
C ASP B 74 -38.47 -23.17 36.28
N GLY B 75 -38.07 -21.92 36.04
CA GLY B 75 -36.66 -21.49 35.95
C GLY B 75 -36.08 -21.59 34.53
N SER B 76 -36.75 -22.24 33.58
CA SER B 76 -36.39 -22.20 32.14
C SER B 76 -36.63 -20.79 31.56
N VAL B 77 -36.11 -20.56 30.35
CA VAL B 77 -36.26 -19.27 29.63
C VAL B 77 -36.73 -19.55 28.20
N ASN B 78 -37.39 -18.56 27.60
CA ASN B 78 -37.80 -18.59 26.18
C ASN B 78 -36.81 -17.70 25.45
N ALA B 79 -36.24 -18.20 24.37
CA ALA B 79 -35.17 -17.47 23.67
C ALA B 79 -35.38 -17.54 22.16
N THR B 80 -34.77 -16.61 21.48
CA THR B 80 -34.69 -16.57 20.01
C THR B 80 -33.23 -16.82 19.60
N ILE B 81 -33.01 -17.72 18.66
CA ILE B 81 -31.64 -18.02 18.17
C ILE B 81 -31.11 -16.81 17.40
N ASN B 82 -29.92 -16.38 17.79
CA ASN B 82 -29.08 -15.34 17.15
C ASN B 82 -27.90 -16.06 16.49
N ALA B 83 -28.04 -16.36 15.20
CA ALA B 83 -27.04 -17.11 14.41
C ALA B 83 -25.78 -16.26 14.29
N HIS B 84 -24.66 -16.90 14.61
CA HIS B 84 -23.29 -16.39 14.38
C HIS B 84 -22.34 -17.55 14.58
N ALA B 85 -21.12 -17.39 14.09
CA ALA B 85 -20.03 -18.36 14.28
C ALA B 85 -18.90 -17.68 15.07
N PHE B 86 -17.82 -18.41 15.25
CA PHE B 86 -16.59 -17.93 15.90
C PHE B 86 -15.41 -18.42 15.10
N CYS B 87 -14.30 -17.68 15.16
CA CYS B 87 -12.96 -18.22 14.87
C CYS B 87 -12.05 -17.86 16.05
N TRP B 88 -11.05 -18.68 16.29
CA TRP B 88 -10.17 -18.61 17.48
C TRP B 88 -8.71 -18.51 17.04
N ASP B 89 -7.89 -17.82 17.81
CA ASP B 89 -6.45 -17.72 17.48
C ASP B 89 -5.74 -18.98 17.96
N ASN B 90 -6.45 -20.02 18.41
CA ASN B 90 -5.80 -21.32 18.71
C ASN B 90 -6.78 -22.47 18.50
N LYS B 91 -6.27 -23.70 18.41
CA LYS B 91 -7.03 -24.89 18.01
C LYS B 91 -7.73 -25.57 19.20
N LYS B 92 -7.76 -24.96 20.38
CA LYS B 92 -8.58 -25.43 21.52
C LYS B 92 -10.02 -24.94 21.37
N LEU B 93 -10.25 -23.88 20.58
CA LEU B 93 -11.59 -23.29 20.32
C LEU B 93 -12.21 -22.94 21.68
N ASN B 94 -11.45 -22.31 22.54
CA ASN B 94 -11.91 -22.04 23.92
C ASN B 94 -11.17 -20.83 24.47
N GLY B 95 -11.86 -19.71 24.64
CA GLY B 95 -11.27 -18.41 25.03
C GLY B 95 -10.06 -18.01 24.18
N GLY B 96 -9.05 -17.42 24.82
CA GLY B 96 -7.95 -16.71 24.12
C GLY B 96 -8.52 -15.59 23.29
N ASP B 97 -7.98 -15.38 22.09
CA ASP B 97 -8.49 -14.31 21.19
C ASP B 97 -9.47 -14.99 20.23
N PHE B 98 -10.71 -14.52 20.17
CA PHE B 98 -11.74 -15.07 19.25
C PHE B 98 -12.52 -13.91 18.65
N ILE B 99 -13.13 -14.16 17.49
CA ILE B 99 -13.96 -13.16 16.76
C ILE B 99 -15.34 -13.76 16.52
N ASN B 100 -16.37 -12.99 16.86
CA ASN B 100 -17.79 -13.26 16.50
C ASN B 100 -17.92 -13.00 14.99
N LEU B 101 -18.12 -14.05 14.18
CA LEU B 101 -18.37 -13.92 12.72
C LEU B 101 -19.87 -13.86 12.50
N LYS B 102 -20.35 -12.77 11.89
CA LYS B 102 -21.77 -12.53 11.57
C LYS B 102 -22.27 -13.67 10.66
N ARG B 103 -23.52 -14.06 10.82
CA ARG B 103 -24.17 -15.01 9.89
C ARG B 103 -23.97 -14.50 8.46
N GLY B 104 -23.62 -15.35 7.51
CA GLY B 104 -23.44 -14.92 6.11
C GLY B 104 -22.06 -14.32 5.85
N PHE B 105 -21.20 -14.15 6.86
CA PHE B 105 -19.81 -13.66 6.65
C PHE B 105 -19.17 -14.49 5.53
N LYS B 106 -18.57 -13.79 4.56
CA LYS B 106 -17.91 -14.41 3.39
C LYS B 106 -16.41 -14.39 3.65
N GLY B 107 -15.76 -15.55 3.57
CA GLY B 107 -14.33 -15.65 3.86
C GLY B 107 -13.63 -16.48 2.83
N ILE B 108 -12.30 -16.50 2.91
CA ILE B 108 -11.43 -17.39 2.11
C ILE B 108 -10.59 -18.16 3.10
N THR B 109 -10.45 -19.46 2.90
CA THR B 109 -9.61 -20.32 3.74
C THR B 109 -8.86 -21.27 2.82
N HIS B 110 -8.21 -22.27 3.39
CA HIS B 110 -7.31 -23.21 2.68
C HIS B 110 -7.58 -24.59 3.22
N PRO B 111 -7.44 -25.63 2.36
CA PRO B 111 -7.65 -27.01 2.76
C PRO B 111 -6.88 -27.28 4.05
N ALA B 112 -7.58 -27.76 5.07
CA ALA B 112 -7.01 -28.14 6.38
C ALA B 112 -7.29 -29.63 6.61
N SER B 113 -6.25 -30.44 6.62
CA SER B 113 -6.30 -31.89 6.93
C SER B 113 -6.82 -32.11 8.36
N ASP B 114 -6.51 -31.20 9.30
CA ASP B 114 -6.83 -31.35 10.75
C ASP B 114 -8.18 -30.68 11.07
N GLY B 115 -8.91 -30.18 10.08
CA GLY B 115 -10.24 -29.59 10.29
C GLY B 115 -10.23 -28.21 10.94
N PHE B 116 -9.07 -27.59 11.16
CA PHE B 116 -8.99 -26.19 11.65
C PHE B 116 -8.66 -25.27 10.48
N TYR B 117 -9.67 -24.62 9.92
CA TYR B 117 -9.58 -23.84 8.67
C TYR B 117 -9.07 -22.45 9.00
N PRO B 118 -7.92 -22.04 8.41
CA PRO B 118 -7.32 -20.74 8.70
C PRO B 118 -8.03 -19.57 8.01
N LEU B 119 -8.24 -18.52 8.78
CA LEU B 119 -8.75 -17.22 8.32
C LEU B 119 -7.71 -16.14 8.65
N TYR B 120 -7.15 -15.50 7.63
CA TYR B 120 -6.22 -14.36 7.83
C TYR B 120 -7.01 -13.05 7.81
N PHE B 121 -7.02 -12.35 8.94
CA PHE B 121 -7.63 -10.99 9.05
C PHE B 121 -6.52 -9.94 8.91
N ALA B 122 -6.56 -9.12 7.86
CA ALA B 122 -5.55 -8.05 7.61
C ALA B 122 -5.44 -7.16 8.84
N SER B 123 -6.57 -6.62 9.28
CA SER B 123 -6.71 -5.64 10.40
C SER B 123 -6.11 -6.24 11.67
N ARG B 124 -6.07 -7.55 11.82
CA ARG B 124 -5.52 -8.21 13.04
C ARG B 124 -4.08 -8.67 12.86
N LYS B 125 -3.63 -8.98 11.64
CA LYS B 125 -2.27 -9.47 11.37
C LYS B 125 -2.05 -10.87 11.98
N LYS B 126 -3.11 -11.67 12.14
CA LYS B 126 -2.91 -13.06 12.63
C LYS B 126 -3.94 -14.02 12.02
N THR B 127 -3.60 -15.31 12.14
CA THR B 127 -4.43 -16.44 11.68
C THR B 127 -5.39 -16.78 12.80
N PHE B 128 -6.68 -16.84 12.48
CA PHE B 128 -7.72 -17.46 13.32
C PHE B 128 -8.13 -18.77 12.66
N TYR B 129 -8.82 -19.62 13.42
CA TYR B 129 -9.25 -20.98 13.00
C TYR B 129 -10.75 -21.12 13.23
N ILE B 130 -11.42 -21.69 12.23
CA ILE B 130 -12.89 -21.98 12.23
C ILE B 130 -13.05 -23.46 11.93
N PRO B 131 -13.84 -24.19 12.74
CA PRO B 131 -14.12 -25.60 12.45
C PRO B 131 -15.12 -25.75 11.29
N ARG B 132 -15.06 -26.90 10.61
CA ARG B 132 -15.79 -27.21 9.36
C ARG B 132 -17.29 -26.96 9.53
N TYR B 133 -17.87 -27.28 10.68
CA TYR B 133 -19.33 -27.32 10.88
C TYR B 133 -19.92 -25.92 10.94
N MET B 134 -19.09 -24.86 10.98
CA MET B 134 -19.64 -23.47 11.10
C MET B 134 -19.78 -22.77 9.73
N PHE B 135 -19.43 -23.43 8.64
CA PHE B 135 -19.49 -22.75 7.30
C PHE B 135 -19.90 -23.73 6.20
N ASP B 136 -20.34 -23.17 5.08
CA ASP B 136 -20.55 -23.91 3.81
C ASP B 136 -19.48 -23.49 2.80
N ILE B 137 -19.14 -24.36 1.86
CA ILE B 137 -18.20 -24.11 0.74
C ILE B 137 -18.99 -23.73 -0.54
N LYS B 138 -18.79 -22.51 -1.04
CA LYS B 138 -19.16 -22.16 -2.45
C LYS B 138 -18.07 -22.76 -3.35
N LYS B 139 -18.34 -23.88 -4.04
CA LYS B 139 -17.32 -24.55 -4.94
C LYS B 139 -17.16 -23.79 -6.28
N HIS C 1 -29.95 -8.96 -49.43
CA HIS C 1 -30.42 -8.25 -48.19
C HIS C 1 -29.19 -7.77 -47.40
N MET C 2 -29.30 -7.63 -46.07
CA MET C 2 -28.28 -6.92 -45.25
C MET C 2 -27.02 -7.82 -45.15
N MET C 3 -27.18 -9.14 -45.00
CA MET C 3 -26.04 -10.10 -44.99
C MET C 3 -25.59 -10.32 -46.45
N GLU C 4 -24.28 -10.41 -46.69
CA GLU C 4 -23.65 -10.65 -48.02
C GLU C 4 -22.63 -11.76 -47.89
N ASN C 5 -22.35 -12.50 -48.95
CA ASN C 5 -21.14 -13.36 -49.04
C ASN C 5 -20.16 -12.82 -50.08
N ILE C 6 -18.90 -13.21 -49.96
CA ILE C 6 -17.74 -12.76 -50.78
C ILE C 6 -17.02 -14.03 -51.20
N ASN C 7 -16.82 -14.25 -52.49
CA ASN C 7 -15.95 -15.36 -52.97
C ASN C 7 -14.51 -14.83 -52.91
N ILE C 8 -13.60 -15.63 -52.35
CA ILE C 8 -12.19 -15.21 -52.17
C ILE C 8 -11.29 -16.28 -52.75
N VAL C 9 -10.07 -15.90 -53.10
CA VAL C 9 -9.01 -16.84 -53.49
C VAL C 9 -7.74 -16.42 -52.72
N ILE C 10 -7.09 -17.40 -52.11
CA ILE C 10 -5.85 -17.19 -51.33
C ILE C 10 -4.75 -16.84 -52.35
N LYS C 11 -4.00 -15.80 -52.05
CA LYS C 11 -2.95 -15.25 -52.97
C LYS C 11 -1.88 -16.32 -53.23
N ASP C 12 -1.19 -16.18 -54.34
CA ASP C 12 -0.05 -17.04 -54.76
C ASP C 12 1.27 -16.50 -54.19
N VAL C 13 1.25 -15.99 -52.95
CA VAL C 13 2.41 -15.26 -52.34
C VAL C 13 2.77 -15.80 -50.94
N GLY C 14 4.02 -15.56 -50.54
CA GLY C 14 4.48 -15.58 -49.13
C GLY C 14 4.53 -14.17 -48.57
N TYR C 15 4.39 -14.02 -47.26
CA TYR C 15 4.15 -12.72 -46.59
C TYR C 15 5.42 -12.29 -45.86
N PHE C 16 6.06 -11.25 -46.37
CA PHE C 16 7.26 -10.62 -45.77
C PHE C 16 6.76 -9.39 -45.03
N GLN C 17 6.47 -9.55 -43.74
CA GLN C 17 5.75 -8.51 -42.94
C GLN C 17 6.74 -7.54 -42.28
N ASP C 18 6.30 -6.36 -41.88
CA ASP C 18 7.19 -5.37 -41.20
C ASP C 18 7.49 -5.81 -39.75
N LYS C 19 6.82 -6.83 -39.25
CA LYS C 19 7.01 -7.39 -37.89
C LYS C 19 6.86 -8.90 -37.96
N PRO C 20 7.47 -9.67 -37.03
CA PRO C 20 7.31 -11.13 -37.02
C PRO C 20 5.99 -11.52 -36.36
N GLN C 21 4.89 -11.05 -36.92
CA GLN C 21 3.51 -11.34 -36.46
C GLN C 21 2.57 -11.17 -37.65
N PHE C 22 1.48 -11.90 -37.67
CA PHE C 22 0.43 -11.81 -38.72
C PHE C 22 -0.60 -10.73 -38.37
N LEU C 23 -0.80 -10.45 -37.08
CA LEU C 23 -1.76 -9.45 -36.58
C LEU C 23 -1.06 -8.08 -36.51
N ASN C 24 -1.73 -7.02 -36.98
CA ASN C 24 -1.26 -5.61 -36.88
C ASN C 24 0.07 -5.45 -37.61
N SER C 25 0.31 -6.19 -38.70
CA SER C 25 1.54 -6.03 -39.51
C SER C 25 1.18 -5.65 -40.94
N LYS C 26 2.06 -4.93 -41.61
CA LYS C 26 1.92 -4.56 -43.03
C LYS C 26 2.89 -5.42 -43.83
N SER C 27 2.52 -5.78 -45.06
CA SER C 27 3.40 -6.54 -45.98
C SER C 27 4.43 -5.57 -46.56
N VAL C 28 5.69 -5.83 -46.31
CA VAL C 28 6.83 -5.13 -46.97
C VAL C 28 6.95 -5.72 -48.38
N ARG C 29 6.82 -7.02 -48.51
CA ARG C 29 6.73 -7.73 -49.82
C ARG C 29 5.71 -8.85 -49.73
N GLN C 30 4.99 -9.06 -50.82
CA GLN C 30 4.19 -10.28 -51.08
C GLN C 30 4.87 -10.96 -52.26
N TRP C 31 5.76 -11.88 -51.96
CA TRP C 31 6.63 -12.55 -52.94
C TRP C 31 5.89 -13.71 -53.58
N LYS C 32 5.80 -13.71 -54.90
CA LYS C 32 5.22 -14.81 -55.71
C LYS C 32 5.88 -16.13 -55.32
N HIS C 33 5.11 -17.20 -55.26
CA HIS C 33 5.59 -18.59 -55.15
C HIS C 33 6.81 -18.78 -56.05
N GLY C 34 7.89 -19.35 -55.54
CA GLY C 34 9.12 -19.63 -56.29
C GLY C 34 10.15 -18.49 -56.28
N THR C 35 9.81 -17.29 -55.81
CA THR C 35 10.80 -16.18 -55.71
C THR C 35 12.00 -16.65 -54.89
N LYS C 36 13.20 -16.31 -55.32
CA LYS C 36 14.47 -16.65 -54.64
C LYS C 36 14.92 -15.45 -53.79
N VAL C 37 15.25 -15.70 -52.52
CA VAL C 37 15.52 -14.61 -51.55
C VAL C 37 16.71 -15.00 -50.69
N LYS C 38 17.29 -13.98 -50.06
CA LYS C 38 18.30 -14.19 -49.00
C LYS C 38 17.66 -13.79 -47.67
N LEU C 39 17.79 -14.64 -46.65
CA LEU C 39 17.15 -14.43 -45.34
C LEU C 39 18.16 -14.79 -44.25
N THR C 40 17.87 -14.39 -43.02
CA THR C 40 18.59 -14.85 -41.81
C THR C 40 17.54 -15.37 -40.83
N LYS C 41 17.84 -16.46 -40.15
CA LYS C 41 16.97 -17.01 -39.07
C LYS C 41 16.81 -15.89 -38.01
N HIS C 42 15.58 -15.55 -37.65
CA HIS C 42 15.26 -14.52 -36.63
C HIS C 42 14.92 -15.21 -35.31
N ASN C 43 14.07 -16.23 -35.34
CA ASN C 43 13.74 -17.06 -34.15
C ASN C 43 13.27 -18.44 -34.65
N SER C 44 12.66 -19.23 -33.79
CA SER C 44 12.28 -20.63 -34.13
C SER C 44 11.29 -20.66 -35.29
N HIS C 45 10.47 -19.62 -35.48
CA HIS C 45 9.34 -19.64 -36.45
C HIS C 45 9.53 -18.60 -37.57
N TRP C 46 10.51 -17.72 -37.48
CA TRP C 46 10.59 -16.56 -38.41
C TRP C 46 11.99 -16.38 -38.96
N TYR C 47 12.05 -15.94 -40.21
CA TYR C 47 13.25 -15.44 -40.89
C TYR C 47 13.08 -13.93 -41.00
N THR C 48 14.19 -13.22 -41.19
CA THR C 48 14.18 -11.79 -41.50
C THR C 48 15.08 -11.55 -42.71
N GLY C 49 14.89 -10.43 -43.37
CA GLY C 49 15.78 -9.93 -44.43
C GLY C 49 15.54 -8.45 -44.63
N VAL C 50 16.23 -7.90 -45.62
CA VAL C 50 16.21 -6.45 -45.95
C VAL C 50 15.99 -6.31 -47.47
N VAL C 51 15.15 -5.38 -47.86
CA VAL C 51 14.90 -5.03 -49.28
C VAL C 51 15.07 -3.51 -49.40
N LYS C 52 15.14 -3.00 -50.63
CA LYS C 52 15.21 -1.55 -50.92
C LYS C 52 13.86 -1.07 -51.41
N ASP C 53 13.28 -0.06 -50.75
CA ASP C 53 12.17 0.77 -51.29
C ASP C 53 12.80 2.11 -51.69
N GLY C 54 13.14 2.27 -52.98
CA GLY C 54 14.01 3.35 -53.48
C GLY C 54 15.43 3.15 -52.99
N ASN C 55 15.98 4.14 -52.26
CA ASN C 55 17.32 4.05 -51.61
C ASN C 55 17.19 3.53 -50.18
N LYS C 56 15.97 3.49 -49.63
CA LYS C 56 15.68 3.14 -48.21
C LYS C 56 15.71 1.61 -48.03
N SER C 57 16.57 1.12 -47.15
CA SER C 57 16.61 -0.27 -46.65
C SER C 57 15.42 -0.49 -45.70
N VAL C 58 14.64 -1.55 -45.89
CA VAL C 58 13.45 -1.87 -45.05
C VAL C 58 13.55 -3.34 -44.65
N ARG C 59 13.39 -3.61 -43.34
CA ARG C 59 13.48 -4.97 -42.79
C ARG C 59 12.10 -5.64 -42.85
N GLY C 60 12.09 -6.93 -43.16
CA GLY C 60 10.87 -7.74 -43.09
C GLY C 60 11.11 -9.04 -42.41
N TYR C 61 10.02 -9.74 -42.14
CA TYR C 61 9.99 -11.02 -41.41
C TYR C 61 9.06 -11.97 -42.18
N ILE C 62 9.47 -13.21 -42.36
CA ILE C 62 8.61 -14.20 -43.06
C ILE C 62 8.64 -15.50 -42.26
N TYR C 63 7.45 -16.08 -42.11
CA TYR C 63 7.21 -17.32 -41.33
C TYR C 63 7.94 -18.49 -41.99
N HIS C 64 8.49 -19.40 -41.18
CA HIS C 64 9.44 -20.46 -41.63
C HIS C 64 8.82 -21.31 -42.74
N SER C 65 7.50 -21.57 -42.70
CA SER C 65 6.84 -22.51 -43.65
C SER C 65 6.66 -21.85 -45.02
N MET C 66 6.89 -20.54 -45.13
CA MET C 66 6.77 -19.80 -46.41
C MET C 66 8.13 -19.64 -47.08
N ALA C 67 9.19 -20.19 -46.52
CA ALA C 67 10.56 -20.09 -47.05
C ALA C 67 11.21 -21.47 -46.99
N LYS C 68 11.52 -22.04 -48.17
CA LYS C 68 12.23 -23.33 -48.30
C LYS C 68 13.72 -23.01 -48.43
N VAL C 69 14.50 -23.36 -47.42
CA VAL C 69 15.95 -23.03 -47.40
C VAL C 69 16.68 -24.11 -48.20
N THR C 70 17.40 -23.70 -49.24
CA THR C 70 18.05 -24.59 -50.25
C THR C 70 19.56 -24.60 -50.03
N SER C 71 20.14 -23.53 -49.44
CA SER C 71 21.58 -23.50 -49.08
C SER C 71 21.88 -22.49 -47.99
N LYS C 72 23.08 -22.60 -47.43
CA LYS C 72 23.59 -21.78 -46.31
C LYS C 72 24.81 -20.97 -46.78
N ASN C 73 24.81 -19.67 -46.55
CA ASN C 73 25.95 -18.77 -46.83
C ASN C 73 26.89 -18.77 -45.61
N SER C 74 28.16 -18.41 -45.81
CA SER C 74 29.22 -18.40 -44.76
C SER C 74 28.89 -17.39 -43.67
N ASP C 75 28.30 -16.25 -44.02
CA ASP C 75 27.93 -15.16 -43.07
C ASP C 75 26.74 -15.55 -42.18
N GLY C 76 26.23 -16.78 -42.25
CA GLY C 76 25.09 -17.27 -41.43
C GLY C 76 23.73 -17.03 -42.08
N SER C 77 23.63 -16.24 -43.15
CA SER C 77 22.38 -16.08 -43.95
C SER C 77 22.09 -17.37 -44.73
N VAL C 78 20.89 -17.49 -45.28
CA VAL C 78 20.44 -18.66 -46.07
C VAL C 78 19.84 -18.18 -47.37
N ASN C 79 19.89 -19.07 -48.38
CA ASN C 79 19.24 -18.83 -49.67
C ASN C 79 17.97 -19.67 -49.67
N ALA C 80 16.83 -19.06 -49.99
CA ALA C 80 15.55 -19.74 -49.85
C ALA C 80 14.67 -19.45 -51.05
N THR C 81 13.69 -20.32 -51.24
CA THR C 81 12.64 -20.17 -52.26
C THR C 81 11.33 -19.96 -51.54
N ILE C 82 10.54 -18.97 -51.96
CA ILE C 82 9.24 -18.69 -51.32
C ILE C 82 8.25 -19.82 -51.66
N ASN C 83 7.63 -20.36 -50.62
CA ASN C 83 6.53 -21.34 -50.64
C ASN C 83 5.25 -20.62 -50.22
N ALA C 84 4.48 -20.14 -51.18
CA ALA C 84 3.25 -19.36 -50.98
C ALA C 84 2.21 -20.24 -50.31
N HIS C 85 1.63 -19.71 -49.24
CA HIS C 85 0.44 -20.24 -48.55
C HIS C 85 -0.07 -19.16 -47.61
N ALA C 86 -1.30 -19.31 -47.16
CA ALA C 86 -1.90 -18.43 -46.15
C ALA C 86 -2.25 -19.26 -44.91
N PHE C 87 -2.86 -18.60 -43.94
CA PHE C 87 -3.35 -19.22 -42.69
C PHE C 87 -4.73 -18.66 -42.39
N CYS C 88 -5.53 -19.45 -41.68
CA CYS C 88 -6.67 -18.90 -40.90
C CYS C 88 -6.56 -19.46 -39.48
N TRP C 89 -7.07 -18.71 -38.50
CA TRP C 89 -6.90 -19.00 -37.06
C TRP C 89 -8.27 -19.08 -36.39
N ASP C 90 -8.41 -19.91 -35.36
CA ASP C 90 -9.70 -20.02 -34.63
C ASP C 90 -9.81 -18.86 -33.64
N ASN C 91 -8.88 -17.89 -33.66
CA ASN C 91 -9.06 -16.69 -32.81
C ASN C 91 -8.39 -15.47 -33.48
N LYS C 92 -8.72 -14.26 -33.01
CA LYS C 92 -8.33 -13.00 -33.67
C LYS C 92 -6.96 -12.50 -33.21
N LYS C 93 -6.20 -13.28 -32.46
CA LYS C 93 -4.79 -12.98 -32.14
C LYS C 93 -3.88 -13.40 -33.30
N LEU C 94 -4.33 -14.30 -34.17
CA LEU C 94 -3.59 -14.78 -35.36
C LEU C 94 -2.22 -15.30 -34.89
N ASN C 95 -2.23 -16.10 -33.84
CA ASN C 95 -0.97 -16.56 -33.22
C ASN C 95 -1.27 -17.85 -32.46
N GLY C 96 -0.78 -18.99 -32.96
CA GLY C 96 -1.05 -20.32 -32.36
C GLY C 96 -2.55 -20.58 -32.22
N GLY C 97 -2.95 -21.26 -31.14
CA GLY C 97 -4.27 -21.89 -31.03
C GLY C 97 -4.44 -22.90 -32.15
N ASP C 98 -5.65 -22.99 -32.69
CA ASP C 98 -5.97 -23.88 -33.82
C ASP C 98 -5.85 -23.03 -35.09
N PHE C 99 -5.02 -23.44 -36.04
CA PHE C 99 -4.85 -22.72 -37.32
C PHE C 99 -4.76 -23.74 -38.45
N ILE C 100 -5.10 -23.31 -39.66
CA ILE C 100 -5.05 -24.14 -40.88
C ILE C 100 -4.15 -23.47 -41.92
N ASN C 101 -3.22 -24.25 -42.48
CA ASN C 101 -2.41 -23.87 -43.66
C ASN C 101 -3.35 -23.90 -44.88
N LEU C 102 -3.68 -22.75 -45.47
CA LEU C 102 -4.50 -22.67 -46.70
C LEU C 102 -3.55 -22.64 -47.91
N LYS C 103 -3.66 -23.63 -48.81
CA LYS C 103 -2.83 -23.73 -50.03
C LYS C 103 -3.03 -22.47 -50.89
N ARG C 104 -1.96 -22.05 -51.57
CA ARG C 104 -2.09 -20.95 -52.58
C ARG C 104 -3.23 -21.30 -53.53
N GLY C 105 -4.07 -20.35 -53.88
CA GLY C 105 -5.22 -20.60 -54.78
C GLY C 105 -6.44 -21.20 -54.10
N PHE C 106 -6.38 -21.54 -52.81
CA PHE C 106 -7.57 -22.02 -52.07
C PHE C 106 -8.76 -21.09 -52.33
N LYS C 107 -9.90 -21.66 -52.72
CA LYS C 107 -11.15 -20.91 -53.01
C LYS C 107 -12.08 -21.01 -51.80
N GLY C 108 -12.52 -19.89 -51.27
CA GLY C 108 -13.39 -19.89 -50.09
C GLY C 108 -14.53 -18.92 -50.23
N ILE C 109 -15.41 -18.89 -49.24
CA ILE C 109 -16.50 -17.90 -49.09
C ILE C 109 -16.35 -17.26 -47.71
N THR C 110 -16.50 -15.96 -47.61
CA THR C 110 -16.48 -15.23 -46.33
C THR C 110 -17.60 -14.18 -46.37
N HIS C 111 -17.60 -13.28 -45.40
CA HIS C 111 -18.64 -12.25 -45.18
C HIS C 111 -17.94 -10.96 -44.82
N PRO C 112 -18.51 -9.81 -45.23
CA PRO C 112 -17.94 -8.51 -44.91
C PRO C 112 -17.65 -8.46 -43.40
N ALA C 113 -16.42 -8.12 -43.04
CA ALA C 113 -15.95 -7.96 -41.66
C ALA C 113 -15.46 -6.52 -41.47
N SER C 114 -16.16 -5.76 -40.64
CA SER C 114 -15.80 -4.38 -40.24
C SER C 114 -14.44 -4.37 -39.53
N ASP C 115 -14.11 -5.42 -38.77
CA ASP C 115 -12.89 -5.49 -37.91
C ASP C 115 -11.73 -6.15 -38.68
N GLY C 116 -11.90 -6.48 -39.96
CA GLY C 116 -10.82 -7.03 -40.80
C GLY C 116 -10.50 -8.50 -40.51
N PHE C 117 -11.26 -9.19 -39.64
CA PHE C 117 -11.10 -10.65 -39.43
C PHE C 117 -12.21 -11.38 -40.19
N TYR C 118 -11.90 -11.89 -41.37
CA TYR C 118 -12.88 -12.47 -42.31
C TYR C 118 -13.15 -13.91 -41.90
N PRO C 119 -14.42 -14.25 -41.59
CA PRO C 119 -14.77 -15.58 -41.13
C PRO C 119 -14.81 -16.62 -42.26
N LEU C 120 -14.25 -17.78 -41.98
CA LEU C 120 -14.31 -19.00 -42.81
C LEU C 120 -14.98 -20.09 -41.97
N TYR C 121 -16.14 -20.56 -42.38
CA TYR C 121 -16.80 -21.75 -41.77
C TYR C 121 -16.39 -22.99 -42.56
N PHE C 122 -15.66 -23.90 -41.90
CA PHE C 122 -15.29 -25.22 -42.45
C PHE C 122 -16.28 -26.28 -41.97
N ALA C 123 -17.05 -26.88 -42.86
CA ALA C 123 -18.01 -27.98 -42.59
C ALA C 123 -17.32 -29.06 -41.72
N SER C 124 -16.17 -29.60 -42.19
CA SER C 124 -15.46 -30.71 -41.50
C SER C 124 -15.11 -30.35 -40.05
N ARG C 125 -14.95 -29.07 -39.75
CA ARG C 125 -14.62 -28.57 -38.38
C ARG C 125 -15.93 -27.97 -37.87
N LYS C 126 -16.26 -27.81 -36.62
CA LYS C 126 -17.59 -27.17 -36.37
C LYS C 126 -17.37 -25.75 -35.90
N LYS C 127 -16.37 -25.04 -36.44
CA LYS C 127 -16.10 -23.67 -35.93
C LYS C 127 -15.57 -22.71 -37.01
N THR C 128 -15.60 -21.45 -36.63
CA THR C 128 -15.21 -20.30 -37.46
C THR C 128 -13.69 -20.13 -37.32
N PHE C 129 -13.01 -20.03 -38.45
CA PHE C 129 -11.61 -19.54 -38.53
C PHE C 129 -11.65 -18.13 -39.12
N TYR C 130 -10.55 -17.39 -38.94
CA TYR C 130 -10.41 -15.99 -39.36
C TYR C 130 -9.14 -15.84 -40.21
N ILE C 131 -9.29 -15.09 -41.29
CA ILE C 131 -8.20 -14.78 -42.26
C ILE C 131 -8.19 -13.27 -42.42
N PRO C 132 -7.00 -12.62 -42.32
CA PRO C 132 -6.90 -11.18 -42.55
C PRO C 132 -6.98 -10.84 -44.05
N ARG C 133 -7.38 -9.62 -44.34
CA ARG C 133 -7.70 -9.12 -45.71
C ARG C 133 -6.52 -9.34 -46.65
N TYR C 134 -5.29 -9.16 -46.17
CA TYR C 134 -4.08 -9.11 -47.01
C TYR C 134 -3.73 -10.50 -47.57
N MET C 135 -4.38 -11.57 -47.13
CA MET C 135 -4.01 -12.94 -47.57
C MET C 135 -4.88 -13.43 -48.73
N PHE C 136 -5.84 -12.66 -49.21
CA PHE C 136 -6.74 -13.14 -50.29
C PHE C 136 -7.11 -12.01 -51.25
N ASP C 137 -7.58 -12.42 -52.43
CA ASP C 137 -8.24 -11.50 -53.40
C ASP C 137 -9.72 -11.83 -53.47
N ILE C 138 -10.53 -10.87 -53.90
CA ILE C 138 -12.00 -11.03 -54.09
C ILE C 138 -12.32 -11.36 -55.56
N LYS C 139 -12.78 -12.61 -55.77
CA LYS C 139 -13.07 -13.33 -57.05
C LYS C 139 -11.79 -13.43 -57.89
N MET D 1 27.89 29.04 -37.42
CA MET D 1 26.91 28.44 -38.32
C MET D 1 26.92 26.91 -38.20
N MET D 2 28.04 26.26 -37.86
CA MET D 2 28.08 24.88 -37.28
C MET D 2 27.59 24.94 -35.83
N GLU D 3 26.77 23.98 -35.39
CA GLU D 3 26.15 23.96 -34.04
C GLU D 3 26.46 22.66 -33.33
N ASN D 4 26.59 22.70 -32.00
CA ASN D 4 26.52 21.47 -31.17
C ASN D 4 25.22 21.44 -30.37
N ILE D 5 24.85 20.24 -29.93
CA ILE D 5 23.65 19.93 -29.11
C ILE D 5 24.17 19.14 -27.92
N ASN D 6 23.89 19.61 -26.70
CA ASN D 6 24.13 18.78 -25.49
C ASN D 6 22.94 17.83 -25.36
N ILE D 7 23.23 16.55 -25.13
CA ILE D 7 22.16 15.53 -25.06
C ILE D 7 22.37 14.74 -23.79
N VAL D 8 21.30 14.12 -23.31
CA VAL D 8 21.38 13.17 -22.19
C VAL D 8 20.56 11.95 -22.60
N ILE D 9 21.14 10.79 -22.40
CA ILE D 9 20.50 9.50 -22.76
C ILE D 9 19.34 9.31 -21.75
N LYS D 10 18.18 8.93 -22.27
CA LYS D 10 16.93 8.83 -21.49
C LYS D 10 17.10 7.78 -20.41
N ASP D 11 16.30 7.94 -19.35
CA ASP D 11 16.27 7.05 -18.18
C ASP D 11 15.23 5.95 -18.46
N VAL D 12 15.15 5.43 -19.69
CA VAL D 12 14.12 4.46 -20.13
C VAL D 12 14.74 3.25 -20.84
N GLY D 13 13.98 2.15 -20.86
CA GLY D 13 14.13 1.02 -21.79
C GLY D 13 13.14 1.16 -22.93
N TYR D 14 13.45 0.59 -24.10
CA TYR D 14 12.68 0.85 -25.35
C TYR D 14 11.87 -0.40 -25.69
N PHE D 15 10.55 -0.28 -25.57
CA PHE D 15 9.58 -1.33 -25.92
C PHE D 15 9.06 -0.96 -27.31
N GLN D 16 9.71 -1.50 -28.36
CA GLN D 16 9.47 -1.03 -29.76
C GLN D 16 8.36 -1.87 -30.40
N ASP D 17 7.72 -1.36 -31.46
CA ASP D 17 6.67 -2.13 -32.18
C ASP D 17 7.28 -3.27 -33.00
N LYS D 18 8.59 -3.33 -33.14
CA LYS D 18 9.34 -4.38 -33.87
C LYS D 18 10.61 -4.69 -33.10
N PRO D 19 11.19 -5.91 -33.25
CA PRO D 19 12.45 -6.23 -32.59
C PRO D 19 13.65 -5.67 -33.37
N GLN D 20 13.67 -4.36 -33.53
CA GLN D 20 14.75 -3.65 -34.25
C GLN D 20 14.78 -2.20 -33.75
N PHE D 21 15.94 -1.56 -33.80
CA PHE D 21 16.13 -0.16 -33.36
C PHE D 21 15.87 0.83 -34.50
N LEU D 22 16.08 0.45 -35.74
CA LEU D 22 15.89 1.33 -36.93
C LEU D 22 14.46 1.15 -37.46
N ASN D 23 13.76 2.24 -37.76
CA ASN D 23 12.41 2.25 -38.40
C ASN D 23 11.42 1.50 -37.49
N SER D 24 11.55 1.64 -36.19
CA SER D 24 10.58 1.16 -35.20
C SER D 24 10.05 2.35 -34.39
N LYS D 25 8.84 2.25 -33.89
CA LYS D 25 8.19 3.24 -33.01
C LYS D 25 8.19 2.64 -31.61
N SER D 26 8.33 3.50 -30.59
CA SER D 26 8.23 3.09 -29.18
C SER D 26 6.75 2.88 -28.85
N VAL D 27 6.36 1.68 -28.47
CA VAL D 27 5.03 1.38 -27.88
C VAL D 27 5.06 1.88 -26.43
N ARG D 28 6.16 1.63 -25.71
CA ARG D 28 6.42 2.22 -24.38
C ARG D 28 7.89 2.61 -24.29
N GLN D 29 8.17 3.70 -23.58
CA GLN D 29 9.50 4.05 -23.04
C GLN D 29 9.37 3.96 -21.54
N TRP D 30 9.70 2.81 -20.99
CA TRP D 30 9.49 2.46 -19.57
C TRP D 30 10.65 3.02 -18.76
N LYS D 31 10.33 3.81 -17.76
CA LYS D 31 11.31 4.36 -16.78
C LYS D 31 12.11 3.22 -16.16
N HIS D 32 13.40 3.42 -15.94
CA HIS D 32 14.28 2.53 -15.16
C HIS D 32 13.53 2.05 -13.92
N GLY D 33 13.53 0.76 -13.65
CA GLY D 33 12.90 0.19 -12.46
C GLY D 33 11.45 -0.23 -12.66
N THR D 34 10.81 0.10 -13.80
CA THR D 34 9.44 -0.38 -14.09
C THR D 34 9.41 -1.91 -14.04
N LYS D 35 8.38 -2.49 -13.42
CA LYS D 35 8.18 -3.95 -13.33
C LYS D 35 7.20 -4.38 -14.42
N VAL D 36 7.56 -5.43 -15.18
CA VAL D 36 6.79 -5.85 -16.39
C VAL D 36 6.75 -7.37 -16.44
N LYS D 37 5.85 -7.90 -17.25
CA LYS D 37 5.83 -9.33 -17.64
C LYS D 37 6.26 -9.42 -19.13
N LEU D 38 7.19 -10.32 -19.44
CA LEU D 38 7.70 -10.48 -20.82
C LEU D 38 7.82 -11.97 -21.13
N THR D 39 7.95 -12.28 -22.43
CA THR D 39 8.27 -13.66 -22.90
C THR D 39 9.48 -13.54 -23.82
N LYS D 40 10.41 -14.48 -23.71
CA LYS D 40 11.58 -14.56 -24.61
C LYS D 40 11.06 -14.64 -26.07
N HIS D 41 11.52 -13.76 -26.95
CA HIS D 41 11.16 -13.72 -28.37
C HIS D 41 12.26 -14.40 -29.20
N ASN D 42 13.52 -14.05 -28.96
CA ASN D 42 14.69 -14.72 -29.58
C ASN D 42 15.89 -14.52 -28.66
N SER D 43 17.10 -14.77 -29.13
CA SER D 43 18.32 -14.74 -28.28
C SER D 43 18.53 -13.33 -27.69
N HIS D 44 18.07 -12.27 -28.36
CA HIS D 44 18.40 -10.88 -28.00
C HIS D 44 17.16 -10.08 -27.59
N TRP D 45 15.95 -10.60 -27.74
CA TRP D 45 14.72 -9.80 -27.57
C TRP D 45 13.71 -10.53 -26.69
N TYR D 46 12.97 -9.76 -25.90
CA TYR D 46 11.73 -10.16 -25.21
C TYR D 46 10.58 -9.51 -25.95
N THR D 47 9.39 -10.06 -25.76
CA THR D 47 8.14 -9.45 -26.27
C THR D 47 7.14 -9.43 -25.13
N GLY D 48 6.15 -8.56 -25.25
CA GLY D 48 4.98 -8.51 -24.37
C GLY D 48 3.87 -7.78 -25.03
N VAL D 49 2.77 -7.63 -24.30
CA VAL D 49 1.52 -6.98 -24.79
C VAL D 49 1.08 -5.95 -23.74
N VAL D 50 0.65 -4.79 -24.19
CA VAL D 50 0.08 -3.73 -23.32
C VAL D 50 -1.26 -3.32 -23.95
N LYS D 51 -2.06 -2.53 -23.21
CA LYS D 51 -3.31 -1.95 -23.71
C LYS D 51 -3.11 -0.50 -24.06
N ASP D 52 -3.42 -0.10 -25.30
CA ASP D 52 -3.64 1.32 -25.70
C ASP D 52 -5.15 1.48 -25.88
N GLY D 53 -5.84 1.96 -24.85
CA GLY D 53 -7.31 1.91 -24.73
C GLY D 53 -7.78 0.47 -24.55
N ASN D 54 -8.64 0.00 -25.45
CA ASN D 54 -9.12 -1.41 -25.47
C ASN D 54 -8.24 -2.27 -26.39
N LYS D 55 -7.38 -1.63 -27.21
CA LYS D 55 -6.49 -2.31 -28.19
C LYS D 55 -5.28 -2.93 -27.46
N SER D 56 -5.10 -4.25 -27.62
CA SER D 56 -3.85 -4.97 -27.28
C SER D 56 -2.77 -4.63 -28.31
N VAL D 57 -1.58 -4.24 -27.86
CA VAL D 57 -0.43 -3.85 -28.73
C VAL D 57 0.78 -4.65 -28.29
N ARG D 58 1.44 -5.30 -29.24
CA ARG D 58 2.66 -6.10 -28.94
C ARG D 58 3.89 -5.19 -29.05
N GLY D 59 4.85 -5.40 -28.17
CA GLY D 59 6.15 -4.72 -28.23
C GLY D 59 7.28 -5.69 -28.03
N TYR D 60 8.49 -5.18 -28.26
CA TYR D 60 9.74 -5.96 -28.20
C TYR D 60 10.76 -5.12 -27.45
N ILE D 61 11.50 -5.73 -26.54
CA ILE D 61 12.53 -5.00 -25.79
C ILE D 61 13.80 -5.84 -25.75
N TYR D 62 14.94 -5.20 -25.95
CA TYR D 62 16.26 -5.85 -26.06
C TYR D 62 16.65 -6.44 -24.70
N HIS D 63 17.31 -7.59 -24.70
CA HIS D 63 17.52 -8.45 -23.50
C HIS D 63 18.23 -7.67 -22.38
N SER D 64 19.14 -6.77 -22.72
CA SER D 64 19.98 -6.09 -21.70
C SER D 64 19.18 -4.96 -21.04
N MET D 65 17.98 -4.66 -21.53
CA MET D 65 17.08 -3.64 -20.92
C MET D 65 16.05 -4.28 -20.00
N ALA D 66 16.13 -5.59 -19.76
CA ALA D 66 15.17 -6.29 -18.90
C ALA D 66 15.91 -7.27 -17.97
N LYS D 67 15.84 -7.00 -16.67
CA LYS D 67 16.49 -7.83 -15.63
C LYS D 67 15.42 -8.79 -15.09
N VAL D 68 15.56 -10.08 -15.33
CA VAL D 68 14.55 -11.11 -14.96
C VAL D 68 14.72 -11.42 -13.46
N THR D 69 13.66 -11.26 -12.69
CA THR D 69 13.64 -11.49 -11.21
C THR D 69 12.92 -12.79 -10.87
N SER D 70 11.96 -13.25 -11.70
CA SER D 70 11.29 -14.57 -11.48
C SER D 70 10.68 -15.11 -12.78
N LYS D 71 10.33 -16.40 -12.73
CA LYS D 71 9.86 -17.21 -13.90
C LYS D 71 8.44 -17.71 -13.64
N ASN D 72 7.51 -17.42 -14.53
CA ASN D 72 6.09 -17.85 -14.40
C ASN D 72 5.96 -19.26 -15.02
N SER D 73 4.94 -20.02 -14.65
CA SER D 73 4.69 -21.42 -15.10
C SER D 73 4.42 -21.47 -16.61
N ASP D 74 3.74 -20.47 -17.15
CA ASP D 74 3.38 -20.37 -18.59
C ASP D 74 4.60 -20.05 -19.47
N GLY D 75 5.82 -19.98 -18.92
CA GLY D 75 7.07 -19.69 -19.68
C GLY D 75 7.37 -18.19 -19.80
N SER D 76 6.48 -17.29 -19.39
CA SER D 76 6.76 -15.84 -19.27
C SER D 76 7.70 -15.60 -18.08
N VAL D 77 8.25 -14.39 -17.99
CA VAL D 77 9.16 -13.97 -16.89
C VAL D 77 8.67 -12.63 -16.34
N ASN D 78 9.01 -12.36 -15.08
CA ASN D 78 8.78 -11.05 -14.45
C ASN D 78 10.12 -10.34 -14.43
N ALA D 79 10.16 -9.11 -14.92
CA ALA D 79 11.43 -8.41 -15.10
C ALA D 79 11.30 -6.96 -14.64
N THR D 80 12.45 -6.39 -14.34
CA THR D 80 12.59 -4.94 -14.02
C THR D 80 13.33 -4.29 -15.21
N ILE D 81 12.84 -3.17 -15.67
CA ILE D 81 13.49 -2.42 -16.78
C ILE D 81 14.83 -1.85 -16.29
N ASN D 82 15.87 -2.14 -17.06
CA ASN D 82 17.24 -1.61 -16.93
C ASN D 82 17.46 -0.63 -18.09
N ALA D 83 17.24 0.66 -17.85
CA ALA D 83 17.33 1.72 -18.87
C ALA D 83 18.79 1.84 -19.34
N HIS D 84 18.96 1.86 -20.65
CA HIS D 84 20.24 2.23 -21.34
C HIS D 84 19.91 2.45 -22.82
N ALA D 85 20.82 3.09 -23.54
CA ALA D 85 20.68 3.30 -24.98
C ALA D 85 21.87 2.62 -25.69
N PHE D 86 21.98 2.84 -26.99
CA PHE D 86 23.08 2.35 -27.83
C PHE D 86 23.47 3.45 -28.80
N CYS D 87 24.73 3.43 -29.25
CA CYS D 87 25.10 4.08 -30.54
C CYS D 87 25.85 3.05 -31.39
N TRP D 88 25.77 3.21 -32.70
CA TRP D 88 26.26 2.20 -33.68
C TRP D 88 27.25 2.88 -34.63
N ASP D 89 28.23 2.11 -35.11
CA ASP D 89 29.22 2.67 -36.07
C ASP D 89 28.62 2.69 -37.47
N ASN D 90 27.34 2.41 -37.63
CA ASN D 90 26.67 2.58 -38.94
C ASN D 90 25.17 2.85 -38.76
N LYS D 91 24.49 3.30 -39.81
CA LYS D 91 23.10 3.81 -39.74
C LYS D 91 22.06 2.69 -39.89
N LYS D 92 22.48 1.42 -39.89
CA LYS D 92 21.55 0.27 -39.87
C LYS D 92 21.08 -0.02 -38.43
N LEU D 93 21.84 0.47 -37.43
CA LEU D 93 21.50 0.31 -35.99
C LEU D 93 21.31 -1.17 -35.71
N ASN D 94 22.22 -2.00 -36.20
CA ASN D 94 22.07 -3.46 -36.07
C ASN D 94 23.45 -4.09 -36.10
N GLY D 95 23.93 -4.62 -34.96
CA GLY D 95 25.25 -5.24 -34.85
C GLY D 95 26.36 -4.32 -35.32
N GLY D 96 27.39 -4.87 -35.96
CA GLY D 96 28.64 -4.14 -36.24
C GLY D 96 29.27 -3.73 -34.92
N ASP D 97 29.87 -2.55 -34.87
CA ASP D 97 30.45 -2.02 -33.62
C ASP D 97 29.37 -1.13 -32.96
N PHE D 98 29.01 -1.43 -31.73
CA PHE D 98 28.02 -0.63 -30.98
C PHE D 98 28.49 -0.48 -29.54
N ILE D 99 28.03 0.58 -28.89
CA ILE D 99 28.39 0.92 -27.49
C ILE D 99 27.10 1.01 -26.66
N ASN D 100 27.06 0.34 -25.52
CA ASN D 100 26.03 0.50 -24.47
C ASN D 100 26.23 1.88 -23.81
N LEU D 101 25.31 2.83 -24.03
CA LEU D 101 25.36 4.16 -23.35
C LEU D 101 24.49 4.08 -22.08
N LYS D 102 25.07 4.28 -20.91
CA LYS D 102 24.35 4.19 -19.60
C LYS D 102 23.26 5.25 -19.56
N ARG D 103 22.16 4.98 -18.87
CA ARG D 103 21.10 5.99 -18.66
C ARG D 103 21.76 7.25 -18.09
N GLY D 104 21.38 8.42 -18.57
CA GLY D 104 21.97 9.68 -18.08
C GLY D 104 23.32 10.03 -18.71
N PHE D 105 23.87 9.19 -19.58
CA PHE D 105 25.11 9.50 -20.32
C PHE D 105 24.95 10.87 -20.96
N LYS D 106 25.93 11.75 -20.76
CA LYS D 106 25.95 13.13 -21.27
C LYS D 106 26.85 13.15 -22.51
N GLY D 107 26.32 13.61 -23.64
CA GLY D 107 27.08 13.62 -24.88
C GLY D 107 26.91 14.94 -25.58
N ILE D 108 27.69 15.10 -26.63
CA ILE D 108 27.57 16.26 -27.57
C ILE D 108 27.39 15.66 -28.95
N THR D 109 26.44 16.19 -29.70
CA THR D 109 26.19 15.79 -31.10
C THR D 109 25.97 17.06 -31.90
N HIS D 110 25.50 16.91 -33.12
CA HIS D 110 25.34 18.00 -34.10
C HIS D 110 24.03 17.76 -34.81
N PRO D 111 23.33 18.85 -35.24
CA PRO D 111 22.11 18.74 -35.99
C PRO D 111 22.30 17.73 -37.13
N ALA D 112 21.43 16.73 -37.18
CA ALA D 112 21.41 15.70 -38.23
C ALA D 112 20.04 15.79 -38.92
N SER D 113 20.07 16.17 -40.21
CA SER D 113 18.89 16.22 -41.09
C SER D 113 18.30 14.81 -41.24
N ASP D 114 19.13 13.75 -41.21
CA ASP D 114 18.69 12.36 -41.51
C ASP D 114 18.34 11.62 -40.20
N GLY D 115 18.39 12.29 -39.05
CA GLY D 115 17.97 11.69 -37.76
C GLY D 115 19.01 10.75 -37.16
N PHE D 116 20.20 10.60 -37.79
CA PHE D 116 21.31 9.82 -37.21
C PHE D 116 22.32 10.79 -36.59
N TYR D 117 22.24 10.95 -35.26
CA TYR D 117 23.01 11.98 -34.53
C TYR D 117 24.41 11.44 -34.25
N PRO D 118 25.46 12.15 -34.74
CA PRO D 118 26.83 11.67 -34.63
C PRO D 118 27.42 11.91 -33.24
N LEU D 119 28.11 10.91 -32.75
CA LEU D 119 28.88 10.92 -31.47
C LEU D 119 30.33 10.58 -31.81
N TYR D 120 31.24 11.53 -31.57
CA TYR D 120 32.67 11.33 -31.80
C TYR D 120 33.33 10.89 -30.51
N PHE D 121 33.81 9.64 -30.45
CA PHE D 121 34.58 9.08 -29.31
C PHE D 121 36.07 9.16 -29.69
N ALA D 122 36.85 9.96 -28.97
CA ALA D 122 38.31 10.15 -29.21
C ALA D 122 39.01 8.79 -29.31
N SER D 123 38.84 7.97 -28.26
CA SER D 123 39.52 6.65 -28.09
C SER D 123 39.24 5.76 -29.29
N ARG D 124 38.11 5.94 -29.97
CA ARG D 124 37.73 5.04 -31.07
C ARG D 124 38.12 5.45 -32.49
N LYS D 125 38.36 6.71 -32.79
CA LYS D 125 38.77 7.15 -34.14
C LYS D 125 37.62 7.04 -35.14
N LYS D 126 36.34 6.92 -34.73
CA LYS D 126 35.22 6.91 -35.69
C LYS D 126 33.94 7.48 -35.07
N THR D 127 33.01 7.77 -35.96
CA THR D 127 31.69 8.35 -35.65
C THR D 127 30.76 7.18 -35.29
N PHE D 128 30.08 7.29 -34.16
CA PHE D 128 28.90 6.44 -33.84
C PHE D 128 27.64 7.28 -34.03
N TYR D 129 26.51 6.60 -34.16
CA TYR D 129 25.21 7.23 -34.45
C TYR D 129 24.21 6.76 -33.40
N ILE D 130 23.40 7.72 -32.93
CA ILE D 130 22.29 7.49 -31.97
C ILE D 130 21.05 8.09 -32.58
N PRO D 131 19.92 7.34 -32.61
CA PRO D 131 18.66 7.88 -33.13
C PRO D 131 18.03 8.86 -32.11
N ARG D 132 17.19 9.77 -32.60
CA ARG D 132 16.59 10.90 -31.84
C ARG D 132 15.87 10.37 -30.59
N TYR D 133 15.20 9.23 -30.69
CA TYR D 133 14.27 8.74 -29.65
C TYR D 133 15.02 8.26 -28.40
N MET D 134 16.34 8.15 -28.44
CA MET D 134 17.12 7.60 -27.29
C MET D 134 17.68 8.71 -26.40
N PHE D 135 17.44 9.97 -26.68
CA PHE D 135 18.03 11.06 -25.84
C PHE D 135 17.08 12.26 -25.72
N ASP D 136 17.34 13.08 -24.71
CA ASP D 136 16.69 14.41 -24.56
C ASP D 136 17.73 15.51 -24.80
N ILE D 137 17.23 16.67 -25.22
CA ILE D 137 18.01 17.93 -25.34
C ILE D 137 17.54 18.84 -24.19
N LYS D 138 18.40 19.15 -23.23
CA LYS D 138 18.06 19.91 -22.00
C LYS D 138 17.60 21.35 -22.35
N LYS D 139 16.41 21.76 -21.88
CA LYS D 139 15.82 23.11 -22.13
C LYS D 139 16.48 24.19 -21.26
N MET E 1 -2.45 7.02 24.88
CA MET E 1 -2.74 6.03 25.96
C MET E 1 -3.65 6.68 27.00
N MET E 2 -3.52 8.00 27.27
CA MET E 2 -4.47 8.77 28.10
C MET E 2 -5.76 9.03 27.30
N GLU E 3 -6.91 8.92 27.96
CA GLU E 3 -8.27 9.14 27.42
C GLU E 3 -9.00 10.06 28.39
N ASN E 4 -9.93 10.89 27.87
CA ASN E 4 -10.92 11.58 28.73
C ASN E 4 -12.30 10.93 28.58
N ILE E 5 -13.12 11.09 29.62
CA ILE E 5 -14.51 10.61 29.71
C ILE E 5 -15.34 11.84 30.08
N ASN E 6 -16.34 12.17 29.26
CA ASN E 6 -17.36 13.18 29.65
C ASN E 6 -18.36 12.45 30.54
N ILE E 7 -18.71 13.07 31.68
CA ILE E 7 -19.62 12.47 32.65
C ILE E 7 -20.68 13.50 32.99
N VAL E 8 -21.83 13.02 33.43
CA VAL E 8 -22.88 13.90 33.98
C VAL E 8 -23.34 13.28 35.29
N ILE E 9 -23.45 14.10 36.31
CA ILE E 9 -23.87 13.67 37.66
C ILE E 9 -25.36 13.33 37.54
N LYS E 10 -25.74 12.18 38.10
CA LYS E 10 -27.11 11.65 38.01
C LYS E 10 -28.10 12.60 38.63
N ASP E 11 -29.37 12.52 38.18
CA ASP E 11 -30.49 13.33 38.70
C ASP E 11 -31.15 12.61 39.89
N VAL E 12 -30.35 11.97 40.75
CA VAL E 12 -30.84 11.10 41.85
C VAL E 12 -30.19 11.45 43.19
N GLY E 13 -30.89 11.06 44.27
CA GLY E 13 -30.34 10.91 45.64
C GLY E 13 -30.03 9.44 45.87
N TYR E 14 -29.08 9.15 46.76
CA TYR E 14 -28.53 7.77 46.92
C TYR E 14 -29.05 7.18 48.24
N PHE E 15 -29.92 6.19 48.11
CA PHE E 15 -30.48 5.42 49.25
C PHE E 15 -29.66 4.13 49.33
N GLN E 16 -28.58 4.15 50.12
CA GLN E 16 -27.54 3.08 50.09
C GLN E 16 -27.93 1.98 51.10
N ASP E 17 -27.41 0.77 50.96
CA ASP E 17 -27.66 -0.33 51.93
C ASP E 17 -26.91 -0.09 53.25
N LYS E 18 -26.03 0.90 53.32
CA LYS E 18 -25.24 1.27 54.52
C LYS E 18 -25.12 2.78 54.56
N PRO E 19 -24.94 3.40 55.74
CA PRO E 19 -24.74 4.84 55.83
C PRO E 19 -23.29 5.23 55.49
N GLN E 20 -22.86 4.90 54.29
CA GLN E 20 -21.50 5.21 53.81
C GLN E 20 -21.55 5.26 52.27
N PHE E 21 -20.66 6.06 51.68
CA PHE E 21 -20.56 6.19 50.21
C PHE E 21 -19.62 5.16 49.62
N LEU E 22 -18.62 4.70 50.39
CA LEU E 22 -17.63 3.70 49.91
C LEU E 22 -18.12 2.28 50.22
N ASN E 23 -18.06 1.37 49.26
CA ASN E 23 -18.41 -0.07 49.39
C ASN E 23 -19.85 -0.21 49.88
N SER E 24 -20.75 0.62 49.36
CA SER E 24 -22.22 0.46 49.57
C SER E 24 -22.90 0.27 48.22
N LYS E 25 -24.03 -0.42 48.22
CA LYS E 25 -24.88 -0.63 47.01
C LYS E 25 -26.10 0.27 47.17
N SER E 26 -26.61 0.78 46.07
CA SER E 26 -27.84 1.60 46.04
C SER E 26 -29.03 0.63 46.18
N VAL E 27 -29.82 0.81 47.23
CA VAL E 27 -31.14 0.15 47.37
C VAL E 27 -32.12 0.89 46.45
N ARG E 28 -32.05 2.22 46.45
CA ARG E 28 -32.78 3.08 45.47
C ARG E 28 -31.85 4.22 45.03
N GLN E 29 -31.96 4.58 43.77
CA GLN E 29 -31.48 5.89 43.22
C GLN E 29 -32.75 6.65 42.86
N TRP E 30 -33.22 7.46 43.79
CA TRP E 30 -34.50 8.17 43.72
C TRP E 30 -34.32 9.45 42.90
N LYS E 31 -35.15 9.58 41.87
CA LYS E 31 -35.21 10.80 41.04
C LYS E 31 -35.45 12.03 41.92
N HIS E 32 -34.78 13.14 41.59
CA HIS E 32 -35.05 14.46 42.21
C HIS E 32 -36.56 14.65 42.35
N GLY E 33 -37.02 15.08 43.51
CA GLY E 33 -38.44 15.38 43.78
C GLY E 33 -39.23 14.19 44.31
N THR E 34 -38.68 12.97 44.30
CA THR E 34 -39.39 11.80 44.89
C THR E 34 -39.77 12.10 46.34
N LYS E 35 -41.00 11.77 46.74
CA LYS E 35 -41.49 11.95 48.14
C LYS E 35 -41.34 10.62 48.89
N VAL E 36 -40.77 10.66 50.10
CA VAL E 36 -40.40 9.43 50.85
C VAL E 36 -40.71 9.65 52.32
N LYS E 37 -40.73 8.55 53.07
CA LYS E 37 -40.78 8.60 54.55
C LYS E 37 -39.43 8.11 55.09
N LEU E 38 -38.85 8.81 56.06
CA LEU E 38 -37.51 8.52 56.59
C LEU E 38 -37.53 8.68 58.11
N THR E 39 -36.52 8.17 58.80
CA THR E 39 -36.25 8.47 60.23
C THR E 39 -34.80 8.90 60.37
N LYS E 40 -34.51 9.86 61.21
CA LYS E 40 -33.14 10.31 61.52
C LYS E 40 -32.36 9.10 62.04
N HIS E 41 -31.20 8.81 61.44
CA HIS E 41 -30.31 7.69 61.85
C HIS E 41 -29.16 8.25 62.70
N ASN E 42 -28.50 9.29 62.24
CA ASN E 42 -27.46 10.01 63.03
C ASN E 42 -27.39 11.45 62.54
N SER E 43 -26.35 12.20 62.88
CA SER E 43 -26.27 13.65 62.57
C SER E 43 -26.28 13.88 61.05
N HIS E 44 -25.82 12.93 60.24
CA HIS E 44 -25.62 13.12 58.79
C HIS E 44 -26.51 12.21 57.94
N TRP E 45 -27.23 11.26 58.52
CA TRP E 45 -27.93 10.23 57.74
C TRP E 45 -29.37 10.03 58.22
N TYR E 46 -30.24 9.74 57.27
CA TYR E 46 -31.61 9.24 57.49
C TYR E 46 -31.60 7.78 57.11
N THR E 47 -32.58 7.05 57.61
CA THR E 47 -32.83 5.66 57.16
C THR E 47 -34.31 5.51 56.83
N GLY E 48 -34.65 4.50 56.05
CA GLY E 48 -36.03 4.10 55.78
C GLY E 48 -36.07 2.70 55.27
N VAL E 49 -37.28 2.24 54.93
CA VAL E 49 -37.53 0.84 54.49
C VAL E 49 -38.38 0.88 53.23
N VAL E 50 -38.08 0.05 52.26
CA VAL E 50 -38.84 -0.10 50.99
C VAL E 50 -39.10 -1.58 50.80
N LYS E 51 -39.95 -1.95 49.85
CA LYS E 51 -40.25 -3.36 49.51
C LYS E 51 -39.56 -3.69 48.20
N ASP E 52 -38.73 -4.74 48.19
CA ASP E 52 -38.28 -5.43 46.95
C ASP E 52 -39.05 -6.75 46.88
N GLY E 53 -40.16 -6.78 46.13
CA GLY E 53 -41.18 -7.84 46.18
C GLY E 53 -41.92 -7.81 47.51
N ASN E 54 -41.88 -8.90 48.27
CA ASN E 54 -42.46 -8.99 49.64
C ASN E 54 -41.40 -8.66 50.69
N LYS E 55 -40.12 -8.61 50.30
CA LYS E 55 -38.97 -8.39 51.23
C LYS E 55 -38.84 -6.90 51.56
N SER E 56 -38.88 -6.56 52.85
CA SER E 56 -38.50 -5.25 53.41
C SER E 56 -36.98 -5.07 53.35
N VAL E 57 -36.51 -3.94 52.83
CA VAL E 57 -35.06 -3.62 52.68
C VAL E 57 -34.82 -2.24 53.29
N ARG E 58 -33.84 -2.15 54.19
CA ARG E 58 -33.48 -0.86 54.83
C ARG E 58 -32.45 -0.14 53.96
N GLY E 59 -32.57 1.20 53.91
CA GLY E 59 -31.57 2.05 53.25
C GLY E 59 -31.24 3.24 54.08
N TYR E 60 -30.22 3.97 53.64
CA TYR E 60 -29.66 5.15 54.34
C TYR E 60 -29.44 6.23 53.29
N ILE E 61 -29.82 7.45 53.60
CA ILE E 61 -29.60 8.57 52.65
C ILE E 61 -29.06 9.76 53.44
N TYR E 62 -28.05 10.41 52.86
CA TYR E 62 -27.32 11.54 53.48
C TYR E 62 -28.26 12.73 53.63
N HIS E 63 -28.12 13.50 54.72
CA HIS E 63 -29.11 14.51 55.15
C HIS E 63 -29.36 15.55 54.04
N SER E 64 -28.34 15.91 53.25
CA SER E 64 -28.45 17.02 52.26
C SER E 64 -29.21 16.52 51.02
N MET E 65 -29.47 15.21 50.90
CA MET E 65 -30.23 14.64 49.76
C MET E 65 -31.71 14.45 50.11
N ALA E 66 -32.13 14.88 51.28
CA ALA E 66 -33.51 14.72 51.76
C ALA E 66 -33.95 16.01 52.42
N LYS E 67 -34.91 16.69 51.79
CA LYS E 67 -35.50 17.95 52.30
C LYS E 67 -36.75 17.57 53.10
N VAL E 68 -36.71 17.78 54.41
CA VAL E 68 -37.81 17.35 55.33
C VAL E 68 -38.89 18.43 55.26
N THR E 69 -40.11 18.04 54.90
CA THR E 69 -41.27 18.93 54.67
C THR E 69 -42.26 18.83 55.83
N SER E 70 -42.32 17.68 56.53
CA SER E 70 -43.18 17.54 57.75
C SER E 70 -42.72 16.40 58.66
N LYS E 71 -43.27 16.36 59.87
CA LYS E 71 -42.91 15.43 60.97
C LYS E 71 -44.12 14.57 61.33
N ASN E 72 -43.97 13.24 61.31
CA ASN E 72 -45.03 12.30 61.71
C ASN E 72 -44.98 12.11 63.23
N SER E 73 -46.10 11.67 63.84
CA SER E 73 -46.26 11.45 65.30
C SER E 73 -45.29 10.37 65.79
N ASP E 74 -45.06 9.33 65.00
CA ASP E 74 -44.18 8.17 65.36
C ASP E 74 -42.69 8.56 65.33
N GLY E 75 -42.33 9.84 65.10
CA GLY E 75 -40.93 10.31 65.06
C GLY E 75 -40.30 10.22 63.66
N SER E 76 -40.93 9.57 62.68
CA SER E 76 -40.51 9.61 61.26
C SER E 76 -40.78 10.99 60.66
N VAL E 77 -40.23 11.25 59.47
CA VAL E 77 -40.39 12.54 58.74
C VAL E 77 -40.81 12.23 57.31
N ASN E 78 -41.47 13.20 56.68
CA ASN E 78 -41.81 13.14 55.23
C ASN E 78 -40.81 14.06 54.55
N ALA E 79 -40.19 13.58 53.47
CA ALA E 79 -39.12 14.35 52.83
C ALA E 79 -39.24 14.25 51.32
N THR E 80 -38.64 15.22 50.65
CA THR E 80 -38.48 15.24 49.17
C THR E 80 -37.00 15.04 48.84
N ILE E 81 -36.71 14.16 47.91
CA ILE E 81 -35.30 13.88 47.50
C ILE E 81 -34.77 15.10 46.75
N ASN E 82 -33.61 15.56 47.22
CA ASN E 82 -32.78 16.64 46.62
C ASN E 82 -31.54 15.97 46.03
N ALA E 83 -31.60 15.65 44.72
CA ALA E 83 -30.56 14.94 43.98
C ALA E 83 -29.30 15.82 43.94
N HIS E 84 -28.18 15.21 44.32
CA HIS E 84 -26.82 15.77 44.16
C HIS E 84 -25.84 14.63 44.41
N ALA E 85 -24.59 14.82 43.99
CA ALA E 85 -23.50 13.88 44.22
C ALA E 85 -22.42 14.58 45.06
N PHE E 86 -21.32 13.89 45.27
CA PHE E 86 -20.15 14.40 45.99
C PHE E 86 -18.90 13.95 45.25
N CYS E 87 -17.84 14.72 45.39
CA CYS E 87 -16.46 14.22 45.17
C CYS E 87 -15.62 14.56 46.42
N TRP E 88 -14.62 13.75 46.69
CA TRP E 88 -13.81 13.81 47.94
C TRP E 88 -12.33 13.96 47.58
N ASP E 89 -11.57 14.65 48.41
CA ASP E 89 -10.11 14.80 48.17
C ASP E 89 -9.39 13.53 48.64
N ASN E 90 -10.10 12.47 49.04
CA ASN E 90 -9.44 11.18 49.34
C ASN E 90 -10.37 10.00 49.04
N LYS E 91 -9.83 8.79 48.95
CA LYS E 91 -10.54 7.60 48.46
C LYS E 91 -11.30 6.86 49.58
N LYS E 92 -11.40 7.44 50.78
CA LYS E 92 -12.27 6.88 51.85
C LYS E 92 -13.72 7.34 51.63
N LEU E 93 -13.93 8.43 50.87
CA LEU E 93 -15.26 9.02 50.55
C LEU E 93 -15.95 9.31 51.87
N ASN E 94 -15.24 9.93 52.80
CA ASN E 94 -15.79 10.13 54.16
C ASN E 94 -15.11 11.34 54.78
N GLY E 95 -15.82 12.46 54.92
CA GLY E 95 -15.27 13.72 55.44
C GLY E 95 -14.04 14.18 54.66
N GLY E 96 -13.09 14.78 55.37
CA GLY E 96 -11.98 15.54 54.74
C GLY E 96 -12.55 16.67 53.92
N ASP E 97 -11.95 16.93 52.76
CA ASP E 97 -12.44 18.03 51.88
C ASP E 97 -13.36 17.37 50.83
N PHE E 98 -14.59 17.82 50.72
CA PHE E 98 -15.55 17.26 49.73
C PHE E 98 -16.37 18.40 49.12
N ILE E 99 -16.89 18.17 47.91
CA ILE E 99 -17.70 19.17 47.17
C ILE E 99 -19.05 18.58 46.81
N ASN E 100 -20.13 19.31 47.09
CA ASN E 100 -21.50 19.02 46.64
C ASN E 100 -21.57 19.29 45.12
N LEU E 101 -21.69 18.25 44.29
CA LEU E 101 -21.89 18.41 42.83
C LEU E 101 -23.38 18.42 42.52
N LYS E 102 -23.90 19.50 41.94
CA LYS E 102 -25.34 19.64 41.60
C LYS E 102 -25.74 18.55 40.61
N ARG E 103 -26.98 18.10 40.69
CA ARG E 103 -27.53 17.16 39.68
C ARG E 103 -27.28 17.73 38.29
N GLY E 104 -26.84 16.92 37.33
CA GLY E 104 -26.56 17.37 35.97
C GLY E 104 -25.19 18.02 35.81
N PHE E 105 -24.41 18.20 36.87
CA PHE E 105 -23.02 18.73 36.78
C PHE E 105 -22.29 17.95 35.69
N LYS E 106 -21.66 18.69 34.77
CA LYS E 106 -20.90 18.12 33.62
C LYS E 106 -19.42 18.17 33.97
N GLY E 107 -18.75 17.02 33.92
CA GLY E 107 -17.34 16.95 34.27
C GLY E 107 -16.59 16.15 33.24
N ILE E 108 -15.28 16.21 33.34
CA ILE E 108 -14.33 15.39 32.55
C ILE E 108 -13.47 14.64 33.53
N THR E 109 -13.29 13.34 33.31
CA THR E 109 -12.47 12.48 34.18
C THR E 109 -11.67 11.58 33.24
N HIS E 110 -11.02 10.58 33.82
CA HIS E 110 -10.11 9.67 33.12
C HIS E 110 -10.39 8.28 33.61
N PRO E 111 -10.21 7.26 32.74
CA PRO E 111 -10.39 5.86 33.13
C PRO E 111 -9.63 5.61 34.43
N ALA E 112 -10.32 5.09 35.43
CA ALA E 112 -9.79 4.71 36.75
C ALA E 112 -10.04 3.21 36.96
N SER E 113 -8.97 2.42 37.01
CA SER E 113 -9.01 0.96 37.25
C SER E 113 -9.60 0.66 38.65
N ASP E 114 -9.38 1.55 39.63
CA ASP E 114 -9.80 1.36 41.04
C ASP E 114 -11.19 1.98 41.30
N GLY E 115 -11.87 2.50 40.29
CA GLY E 115 -13.23 3.04 40.44
C GLY E 115 -13.29 4.42 41.12
N PHE E 116 -12.16 5.06 41.42
CA PHE E 116 -12.14 6.44 41.95
C PHE E 116 -11.77 7.41 40.81
N TYR E 117 -12.78 8.05 40.24
CA TYR E 117 -12.63 8.86 39.00
C TYR E 117 -12.19 10.26 39.39
N PRO E 118 -11.04 10.74 38.87
CA PRO E 118 -10.51 12.05 39.20
C PRO E 118 -11.25 13.22 38.54
N LEU E 119 -11.51 14.25 39.32
CA LEU E 119 -12.03 15.57 38.87
C LEU E 119 -11.06 16.67 39.30
N TYR E 120 -10.44 17.41 38.40
CA TYR E 120 -9.56 18.56 38.74
C TYR E 120 -10.37 19.86 38.76
N PHE E 121 -10.48 20.50 39.93
CA PHE E 121 -11.12 21.82 40.08
C PHE E 121 -10.04 22.91 40.09
N ALA E 122 -10.03 23.79 39.07
CA ALA E 122 -9.08 24.93 38.97
C ALA E 122 -9.11 25.75 40.26
N SER E 123 -10.31 26.19 40.66
CA SER E 123 -10.55 27.07 41.83
C SER E 123 -9.95 26.46 43.10
N ARG E 124 -9.84 25.13 43.17
CA ARG E 124 -9.32 24.45 44.37
C ARG E 124 -7.86 24.04 44.23
N LYS E 125 -7.33 23.86 43.03
CA LYS E 125 -5.93 23.47 42.80
C LYS E 125 -5.66 22.03 43.26
N LYS E 126 -6.68 21.17 43.34
CA LYS E 126 -6.41 19.72 43.57
C LYS E 126 -7.47 18.81 42.93
N THR E 127 -7.11 17.53 42.85
CA THR E 127 -7.93 16.44 42.34
C THR E 127 -8.86 15.96 43.45
N PHE E 128 -10.14 15.87 43.13
CA PHE E 128 -11.18 15.17 43.92
C PHE E 128 -11.54 13.88 43.19
N TYR E 129 -12.22 12.98 43.91
CA TYR E 129 -12.59 11.63 43.40
C TYR E 129 -14.11 11.43 43.56
N ILE E 130 -14.71 10.87 42.52
CA ILE E 130 -16.16 10.54 42.46
C ILE E 130 -16.26 9.06 42.11
N PRO E 131 -17.06 8.28 42.86
CA PRO E 131 -17.29 6.87 42.53
C PRO E 131 -18.20 6.72 41.31
N ARG E 132 -18.09 5.59 40.62
CA ARG E 132 -18.75 5.28 39.33
C ARG E 132 -20.27 5.46 39.46
N TYR E 133 -20.87 5.10 40.58
CA TYR E 133 -22.35 5.00 40.71
C TYR E 133 -22.99 6.39 40.76
N MET E 134 -22.20 7.48 40.87
CA MET E 134 -22.79 8.82 41.01
C MET E 134 -22.89 9.56 39.65
N PHE E 135 -22.50 8.94 38.54
CA PHE E 135 -22.54 9.64 37.23
C PHE E 135 -22.88 8.68 36.11
N ASP E 136 -23.31 9.27 34.98
CA ASP E 136 -23.46 8.54 33.70
C ASP E 136 -22.40 9.01 32.70
N ILE E 137 -22.04 8.13 31.81
CA ILE E 137 -21.22 8.39 30.60
C ILE E 137 -22.20 8.29 29.42
N LYS E 138 -22.43 9.39 28.70
CA LYS E 138 -23.30 9.46 27.50
C LYS E 138 -22.80 8.50 26.39
N LYS E 139 -23.69 7.65 25.89
CA LYS E 139 -23.44 6.64 24.82
C LYS E 139 -23.37 7.31 23.43
N MET F 1 -17.19 25.67 33.35
CA MET F 1 -17.12 24.38 32.57
C MET F 1 -15.66 23.86 32.67
N MET F 2 -15.50 22.53 32.81
CA MET F 2 -14.19 21.84 32.74
C MET F 2 -13.73 21.79 31.28
N GLU F 3 -12.42 21.97 31.06
CA GLU F 3 -11.72 21.94 29.75
C GLU F 3 -10.55 20.97 29.85
N ASN F 4 -10.20 20.30 28.77
CA ASN F 4 -8.92 19.53 28.73
C ASN F 4 -7.94 20.18 27.76
N ILE F 5 -6.67 19.90 27.96
CA ILE F 5 -5.51 20.43 27.19
C ILE F 5 -4.70 19.21 26.77
N ASN F 6 -4.48 19.04 25.47
CA ASN F 6 -3.51 18.04 24.98
C ASN F 6 -2.13 18.67 25.10
N ILE F 7 -1.18 17.92 25.66
CA ILE F 7 0.19 18.42 25.89
C ILE F 7 1.14 17.40 25.33
N VAL F 8 2.34 17.88 24.97
CA VAL F 8 3.45 16.99 24.58
C VAL F 8 4.67 17.45 25.36
N ILE F 9 5.37 16.51 25.94
CA ILE F 9 6.58 16.80 26.75
C ILE F 9 7.66 17.24 25.76
N LYS F 10 8.36 18.33 26.08
CA LYS F 10 9.34 18.97 25.17
C LYS F 10 10.48 17.99 24.90
N ASP F 11 11.14 18.20 23.76
CA ASP F 11 12.29 17.39 23.32
C ASP F 11 13.59 17.99 23.87
N VAL F 12 13.58 18.47 25.13
CA VAL F 12 14.71 19.21 25.74
C VAL F 12 15.06 18.66 27.13
N GLY F 13 16.31 18.93 27.55
CA GLY F 13 16.78 18.87 28.95
C GLY F 13 16.80 20.27 29.53
N TYR F 14 16.69 20.39 30.86
CA TYR F 14 16.44 21.70 31.53
C TYR F 14 17.73 22.14 32.25
N PHE F 15 18.36 23.19 31.72
CA PHE F 15 19.58 23.80 32.32
C PHE F 15 19.09 25.04 33.08
N GLN F 16 18.79 24.87 34.37
CA GLN F 16 18.06 25.91 35.16
C GLN F 16 19.08 26.86 35.82
N ASP F 17 18.66 28.05 36.23
CA ASP F 17 19.56 29.02 36.90
C ASP F 17 19.85 28.57 38.35
N LYS F 18 19.17 27.55 38.85
CA LYS F 18 19.35 26.99 40.23
C LYS F 18 19.18 25.48 40.13
N PRO F 19 19.78 24.70 41.05
CA PRO F 19 19.58 23.25 41.06
C PRO F 19 18.26 22.86 41.70
N GLN F 20 17.17 23.34 41.11
CA GLN F 20 15.79 23.06 41.60
C GLN F 20 14.84 23.19 40.41
N PHE F 21 13.76 22.43 40.39
CA PHE F 21 12.73 22.50 39.34
C PHE F 21 11.68 23.58 39.65
N LEU F 22 11.44 23.87 40.92
CA LEU F 22 10.42 24.87 41.36
C LEU F 22 11.09 26.24 41.49
N ASN F 23 10.48 27.29 40.97
CA ASN F 23 10.91 28.71 41.08
C ASN F 23 12.31 28.88 40.50
N SER F 24 12.62 28.19 39.41
CA SER F 24 13.87 28.38 38.63
C SER F 24 13.51 28.77 37.19
N LYS F 25 14.39 29.49 36.53
CA LYS F 25 14.27 29.87 35.11
C LYS F 25 15.23 29.00 34.31
N SER F 26 14.85 28.67 33.09
CA SER F 26 15.71 27.92 32.15
C SER F 26 16.74 28.89 31.59
N VAL F 27 18.02 28.62 31.83
CA VAL F 27 19.14 29.32 31.16
C VAL F 27 19.25 28.74 29.74
N ARG F 28 19.13 27.42 29.62
CA ARG F 28 18.98 26.73 28.30
C ARG F 28 17.92 25.65 28.42
N GLN F 29 17.15 25.46 27.35
CA GLN F 29 16.36 24.23 27.09
C GLN F 29 17.04 23.57 25.90
N TRP F 30 17.98 22.67 26.18
CA TRP F 30 18.86 22.04 25.18
C TRP F 30 18.11 20.88 24.52
N LYS F 31 18.07 20.92 23.20
CA LYS F 31 17.51 19.84 22.36
C LYS F 31 18.19 18.52 22.71
N HIS F 32 17.41 17.44 22.73
CA HIS F 32 17.94 16.06 22.84
C HIS F 32 19.17 15.91 21.94
N GLY F 33 20.25 15.35 22.45
CA GLY F 33 21.47 15.08 21.69
C GLY F 33 22.49 16.22 21.75
N THR F 34 22.16 17.39 22.30
CA THR F 34 23.14 18.50 22.44
C THR F 34 24.36 18.00 23.22
N LYS F 35 25.58 18.31 22.77
CA LYS F 35 26.83 17.93 23.47
C LYS F 35 27.31 19.10 24.34
N VAL F 36 27.64 18.82 25.60
CA VAL F 36 27.94 19.88 26.60
C VAL F 36 29.10 19.43 27.47
N LYS F 37 29.71 20.38 28.15
CA LYS F 37 30.71 20.12 29.21
C LYS F 37 30.09 20.51 30.56
N LEU F 38 30.19 19.64 31.56
CA LEU F 38 29.53 19.85 32.86
C LEU F 38 30.49 19.42 33.97
N THR F 39 30.22 19.87 35.20
CA THR F 39 30.92 19.40 36.41
C THR F 39 29.87 18.95 37.43
N LYS F 40 30.13 17.85 38.12
CA LYS F 40 29.24 17.34 39.19
C LYS F 40 29.06 18.45 40.23
N HIS F 41 27.83 18.78 40.57
CA HIS F 41 27.49 19.82 41.57
C HIS F 41 27.12 19.14 42.91
N ASN F 42 26.24 18.15 42.86
CA ASN F 42 25.91 17.31 44.03
C ASN F 42 25.45 15.94 43.51
N SER F 43 24.83 15.12 44.36
CA SER F 43 24.48 13.72 44.00
C SER F 43 23.49 13.70 42.83
N HIS F 44 22.68 14.74 42.63
CA HIS F 44 21.57 14.72 41.64
C HIS F 44 21.78 15.76 40.52
N TRP F 45 22.75 16.64 40.62
CA TRP F 45 22.84 17.80 39.70
C TRP F 45 24.27 17.98 39.18
N TYR F 46 24.34 18.41 37.92
CA TYR F 46 25.56 18.92 37.26
C TYR F 46 25.41 20.43 37.16
N THR F 47 26.53 21.11 37.00
CA THR F 47 26.54 22.55 36.68
C THR F 47 27.46 22.79 35.49
N GLY F 48 27.23 23.90 34.80
CA GLY F 48 28.11 24.37 33.74
C GLY F 48 27.91 25.85 33.53
N VAL F 49 28.59 26.40 32.52
CA VAL F 49 28.59 27.85 32.21
C VAL F 49 28.37 28.01 30.71
N VAL F 50 27.55 28.97 30.30
CA VAL F 50 27.32 29.33 28.88
C VAL F 50 27.51 30.84 28.76
N LYS F 51 27.55 31.36 27.53
CA LYS F 51 27.63 32.81 27.28
C LYS F 51 26.27 33.31 26.81
N ASP F 52 25.71 34.30 27.49
CA ASP F 52 24.61 35.16 26.97
C ASP F 52 25.23 36.51 26.58
N GLY F 53 25.55 36.68 25.29
CA GLY F 53 26.42 37.77 24.80
C GLY F 53 27.85 37.56 25.27
N ASN F 54 28.41 38.53 26.00
CA ASN F 54 29.75 38.43 26.64
C ASN F 54 29.62 37.92 28.09
N LYS F 55 28.41 37.88 28.64
CA LYS F 55 28.13 37.49 30.05
C LYS F 55 28.16 35.96 30.19
N SER F 56 29.00 35.46 31.08
CA SER F 56 29.01 34.07 31.59
C SER F 56 27.80 33.84 32.51
N VAL F 57 27.04 32.77 32.28
CA VAL F 57 25.83 32.43 33.09
C VAL F 57 25.97 30.98 33.52
N ARG F 58 25.84 30.72 34.81
CA ARG F 58 25.91 29.35 35.36
C ARG F 58 24.52 28.72 35.32
N GLY F 59 24.48 27.43 35.01
CA GLY F 59 23.24 26.64 35.04
C GLY F 59 23.46 25.32 35.72
N TYR F 60 22.36 24.63 35.96
CA TYR F 60 22.33 23.35 36.69
C TYR F 60 21.38 22.44 35.92
N ILE F 61 21.79 21.19 35.74
CA ILE F 61 20.95 20.21 35.02
C ILE F 61 20.96 18.91 35.81
N TYR F 62 19.79 18.31 35.94
CA TYR F 62 19.56 17.06 36.72
C TYR F 62 20.31 15.91 36.08
N HIS F 63 20.87 15.01 36.89
CA HIS F 63 21.81 13.96 36.43
C HIS F 63 21.23 13.10 35.30
N SER F 64 19.94 12.80 35.33
CA SER F 64 19.31 11.87 34.35
C SER F 64 19.12 12.57 33.00
N MET F 65 19.30 13.89 32.92
CA MET F 65 19.15 14.63 31.65
C MET F 65 20.50 14.85 30.96
N ALA F 66 21.58 14.32 31.53
CA ALA F 66 22.92 14.42 30.98
C ALA F 66 23.55 13.03 30.99
N LYS F 67 23.77 12.48 29.79
CA LYS F 67 24.39 11.15 29.60
C LYS F 67 25.89 11.37 29.44
N VAL F 68 26.68 10.94 30.43
CA VAL F 68 28.13 11.24 30.48
C VAL F 68 28.81 10.20 29.57
N THR F 69 29.55 10.69 28.58
CA THR F 69 30.19 9.88 27.51
C THR F 69 31.69 9.78 27.76
N SER F 70 32.29 10.77 28.45
CA SER F 70 33.71 10.71 28.87
C SER F 70 33.99 11.68 30.03
N LYS F 71 35.13 11.46 30.65
CA LYS F 71 35.62 12.17 31.87
C LYS F 71 36.91 12.90 31.54
N ASN F 72 36.96 14.21 31.77
CA ASN F 72 38.15 15.05 31.47
C ASN F 72 39.07 15.00 32.70
N SER F 73 40.37 15.31 32.50
CA SER F 73 41.43 15.30 33.55
C SER F 73 41.12 16.34 34.63
N ASP F 74 40.55 17.50 34.24
CA ASP F 74 40.24 18.61 35.18
C ASP F 74 39.03 18.28 36.08
N GLY F 75 38.45 17.07 36.01
CA GLY F 75 37.29 16.66 36.83
C GLY F 75 35.94 16.97 36.17
N SER F 76 35.89 17.75 35.08
CA SER F 76 34.66 17.96 34.29
C SER F 76 34.34 16.66 33.51
N VAL F 77 33.13 16.63 32.91
CA VAL F 77 32.66 15.50 32.09
C VAL F 77 32.13 16.05 30.77
N ASN F 78 32.16 15.20 29.75
CA ASN F 78 31.52 15.51 28.45
C ASN F 78 30.23 14.71 28.43
N ALA F 79 29.11 15.36 28.12
CA ALA F 79 27.81 14.66 28.20
C ALA F 79 26.99 15.02 26.98
N THR F 80 26.01 14.15 26.71
CA THR F 80 24.95 14.38 25.70
C THR F 80 23.64 14.60 26.45
N ILE F 81 22.88 15.61 26.05
CA ILE F 81 21.57 15.90 26.71
C ILE F 81 20.59 14.78 26.35
N ASN F 82 19.99 14.23 27.39
CA ASN F 82 18.95 13.17 27.35
C ASN F 82 17.65 13.86 27.79
N ALA F 83 16.87 14.33 26.80
CA ALA F 83 15.65 15.10 27.02
C ALA F 83 14.61 14.19 27.67
N HIS F 84 14.02 14.68 28.75
CA HIS F 84 12.88 14.07 29.46
C HIS F 84 12.35 15.12 30.43
N ALA F 85 11.13 14.90 30.90
CA ALA F 85 10.49 15.74 31.91
C ALA F 85 10.20 14.87 33.14
N PHE F 86 9.58 15.50 34.10
CA PHE F 86 9.14 14.86 35.36
C PHE F 86 7.74 15.33 35.67
N CYS F 87 6.99 14.50 36.38
CA CYS F 87 5.83 14.97 37.15
C CYS F 87 5.98 14.43 38.58
N TRP F 88 5.42 15.15 39.54
CA TRP F 88 5.62 14.90 40.99
C TRP F 88 4.26 14.76 41.66
N ASP F 89 4.19 13.93 42.70
CA ASP F 89 2.93 13.77 43.46
C ASP F 89 2.77 14.94 44.44
N ASN F 90 3.62 15.96 44.38
CA ASN F 90 3.40 17.18 45.20
C ASN F 90 3.98 18.41 44.50
N LYS F 91 3.59 19.61 44.95
CA LYS F 91 3.88 20.88 44.25
C LYS F 91 5.21 21.49 44.69
N LYS F 92 6.03 20.77 45.46
CA LYS F 92 7.41 21.18 45.79
C LYS F 92 8.36 20.79 44.64
N LEU F 93 7.95 19.85 43.77
CA LEU F 93 8.72 19.36 42.61
C LEU F 93 10.09 18.92 43.12
N ASN F 94 10.12 18.16 44.19
CA ASN F 94 11.40 17.77 44.83
C ASN F 94 11.20 16.47 45.59
N GLY F 95 11.76 15.37 45.07
CA GLY F 95 11.60 14.04 45.67
C GLY F 95 10.12 13.66 45.83
N GLY F 96 9.80 12.94 46.90
CA GLY F 96 8.53 12.21 47.05
C GLY F 96 8.38 11.23 45.92
N ASP F 97 7.17 11.08 45.41
CA ASP F 97 6.89 10.14 44.29
C ASP F 97 6.96 10.98 43.00
N PHE F 98 7.80 10.59 42.05
CA PHE F 98 7.92 11.30 40.75
C PHE F 98 8.08 10.30 39.62
N ILE F 99 7.71 10.69 38.41
CA ILE F 99 7.80 9.84 37.20
C ILE F 99 8.63 10.55 36.12
N ASN F 100 9.59 9.83 35.55
CA ASN F 100 10.35 10.25 34.34
C ASN F 100 9.40 10.17 33.13
N LEU F 101 8.99 11.29 32.55
CA LEU F 101 8.17 11.34 31.32
C LEU F 101 9.11 11.44 30.11
N LYS F 102 9.07 10.46 29.20
CA LYS F 102 9.93 10.45 27.98
C LYS F 102 9.65 11.69 27.13
N ARG F 103 10.66 12.18 26.44
CA ARG F 103 10.48 13.28 25.45
C ARG F 103 9.36 12.86 24.48
N GLY F 104 8.45 13.77 24.16
CA GLY F 104 7.34 13.46 23.24
C GLY F 104 6.17 12.76 23.91
N PHE F 105 6.26 12.41 25.19
CA PHE F 105 5.11 11.83 25.94
C PHE F 105 3.89 12.71 25.69
N LYS F 106 2.78 12.08 25.32
CA LYS F 106 1.50 12.76 25.01
C LYS F 106 0.60 12.59 26.23
N GLY F 107 0.09 13.69 26.76
CA GLY F 107 -0.78 13.64 27.94
C GLY F 107 -1.96 14.54 27.77
N ILE F 108 -2.89 14.43 28.71
CA ILE F 108 -4.07 15.32 28.80
C ILE F 108 -4.05 15.89 30.22
N THR F 109 -4.24 17.19 30.34
CA THR F 109 -4.25 17.88 31.63
C THR F 109 -5.42 18.88 31.56
N HIS F 110 -5.50 19.74 32.56
CA HIS F 110 -6.60 20.70 32.73
C HIS F 110 -5.99 22.04 33.10
N PRO F 111 -6.64 23.15 32.69
CA PRO F 111 -6.18 24.49 33.05
C PRO F 111 -5.88 24.56 34.54
N ALA F 112 -4.67 24.98 34.89
CA ALA F 112 -4.21 25.17 36.27
C ALA F 112 -3.81 26.64 36.45
N SER F 113 -4.54 27.35 37.29
CA SER F 113 -4.28 28.77 37.67
C SER F 113 -2.91 28.89 38.35
N ASP F 114 -2.49 27.87 39.11
CA ASP F 114 -1.23 27.92 39.93
C ASP F 114 -0.04 27.33 39.14
N GLY F 115 -0.22 26.97 37.87
CA GLY F 115 0.89 26.47 37.04
C GLY F 115 1.32 25.03 37.34
N PHE F 116 0.62 24.32 38.22
CA PHE F 116 0.88 22.87 38.47
C PHE F 116 -0.22 22.05 37.74
N TYR F 117 0.13 21.53 36.57
CA TYR F 117 -0.82 20.87 35.63
C TYR F 117 -0.98 19.41 36.05
N PRO F 118 -2.21 18.97 36.33
CA PRO F 118 -2.46 17.58 36.77
C PRO F 118 -2.39 16.56 35.64
N LEU F 119 -1.70 15.45 35.90
CA LEU F 119 -1.65 14.25 35.07
C LEU F 119 -2.17 13.04 35.87
N TYR F 120 -3.25 12.40 35.46
CA TYR F 120 -3.77 11.18 36.10
C TYR F 120 -3.20 9.93 35.42
N PHE F 121 -2.42 9.15 36.17
CA PHE F 121 -1.89 7.84 35.69
C PHE F 121 -2.76 6.70 36.20
N ALA F 122 -3.46 5.98 35.32
CA ALA F 122 -4.31 4.82 35.66
C ALA F 122 -3.51 3.82 36.50
N SER F 123 -2.35 3.39 35.98
CA SER F 123 -1.45 2.38 36.58
C SER F 123 -1.08 2.76 38.02
N ARG F 124 -1.07 4.05 38.35
CA ARG F 124 -0.67 4.52 39.69
C ARG F 124 -1.85 4.85 40.56
N LYS F 125 -3.02 5.18 40.01
CA LYS F 125 -4.24 5.55 40.76
C LYS F 125 -4.04 6.89 41.47
N LYS F 126 -3.22 7.79 40.90
CA LYS F 126 -2.75 9.01 41.60
C LYS F 126 -2.56 10.17 40.61
N THR F 127 -2.87 11.42 41.01
CA THR F 127 -2.58 12.63 40.24
C THR F 127 -1.14 13.06 40.51
N PHE F 128 -0.37 13.28 39.46
CA PHE F 128 0.95 13.93 39.50
C PHE F 128 0.81 15.33 38.89
N TYR F 129 1.84 16.16 39.09
CA TYR F 129 1.87 17.56 38.64
C TYR F 129 3.12 17.80 37.79
N ILE F 130 2.94 18.50 36.69
CA ILE F 130 4.01 18.91 35.74
C ILE F 130 3.94 20.42 35.60
N PRO F 131 5.08 21.13 35.75
CA PRO F 131 5.09 22.58 35.56
C PRO F 131 5.01 22.96 34.07
N ARG F 132 4.50 24.16 33.78
CA ARG F 132 4.19 24.66 32.43
C ARG F 132 5.42 24.55 31.52
N TYR F 133 6.62 24.80 32.03
CA TYR F 133 7.83 24.95 31.18
C TYR F 133 8.28 23.60 30.64
N MET F 134 7.72 22.48 31.06
CA MET F 134 8.19 21.13 30.60
C MET F 134 7.35 20.59 29.44
N PHE F 135 6.36 21.32 28.94
CA PHE F 135 5.51 20.78 27.84
C PHE F 135 5.08 21.90 26.88
N ASP F 136 4.66 21.47 25.69
CA ASP F 136 3.98 22.36 24.72
C ASP F 136 2.49 21.97 24.61
N ILE F 137 1.68 22.96 24.31
CA ILE F 137 0.26 22.83 23.91
C ILE F 137 0.22 23.09 22.40
N LYS F 138 -0.17 22.09 21.60
CA LYS F 138 -0.36 22.20 20.12
C LYS F 138 -1.38 23.29 19.76
N LYS F 139 -0.98 24.24 18.89
CA LYS F 139 -1.84 25.35 18.39
C LYS F 139 -2.72 24.80 17.25
N MET G 1 23.24 63.01 -6.64
CA MET G 1 24.13 62.77 -5.50
C MET G 1 23.92 61.34 -4.97
N MET G 2 25.01 60.69 -4.54
CA MET G 2 25.00 59.33 -3.93
C MET G 2 24.50 59.45 -2.48
N GLU G 3 23.68 58.51 -2.03
CA GLU G 3 23.04 58.51 -0.67
C GLU G 3 23.31 57.16 0.00
N ASN G 4 23.46 57.16 1.32
CA ASN G 4 23.45 55.90 2.09
C ASN G 4 22.20 55.85 2.98
N ILE G 5 21.83 54.64 3.39
CA ILE G 5 20.65 54.32 4.22
C ILE G 5 21.17 53.48 5.38
N ASN G 6 20.91 53.89 6.61
CA ASN G 6 21.17 53.03 7.80
C ASN G 6 19.98 52.08 7.92
N ILE G 7 20.24 50.78 8.10
CA ILE G 7 19.17 49.76 8.15
C ILE G 7 19.41 48.91 9.39
N VAL G 8 18.33 48.28 9.86
CA VAL G 8 18.42 47.27 10.94
C VAL G 8 17.59 46.08 10.49
N ILE G 9 18.17 44.89 10.62
CA ILE G 9 17.50 43.63 10.23
C ILE G 9 16.38 43.41 11.26
N LYS G 10 15.19 43.07 10.75
CA LYS G 10 13.98 42.94 11.58
C LYS G 10 14.16 41.84 12.60
N ASP G 11 13.40 41.96 13.69
CA ASP G 11 13.39 40.98 14.81
C ASP G 11 12.32 39.93 14.52
N VAL G 12 12.18 39.48 13.26
CA VAL G 12 11.10 38.56 12.82
C VAL G 12 11.66 37.38 12.01
N GLY G 13 10.88 36.30 11.98
CA GLY G 13 10.94 35.22 10.97
C GLY G 13 9.91 35.47 9.88
N TYR G 14 10.15 34.97 8.67
CA TYR G 14 9.36 35.31 7.46
C TYR G 14 8.51 34.09 7.07
N PHE G 15 7.20 34.22 7.26
CA PHE G 15 6.18 33.22 6.88
C PHE G 15 5.61 33.70 5.55
N GLN G 16 6.18 33.23 4.43
CA GLN G 16 5.91 33.78 3.07
C GLN G 16 4.74 33.02 2.43
N ASP G 17 4.09 33.60 1.42
CA ASP G 17 2.98 32.93 0.71
C ASP G 17 3.51 31.81 -0.20
N LYS G 18 4.83 31.71 -0.40
CA LYS G 18 5.51 30.69 -1.22
C LYS G 18 6.79 30.29 -0.54
N PRO G 19 7.32 29.07 -0.78
CA PRO G 19 8.59 28.66 -0.20
C PRO G 19 9.77 29.24 -1.00
N GLN G 20 9.83 30.56 -1.08
CA GLN G 20 10.91 31.28 -1.82
C GLN G 20 11.00 32.69 -1.23
N PHE G 21 12.17 33.31 -1.27
CA PHE G 21 12.43 34.66 -0.76
C PHE G 21 12.15 35.72 -1.83
N LEU G 22 12.31 35.39 -3.11
CA LEU G 22 12.10 36.35 -4.23
C LEU G 22 10.64 36.26 -4.71
N ASN G 23 9.97 37.38 -4.92
CA ASN G 23 8.61 37.50 -5.47
C ASN G 23 7.63 36.76 -4.56
N SER G 24 7.84 36.79 -3.25
CA SER G 24 6.89 36.27 -2.24
C SER G 24 6.43 37.42 -1.33
N LYS G 25 5.22 37.32 -0.81
CA LYS G 25 4.65 38.27 0.17
C LYS G 25 4.68 37.59 1.54
N SER G 26 4.87 38.38 2.59
CA SER G 26 4.83 37.87 3.98
C SER G 26 3.36 37.69 4.36
N VAL G 27 2.95 36.47 4.68
CA VAL G 27 1.64 36.17 5.30
C VAL G 27 1.75 36.57 6.78
N ARG G 28 2.86 36.25 7.43
CA ARG G 28 3.19 36.72 8.80
C ARG G 28 4.68 37.08 8.86
N GLN G 29 5.00 38.13 9.63
CA GLN G 29 6.36 38.41 10.10
C GLN G 29 6.29 38.24 11.62
N TRP G 30 6.60 37.04 12.07
CA TRP G 30 6.46 36.63 13.48
C TRP G 30 7.68 37.10 14.26
N LYS G 31 7.43 37.84 15.33
CA LYS G 31 8.45 38.31 16.29
C LYS G 31 9.25 37.12 16.80
N HIS G 32 10.55 37.30 16.98
CA HIS G 32 11.45 36.34 17.68
C HIS G 32 10.73 35.81 18.91
N GLY G 33 10.71 34.50 19.12
CA GLY G 33 10.13 33.86 20.30
C GLY G 33 8.64 33.50 20.14
N THR G 34 7.95 33.93 19.08
CA THR G 34 6.56 33.50 18.79
C THR G 34 6.50 31.97 18.75
N LYS G 35 5.50 31.37 19.38
CA LYS G 35 5.27 29.91 19.38
C LYS G 35 4.22 29.58 18.30
N VAL G 36 4.51 28.59 17.46
CA VAL G 36 3.67 28.25 16.28
C VAL G 36 3.59 26.73 16.15
N LYS G 37 2.65 26.28 15.34
CA LYS G 37 2.59 24.88 14.86
C LYS G 37 2.96 24.88 13.37
N LEU G 38 3.83 23.96 12.95
CA LEU G 38 4.27 23.89 11.53
C LEU G 38 4.36 22.42 11.12
N THR G 39 4.40 22.19 9.81
CA THR G 39 4.65 20.83 9.24
C THR G 39 5.81 20.95 8.25
N LYS G 40 6.70 19.98 8.26
CA LYS G 40 7.85 19.94 7.32
C LYS G 40 7.27 19.95 5.90
N HIS G 41 7.72 20.87 5.04
CA HIS G 41 7.27 21.00 3.63
C HIS G 41 8.31 20.34 2.72
N ASN G 42 9.59 20.64 2.91
CA ASN G 42 10.71 19.97 2.21
C ASN G 42 11.96 20.09 3.09
N SER G 43 13.15 19.83 2.56
CA SER G 43 14.39 19.78 3.37
C SER G 43 14.66 21.16 4.02
N HIS G 44 14.22 22.26 3.43
CA HIS G 44 14.61 23.63 3.85
C HIS G 44 13.41 24.43 4.35
N TRP G 45 12.19 23.95 4.22
CA TRP G 45 10.98 24.77 4.49
C TRP G 45 9.98 24.02 5.36
N TYR G 46 9.30 24.76 6.22
CA TYR G 46 8.09 24.36 6.95
C TYR G 46 6.92 25.09 6.30
N THR G 47 5.73 24.56 6.51
CA THR G 47 4.48 25.22 6.11
C THR G 47 3.52 25.21 7.30
N GLY G 48 2.53 26.09 7.26
CA GLY G 48 1.41 26.09 8.21
C GLY G 48 0.30 26.91 7.64
N VAL G 49 -0.76 27.06 8.43
CA VAL G 49 -2.01 27.77 8.02
C VAL G 49 -2.38 28.74 9.13
N VAL G 50 -2.78 29.95 8.76
CA VAL G 50 -3.26 30.98 9.71
C VAL G 50 -4.60 31.48 9.18
N LYS G 51 -5.33 32.22 10.01
CA LYS G 51 -6.64 32.81 9.60
C LYS G 51 -6.43 34.30 9.39
N ASP G 52 -6.77 34.82 8.22
CA ASP G 52 -6.96 36.27 7.94
C ASP G 52 -8.47 36.49 7.84
N GLY G 53 -9.10 36.90 8.95
CA GLY G 53 -10.56 36.88 9.12
C GLY G 53 -11.06 35.45 9.22
N ASN G 54 -11.97 35.06 8.32
CA ASN G 54 -12.51 33.67 8.20
C ASN G 54 -11.67 32.87 7.19
N LYS G 55 -10.83 33.53 6.39
CA LYS G 55 -10.02 32.92 5.30
C LYS G 55 -8.78 32.23 5.90
N SER G 56 -8.64 30.94 5.66
CA SER G 56 -7.40 30.15 5.89
C SER G 56 -6.36 30.52 4.82
N VAL G 57 -5.13 30.84 5.22
CA VAL G 57 -4.02 31.17 4.29
C VAL G 57 -2.81 30.31 4.66
N ARG G 58 -2.21 29.67 3.67
CA ARG G 58 -1.00 28.84 3.88
C ARG G 58 0.25 29.73 3.77
N GLY G 59 1.24 29.44 4.60
CA GLY G 59 2.54 30.09 4.54
C GLY G 59 3.66 29.08 4.64
N TYR G 60 4.86 29.57 4.38
CA TYR G 60 6.10 28.77 4.31
C TYR G 60 7.18 29.54 5.07
N ILE G 61 7.93 28.88 5.92
CA ILE G 61 9.03 29.53 6.65
C ILE G 61 10.26 28.63 6.58
N TYR G 62 11.40 29.25 6.36
CA TYR G 62 12.70 28.57 6.17
C TYR G 62 13.10 27.89 7.48
N HIS G 63 13.74 26.72 7.39
CA HIS G 63 13.98 25.81 8.53
C HIS G 63 14.74 26.51 9.66
N SER G 64 15.68 27.41 9.33
CA SER G 64 16.59 28.01 10.34
C SER G 64 15.83 29.10 11.11
N MET G 65 14.61 29.48 10.69
CA MET G 65 13.80 30.48 11.40
C MET G 65 12.79 29.81 12.35
N ALA G 66 12.85 28.49 12.51
CA ALA G 66 11.93 27.74 13.39
C ALA G 66 12.72 26.74 14.22
N LYS G 67 12.71 26.93 15.55
CA LYS G 67 13.36 26.02 16.51
C LYS G 67 12.28 25.05 17.01
N VAL G 68 12.40 23.78 16.69
CA VAL G 68 11.40 22.75 17.05
C VAL G 68 11.63 22.36 18.52
N THR G 69 10.60 22.50 19.35
CA THR G 69 10.65 22.21 20.82
C THR G 69 9.91 20.89 21.12
N SER G 70 8.95 20.47 20.30
CA SER G 70 8.28 19.15 20.42
C SER G 70 7.61 18.71 19.13
N LYS G 71 7.25 17.43 19.07
CA LYS G 71 6.71 16.73 17.86
C LYS G 71 5.30 16.21 18.18
N ASN G 72 4.31 16.57 17.37
CA ASN G 72 2.90 16.12 17.54
C ASN G 72 2.72 14.78 16.84
N SER G 73 1.70 14.02 17.22
CA SER G 73 1.38 12.64 16.70
C SER G 73 1.00 12.73 15.22
N ASP G 74 0.32 13.80 14.79
CA ASP G 74 -0.12 13.99 13.38
C ASP G 74 1.07 14.34 12.44
N GLY G 75 2.32 14.34 12.92
CA GLY G 75 3.52 14.65 12.12
C GLY G 75 3.87 16.13 12.10
N SER G 76 3.01 17.02 12.59
CA SER G 76 3.36 18.46 12.79
C SER G 76 4.34 18.62 13.95
N VAL G 77 4.90 19.82 14.10
CA VAL G 77 5.86 20.15 15.19
C VAL G 77 5.41 21.44 15.85
N ASN G 78 5.82 21.62 17.11
CA ASN G 78 5.63 22.88 17.84
C ASN G 78 6.99 23.57 17.82
N ALA G 79 7.03 24.82 17.43
CA ALA G 79 8.31 25.50 17.21
C ALA G 79 8.23 26.92 17.75
N THR G 80 9.41 27.47 18.02
CA THR G 80 9.60 28.88 18.41
C THR G 80 10.30 29.58 17.25
N ILE G 81 9.81 30.73 16.86
CA ILE G 81 10.43 31.53 15.77
C ILE G 81 11.80 32.05 16.23
N ASN G 82 12.81 31.77 15.41
CA ASN G 82 14.20 32.26 15.50
C ASN G 82 14.40 33.29 14.40
N ALA G 83 14.20 34.56 14.71
CA ALA G 83 14.29 35.70 13.78
C ALA G 83 15.73 35.81 13.26
N HIS G 84 15.84 35.90 11.94
CA HIS G 84 17.10 36.29 11.23
C HIS G 84 16.72 36.59 9.79
N ALA G 85 17.62 37.26 9.07
CA ALA G 85 17.43 37.59 7.65
C ALA G 85 18.56 36.91 6.86
N PHE G 86 18.59 37.17 5.57
CA PHE G 86 19.64 36.69 4.64
C PHE G 86 20.02 37.83 3.71
N CYS G 87 21.25 37.79 3.21
CA CYS G 87 21.59 38.49 1.95
C CYS G 87 22.28 37.47 1.02
N TRP G 88 22.17 37.71 -0.29
CA TRP G 88 22.60 36.75 -1.32
C TRP G 88 23.59 37.44 -2.27
N ASP G 89 24.52 36.67 -2.83
CA ASP G 89 25.48 37.21 -3.80
C ASP G 89 24.84 37.33 -5.17
N ASN G 90 23.54 37.11 -5.29
CA ASN G 90 22.84 37.36 -6.58
C ASN G 90 21.37 37.69 -6.33
N LYS G 91 20.69 38.21 -7.35
CA LYS G 91 19.32 38.76 -7.22
C LYS G 91 18.24 37.69 -7.40
N LYS G 92 18.60 36.41 -7.46
CA LYS G 92 17.61 35.29 -7.46
C LYS G 92 17.18 34.99 -6.01
N LEU G 93 17.99 35.38 -5.02
CA LEU G 93 17.71 35.16 -3.58
C LEU G 93 17.48 33.66 -3.37
N ASN G 94 18.34 32.84 -3.94
CA ASN G 94 18.14 31.38 -3.89
C ASN G 94 19.49 30.69 -4.01
N GLY G 95 19.98 30.09 -2.93
CA GLY G 95 21.29 29.40 -2.89
C GLY G 95 22.42 30.32 -3.33
N GLY G 96 23.41 29.78 -4.03
CA GLY G 96 24.69 30.45 -4.29
C GLY G 96 25.35 30.78 -2.97
N ASP G 97 25.97 31.95 -2.86
CA ASP G 97 26.63 32.39 -1.62
C ASP G 97 25.60 33.28 -0.89
N PHE G 98 25.27 32.93 0.34
CA PHE G 98 24.34 33.71 1.18
C PHE G 98 24.88 33.78 2.60
N ILE G 99 24.47 34.83 3.31
CA ILE G 99 24.93 35.09 4.71
C ILE G 99 23.67 35.20 5.59
N ASN G 100 23.66 34.48 6.70
CA ASN G 100 22.68 34.61 7.79
C ASN G 100 22.95 35.93 8.52
N LEU G 101 22.06 36.93 8.40
CA LEU G 101 22.17 38.21 9.14
C LEU G 101 21.36 38.11 10.44
N LYS G 102 22.00 38.23 11.60
CA LYS G 102 21.34 38.09 12.93
C LYS G 102 20.27 39.16 13.08
N ARG G 103 19.19 38.87 13.79
CA ARG G 103 18.17 39.89 14.11
C ARG G 103 18.88 41.11 14.73
N GLY G 104 18.50 42.30 14.34
CA GLY G 104 19.10 43.54 14.88
C GLY G 104 20.42 43.90 14.22
N PHE G 105 20.95 43.10 13.30
CA PHE G 105 22.17 43.45 12.54
C PHE G 105 21.99 44.86 11.98
N LYS G 106 22.98 45.72 12.20
CA LYS G 106 23.00 47.13 11.75
C LYS G 106 23.87 47.19 10.48
N GLY G 107 23.31 47.72 9.40
CA GLY G 107 24.06 47.80 8.14
C GLY G 107 23.88 49.15 7.51
N ILE G 108 24.57 49.32 6.40
CA ILE G 108 24.47 50.49 5.49
C ILE G 108 24.20 49.93 4.11
N THR G 109 23.27 50.53 3.39
CA THR G 109 22.98 50.19 1.98
C THR G 109 22.78 51.50 1.24
N HIS G 110 22.25 51.44 0.03
CA HIS G 110 22.03 52.58 -0.87
C HIS G 110 20.66 52.40 -1.48
N PRO G 111 19.99 53.51 -1.84
CA PRO G 111 18.71 53.46 -2.56
C PRO G 111 18.86 52.51 -3.75
N ALA G 112 17.97 51.53 -3.83
CA ALA G 112 17.88 50.56 -4.94
C ALA G 112 16.49 50.68 -5.56
N SER G 113 16.45 51.15 -6.81
CA SER G 113 15.24 51.27 -7.65
C SER G 113 14.63 49.87 -7.87
N ASP G 114 15.45 48.81 -7.94
CA ASP G 114 14.99 47.44 -8.29
C ASP G 114 14.69 46.62 -7.02
N GLY G 115 14.79 47.22 -5.83
CA GLY G 115 14.43 46.55 -4.57
C GLY G 115 15.49 45.57 -4.08
N PHE G 116 16.65 45.46 -4.75
CA PHE G 116 17.77 44.63 -4.26
C PHE G 116 18.82 45.53 -3.63
N TYR G 117 18.81 45.63 -2.30
CA TYR G 117 19.62 46.61 -1.55
C TYR G 117 21.01 46.03 -1.36
N PRO G 118 22.05 46.75 -1.86
CA PRO G 118 23.42 46.23 -1.81
C PRO G 118 24.06 46.38 -0.44
N LEU G 119 24.76 45.32 -0.03
CA LEU G 119 25.58 45.26 1.20
C LEU G 119 27.01 44.91 0.76
N TYR G 120 27.93 45.86 0.98
CA TYR G 120 29.38 45.65 0.81
C TYR G 120 29.96 45.24 2.15
N PHE G 121 30.45 44.03 2.24
CA PHE G 121 31.21 43.48 3.39
C PHE G 121 32.72 43.60 3.06
N ALA G 122 33.47 44.35 3.89
CA ALA G 122 34.94 44.52 3.79
C ALA G 122 35.64 43.17 3.54
N SER G 123 35.43 42.20 4.43
CA SER G 123 36.07 40.86 4.43
C SER G 123 35.83 40.15 3.09
N ARG G 124 34.75 40.47 2.40
CA ARG G 124 34.35 39.85 1.09
C ARG G 124 34.71 40.89 0.01
N LYS G 125 34.89 40.49 -1.22
CA LYS G 125 35.13 41.50 -2.27
C LYS G 125 33.96 41.37 -3.26
N LYS G 126 32.76 41.17 -2.74
CA LYS G 126 31.55 41.23 -3.61
C LYS G 126 30.35 41.78 -2.85
N THR G 127 29.37 42.13 -3.66
CA THR G 127 28.10 42.76 -3.23
C THR G 127 27.15 41.62 -2.86
N PHE G 128 26.54 41.71 -1.69
CA PHE G 128 25.36 40.89 -1.34
C PHE G 128 24.12 41.78 -1.44
N TYR G 129 22.96 41.14 -1.58
CA TYR G 129 21.67 41.82 -1.79
C TYR G 129 20.69 41.32 -0.73
N ILE G 130 19.94 42.27 -0.17
CA ILE G 130 18.87 42.03 0.83
C ILE G 130 17.62 42.69 0.29
N PRO G 131 16.47 41.97 0.28
CA PRO G 131 15.21 42.57 -0.15
C PRO G 131 14.63 43.50 0.94
N ARG G 132 13.80 44.45 0.53
CA ARG G 132 13.25 45.54 1.37
C ARG G 132 12.58 44.97 2.63
N TYR G 133 11.86 43.85 2.50
CA TYR G 133 10.97 43.34 3.56
C TYR G 133 11.77 42.77 4.73
N MET G 134 13.07 42.63 4.63
CA MET G 134 13.88 42.02 5.73
C MET G 134 14.53 43.07 6.64
N PHE G 135 14.32 44.36 6.41
CA PHE G 135 14.96 45.38 7.27
C PHE G 135 14.04 46.59 7.48
N ASP G 136 14.35 47.37 8.51
CA ASP G 136 13.73 48.71 8.71
C ASP G 136 14.78 49.80 8.43
N ILE G 137 14.32 50.96 8.02
CA ILE G 137 15.13 52.19 7.89
C ILE G 137 14.97 53.07 9.14
N LYS G 138 16.06 53.18 9.92
CA LYS G 138 16.25 54.13 11.04
C LYS G 138 16.27 55.54 10.40
N LYS G 139 15.27 56.38 10.67
CA LYS G 139 14.82 57.51 9.79
C LYS G 139 15.83 58.67 9.75
N MET H 1 -34.10 29.79 -11.47
CA MET H 1 -33.17 30.58 -10.58
C MET H 1 -31.94 29.72 -10.25
N MET H 2 -32.08 28.39 -10.11
CA MET H 2 -30.92 27.43 -10.14
C MET H 2 -30.46 27.27 -11.59
N GLU H 3 -29.16 27.20 -11.84
CA GLU H 3 -28.56 27.10 -13.21
C GLU H 3 -27.54 25.96 -13.22
N ASN H 4 -27.33 25.29 -14.33
CA ASN H 4 -26.18 24.38 -14.53
C ASN H 4 -25.24 24.95 -15.59
N ILE H 5 -23.99 24.48 -15.57
CA ILE H 5 -22.86 24.90 -16.45
C ILE H 5 -22.26 23.61 -16.98
N ASN H 6 -22.14 23.45 -18.29
CA ASN H 6 -21.34 22.37 -18.89
C ASN H 6 -19.88 22.78 -18.85
N ILE H 7 -19.01 21.88 -18.42
CA ILE H 7 -17.57 22.17 -18.30
C ILE H 7 -16.79 21.08 -19.00
N VAL H 8 -15.58 21.41 -19.43
CA VAL H 8 -14.62 20.42 -19.95
C VAL H 8 -13.29 20.70 -19.26
N ILE H 9 -12.68 19.64 -18.74
CA ILE H 9 -11.38 19.72 -18.05
C ILE H 9 -10.33 20.04 -19.13
N LYS H 10 -9.46 21.00 -18.84
CA LYS H 10 -8.48 21.52 -19.82
C LYS H 10 -7.50 20.41 -20.19
N ASP H 11 -6.88 20.54 -21.34
CA ASP H 11 -5.84 19.62 -21.88
C ASP H 11 -4.45 20.05 -21.38
N VAL H 12 -4.34 20.50 -20.13
CA VAL H 12 -3.09 21.11 -19.57
C VAL H 12 -2.69 20.51 -18.24
N GLY H 13 -1.41 20.66 -17.90
CA GLY H 13 -0.85 20.53 -16.54
C GLY H 13 -0.68 21.91 -15.93
N TYR H 14 -0.73 22.01 -14.60
CA TYR H 14 -0.84 23.30 -13.89
C TYR H 14 0.50 23.63 -13.23
N PHE H 15 1.17 24.64 -13.76
CA PHE H 15 2.43 25.19 -13.21
C PHE H 15 2.04 26.41 -12.39
N GLN H 16 1.82 26.22 -11.09
CA GLN H 16 1.19 27.25 -10.21
C GLN H 16 2.27 28.13 -9.57
N ASP H 17 1.92 29.32 -9.09
CA ASP H 17 2.91 30.22 -8.43
C ASP H 17 3.26 29.70 -7.03
N LYS H 18 2.56 28.68 -6.52
CA LYS H 18 2.82 28.06 -5.20
C LYS H 18 2.59 26.57 -5.32
N PRO H 19 3.22 25.73 -4.46
CA PRO H 19 2.99 24.29 -4.49
C PRO H 19 1.70 23.91 -3.77
N GLN H 20 0.59 24.45 -4.23
CA GLN H 20 -0.75 24.22 -3.65
C GLN H 20 -1.78 24.53 -4.76
N PHE H 21 -2.93 23.87 -4.71
CA PHE H 21 -4.02 24.07 -5.67
C PHE H 21 -4.97 25.18 -5.23
N LEU H 22 -5.07 25.45 -3.93
CA LEU H 22 -5.96 26.51 -3.38
C LEU H 22 -5.19 27.83 -3.30
N ASN H 23 -5.81 28.93 -3.72
CA ASN H 23 -5.27 30.31 -3.64
C ASN H 23 -3.96 30.40 -4.43
N SER H 24 -3.84 29.67 -5.53
CA SER H 24 -2.67 29.80 -6.43
C SER H 24 -3.10 30.26 -7.81
N LYS H 25 -2.23 30.97 -8.51
CA LYS H 25 -2.41 31.40 -9.91
C LYS H 25 -1.54 30.53 -10.79
N SER H 26 -1.99 30.25 -12.00
CA SER H 26 -1.21 29.49 -13.01
C SER H 26 -0.16 30.43 -13.61
N VAL H 27 1.11 30.09 -13.44
CA VAL H 27 2.24 30.75 -14.14
C VAL H 27 2.24 30.22 -15.58
N ARG H 28 2.02 28.92 -15.76
CA ARG H 28 1.81 28.29 -17.09
C ARG H 28 0.73 27.22 -16.97
N GLN H 29 -0.07 27.10 -18.03
CA GLN H 29 -0.94 25.95 -18.28
C GLN H 29 -0.38 25.26 -19.52
N TRP H 30 0.47 24.28 -19.31
CA TRP H 30 1.23 23.60 -20.37
C TRP H 30 0.37 22.50 -20.99
N LYS H 31 0.19 22.55 -22.29
CA LYS H 31 -0.52 21.54 -23.10
C LYS H 31 0.09 20.16 -22.83
N HIS H 32 -0.77 19.15 -22.77
CA HIS H 32 -0.37 17.72 -22.75
C HIS H 32 0.78 17.50 -23.73
N GLY H 33 1.86 16.85 -23.31
CA GLY H 33 3.01 16.52 -24.17
C GLY H 33 4.10 17.60 -24.19
N THR H 34 3.88 18.78 -23.64
CA THR H 34 4.94 19.84 -23.55
C THR H 34 6.17 19.25 -22.85
N LYS H 35 7.36 19.52 -23.37
CA LYS H 35 8.65 19.10 -22.79
C LYS H 35 9.22 20.27 -21.97
N VAL H 36 9.65 20.00 -20.73
CA VAL H 36 10.07 21.05 -19.78
C VAL H 36 11.29 20.57 -19.01
N LYS H 37 11.96 21.50 -18.35
CA LYS H 37 13.00 21.22 -17.34
C LYS H 37 12.45 21.58 -15.95
N LEU H 38 12.62 20.71 -14.97
CA LEU H 38 12.07 20.86 -13.61
C LEU H 38 13.12 20.40 -12.61
N THR H 39 12.94 20.76 -11.34
CA THR H 39 13.73 20.22 -10.21
C THR H 39 12.74 19.71 -9.16
N LYS H 40 13.03 18.58 -8.58
CA LYS H 40 12.20 18.02 -7.46
C LYS H 40 12.15 19.08 -6.34
N HIS H 41 10.98 19.47 -5.88
CA HIS H 41 10.77 20.47 -4.82
C HIS H 41 10.48 19.75 -3.50
N ASN H 42 9.56 18.78 -3.51
CA ASN H 42 9.31 17.89 -2.36
C ASN H 42 8.74 16.57 -2.88
N SER H 43 8.15 15.74 -2.03
CA SER H 43 7.70 14.38 -2.43
C SER H 43 6.63 14.46 -3.53
N HIS H 44 5.85 15.54 -3.60
CA HIS H 44 4.66 15.63 -4.47
C HIS H 44 4.81 16.73 -5.54
N TRP H 45 5.85 17.55 -5.49
CA TRP H 45 5.92 18.75 -6.35
C TRP H 45 7.28 18.89 -7.00
N TYR H 46 7.27 19.38 -8.22
CA TYR H 46 8.44 19.87 -8.97
C TYR H 46 8.35 21.38 -9.00
N THR H 47 9.48 22.03 -9.23
CA THR H 47 9.55 23.48 -9.44
C THR H 47 10.39 23.75 -10.69
N GLY H 48 10.22 24.92 -11.28
CA GLY H 48 11.08 25.42 -12.35
C GLY H 48 10.90 26.92 -12.48
N VAL H 49 11.57 27.50 -13.47
CA VAL H 49 11.60 28.97 -13.71
C VAL H 49 11.33 29.20 -15.20
N VAL H 50 10.49 30.18 -15.51
CA VAL H 50 10.17 30.60 -16.90
C VAL H 50 10.38 32.11 -16.97
N LYS H 51 10.40 32.67 -18.16
CA LYS H 51 10.55 34.14 -18.38
C LYS H 51 9.17 34.70 -18.76
N ASP H 52 8.68 35.69 -18.01
CA ASP H 52 7.56 36.58 -18.44
C ASP H 52 8.20 37.93 -18.81
N GLY H 53 8.47 38.14 -20.10
CA GLY H 53 9.37 39.20 -20.59
C GLY H 53 10.80 38.93 -20.17
N ASN H 54 11.43 39.87 -19.44
CA ASN H 54 12.79 39.73 -18.86
C ASN H 54 12.70 39.20 -17.43
N LYS H 55 11.51 39.14 -16.84
CA LYS H 55 11.29 38.71 -15.43
C LYS H 55 11.29 37.18 -15.37
N SER H 56 12.18 36.59 -14.56
CA SER H 56 12.18 35.17 -14.14
C SER H 56 11.02 34.94 -13.15
N VAL H 57 10.20 33.92 -13.36
CA VAL H 57 9.04 33.57 -12.48
C VAL H 57 9.15 32.08 -12.14
N ARG H 58 9.09 31.77 -10.85
CA ARG H 58 9.13 30.37 -10.36
C ARG H 58 7.72 29.78 -10.34
N GLY H 59 7.61 28.50 -10.72
CA GLY H 59 6.35 27.76 -10.64
C GLY H 59 6.56 26.40 -10.03
N TYR H 60 5.44 25.75 -9.76
CA TYR H 60 5.37 24.45 -9.06
C TYR H 60 4.35 23.59 -9.78
N ILE H 61 4.67 22.34 -10.06
CA ILE H 61 3.73 21.42 -10.74
C ILE H 61 3.75 20.09 -10.01
N TYR H 62 2.54 19.55 -9.81
CA TYR H 62 2.30 18.30 -9.05
C TYR H 62 2.91 17.12 -9.80
N HIS H 63 3.45 16.16 -9.07
CA HIS H 63 4.32 15.08 -9.63
C HIS H 63 3.56 14.28 -10.71
N SER H 64 2.25 14.09 -10.58
CA SER H 64 1.48 13.22 -11.50
C SER H 64 1.25 13.95 -12.84
N MET H 65 1.56 15.25 -12.92
CA MET H 65 1.41 16.04 -14.17
C MET H 65 2.75 16.13 -14.92
N ALA H 66 3.79 15.46 -14.45
CA ALA H 66 5.14 15.58 -15.04
C ALA H 66 5.80 14.19 -15.10
N LYS H 67 6.01 13.68 -16.31
CA LYS H 67 6.62 12.35 -16.54
C LYS H 67 8.10 12.59 -16.83
N VAL H 68 8.97 12.14 -15.94
CA VAL H 68 10.43 12.38 -16.04
C VAL H 68 11.02 11.37 -17.03
N THR H 69 11.70 11.85 -18.06
CA THR H 69 12.29 11.05 -19.15
C THR H 69 13.82 10.98 -19.00
N SER H 70 14.47 11.97 -18.39
CA SER H 70 15.94 11.93 -18.12
C SER H 70 16.37 12.86 -16.99
N LYS H 71 17.60 12.69 -16.53
CA LYS H 71 18.16 13.39 -15.34
C LYS H 71 19.39 14.19 -15.75
N ASN H 72 19.43 15.48 -15.46
CA ASN H 72 20.57 16.38 -15.77
C ASN H 72 21.58 16.30 -14.60
N SER H 73 22.84 16.64 -14.87
CA SER H 73 23.98 16.57 -13.90
C SER H 73 23.75 17.54 -12.73
N ASP H 74 23.16 18.70 -12.99
CA ASP H 74 22.88 19.74 -11.96
C ASP H 74 21.73 19.33 -11.02
N GLY H 75 21.18 18.13 -11.11
CA GLY H 75 20.06 17.64 -10.25
C GLY H 75 18.67 17.97 -10.80
N SER H 76 18.55 18.78 -11.85
CA SER H 76 17.27 18.99 -12.59
C SER H 76 16.91 17.73 -13.39
N VAL H 77 15.69 17.69 -13.91
CA VAL H 77 15.16 16.56 -14.73
C VAL H 77 14.50 17.14 -15.97
N ASN H 78 14.44 16.32 -17.02
CA ASN H 78 13.68 16.64 -18.25
C ASN H 78 12.39 15.85 -18.18
N ALA H 79 11.25 16.50 -18.39
CA ALA H 79 9.94 15.86 -18.19
C ALA H 79 8.99 16.24 -19.31
N THR H 80 7.98 15.41 -19.51
CA THR H 80 6.84 15.65 -20.42
C THR H 80 5.58 15.89 -19.58
N ILE H 81 4.84 16.93 -19.89
CA ILE H 81 3.59 17.26 -19.16
C ILE H 81 2.53 16.21 -19.48
N ASN H 82 1.96 15.65 -18.42
CA ASN H 82 0.77 14.74 -18.42
C ASN H 82 -0.43 15.54 -17.87
N ALA H 83 -1.22 16.09 -18.75
CA ALA H 83 -2.40 16.93 -18.44
C ALA H 83 -3.45 16.09 -17.72
N HIS H 84 -3.91 16.61 -16.58
CA HIS H 84 -5.12 16.13 -15.86
C HIS H 84 -5.49 17.19 -14.83
N ALA H 85 -6.71 17.11 -14.31
CA ALA H 85 -7.18 17.98 -13.22
C ALA H 85 -7.50 17.12 -12.01
N PHE H 86 -8.01 17.75 -10.96
CA PHE H 86 -8.46 17.10 -9.72
C PHE H 86 -9.79 17.72 -9.31
N CYS H 87 -10.61 16.98 -8.58
CA CYS H 87 -11.65 17.56 -7.70
C CYS H 87 -11.48 16.93 -6.31
N TRP H 88 -11.89 17.66 -5.27
CA TRP H 88 -11.64 17.30 -3.86
C TRP H 88 -12.97 17.26 -3.11
N ASP H 89 -13.06 16.41 -2.10
CA ASP H 89 -14.29 16.30 -1.28
C ASP H 89 -14.31 17.42 -0.26
N ASN H 90 -13.36 18.36 -0.29
CA ASN H 90 -13.46 19.55 0.60
C ASN H 90 -12.78 20.77 -0.05
N LYS H 91 -13.02 21.95 0.48
CA LYS H 91 -12.60 23.23 -0.13
C LYS H 91 -11.16 23.63 0.27
N LYS H 92 -10.39 22.77 0.90
CA LYS H 92 -8.95 22.98 1.15
C LYS H 92 -8.13 22.59 -0.10
N LEU H 93 -8.70 21.75 -0.98
CA LEU H 93 -8.04 21.27 -2.22
C LEU H 93 -6.69 20.67 -1.84
N ASN H 94 -6.67 19.84 -0.80
CA ASN H 94 -5.41 19.29 -0.28
C ASN H 94 -5.69 17.97 0.42
N GLY H 95 -5.28 16.86 -0.18
CA GLY H 95 -5.55 15.50 0.35
C GLY H 95 -7.04 15.26 0.59
N GLY H 96 -7.36 14.52 1.65
CA GLY H 96 -8.71 13.93 1.85
C GLY H 96 -9.04 13.03 0.68
N ASP H 97 -10.29 13.04 0.24
CA ASP H 97 -10.73 12.23 -0.92
C ASP H 97 -10.65 13.15 -2.15
N PHE H 98 -9.88 12.72 -3.16
CA PHE H 98 -9.77 13.49 -4.43
C PHE H 98 -9.82 12.51 -5.59
N ILE H 99 -10.24 13.03 -6.74
CA ILE H 99 -10.37 12.24 -8.00
C ILE H 99 -9.48 12.89 -9.07
N ASN H 100 -8.65 12.09 -9.72
CA ASN H 100 -7.91 12.46 -10.95
C ASN H 100 -8.93 12.56 -12.09
N LEU H 101 -9.22 13.75 -12.60
CA LEU H 101 -10.11 13.96 -13.77
C LEU H 101 -9.25 14.00 -15.03
N LYS H 102 -9.48 13.06 -15.97
CA LYS H 102 -8.69 12.98 -17.23
C LYS H 102 -8.90 14.27 -18.03
N ARG H 103 -7.86 14.66 -18.76
CA ARG H 103 -7.98 15.78 -19.73
C ARG H 103 -9.18 15.56 -20.61
N GLY H 104 -9.98 16.58 -20.86
CA GLY H 104 -11.21 16.49 -21.70
C GLY H 104 -12.41 15.91 -20.98
N PHE H 105 -12.30 15.52 -19.72
CA PHE H 105 -13.47 15.06 -18.92
C PHE H 105 -14.60 16.08 -19.05
N LYS H 106 -15.80 15.63 -19.39
CA LYS H 106 -17.00 16.48 -19.55
C LYS H 106 -17.86 16.37 -18.30
N GLY H 107 -18.18 17.47 -17.65
CA GLY H 107 -18.95 17.46 -16.41
C GLY H 107 -20.03 18.52 -16.44
N ILE H 108 -20.82 18.56 -15.38
CA ILE H 108 -21.84 19.60 -15.11
C ILE H 108 -21.57 20.13 -13.72
N THR H 109 -21.62 21.44 -13.54
CA THR H 109 -21.48 22.11 -12.24
C THR H 109 -22.55 23.19 -12.15
N HIS H 110 -22.43 24.07 -11.17
CA HIS H 110 -23.38 25.16 -10.88
C HIS H 110 -22.56 26.40 -10.60
N PRO H 111 -23.12 27.60 -10.90
CA PRO H 111 -22.47 28.85 -10.55
C PRO H 111 -22.06 28.81 -9.07
N ALA H 112 -20.79 29.06 -8.81
CA ALA H 112 -20.22 29.13 -7.44
C ALA H 112 -19.62 30.53 -7.27
N SER H 113 -20.22 31.32 -6.39
CA SER H 113 -19.75 32.66 -5.97
C SER H 113 -18.38 32.52 -5.29
N ASP H 114 -18.13 31.40 -4.57
CA ASP H 114 -16.89 31.22 -3.77
C ASP H 114 -15.79 30.52 -4.60
N GLY H 115 -16.02 30.25 -5.88
CA GLY H 115 -15.01 29.69 -6.80
C GLY H 115 -14.78 28.20 -6.59
N PHE H 116 -15.56 27.53 -5.71
CA PHE H 116 -15.47 26.06 -5.55
C PHE H 116 -16.63 25.41 -6.28
N TYR H 117 -16.40 24.92 -7.49
CA TYR H 117 -17.48 24.46 -8.40
C TYR H 117 -17.83 23.02 -8.03
N PRO H 118 -19.11 22.78 -7.66
CA PRO H 118 -19.51 21.46 -7.17
C PRO H 118 -19.74 20.48 -8.31
N LEU H 119 -19.25 19.26 -8.10
CA LEU H 119 -19.43 18.10 -9.00
C LEU H 119 -20.14 17.01 -8.17
N TYR H 120 -21.37 16.69 -8.57
CA TYR H 120 -22.13 15.55 -8.01
C TYR H 120 -21.86 14.32 -8.87
N PHE H 121 -21.17 13.34 -8.33
CA PHE H 121 -20.95 12.01 -8.96
C PHE H 121 -21.99 11.03 -8.37
N ALA H 122 -22.88 10.49 -9.20
CA ALA H 122 -23.87 9.43 -8.84
C ALA H 122 -23.20 8.33 -8.01
N SER H 123 -22.15 7.71 -8.54
CA SER H 123 -21.45 6.55 -7.93
C SER H 123 -20.97 6.88 -6.53
N ARG H 124 -20.71 8.15 -6.24
CA ARG H 124 -20.21 8.63 -4.92
C ARG H 124 -21.43 9.25 -4.22
N LYS H 125 -21.46 9.35 -2.92
CA LYS H 125 -22.66 9.93 -2.28
C LYS H 125 -22.34 11.35 -1.85
N LYS H 126 -21.38 12.03 -2.49
CA LYS H 126 -20.93 13.35 -1.95
C LYS H 126 -20.47 14.29 -3.06
N THR H 127 -20.33 15.54 -2.66
CA THR H 127 -19.97 16.68 -3.53
C THR H 127 -18.45 16.73 -3.59
N PHE H 128 -17.89 16.78 -4.80
CA PHE H 128 -16.48 17.17 -5.02
C PHE H 128 -16.45 18.60 -5.55
N TYR H 129 -15.29 19.25 -5.41
CA TYR H 129 -15.08 20.66 -5.77
C TYR H 129 -13.87 20.75 -6.70
N ILE H 130 -14.03 21.57 -7.75
CA ILE H 130 -12.99 21.85 -8.77
C ILE H 130 -12.86 23.37 -8.86
N PRO H 131 -11.64 23.93 -8.81
CA PRO H 131 -11.43 25.37 -8.97
C PRO H 131 -11.56 25.80 -10.43
N ARG H 132 -11.91 27.07 -10.65
CA ARG H 132 -12.24 27.65 -11.97
C ARG H 132 -11.15 27.37 -13.01
N TYR H 133 -9.89 27.45 -12.61
CA TYR H 133 -8.74 27.45 -13.54
C TYR H 133 -8.53 26.07 -14.17
N MET H 134 -9.23 25.03 -13.73
CA MET H 134 -8.99 23.66 -14.25
C MET H 134 -9.98 23.27 -15.37
N PHE H 135 -10.91 24.15 -15.75
CA PHE H 135 -11.91 23.80 -16.76
C PHE H 135 -12.26 24.99 -17.65
N ASP H 136 -12.85 24.68 -18.80
CA ASP H 136 -13.52 25.69 -19.68
C ASP H 136 -15.03 25.49 -19.61
N ILE H 137 -15.80 26.55 -19.85
CA ILE H 137 -17.28 26.52 -19.92
C ILE H 137 -17.76 26.37 -21.38
N LYS H 138 -18.34 25.22 -21.68
CA LYS H 138 -19.00 24.85 -22.95
C LYS H 138 -20.42 25.39 -22.82
N LYS H 139 -20.72 26.04 -21.70
CA LYS H 139 -22.06 26.58 -21.29
C LYS H 139 -22.91 25.43 -20.77
N MET I 1 50.82 -7.70 -24.90
CA MET I 1 51.51 -8.11 -23.68
C MET I 1 51.04 -9.52 -23.27
N MET I 2 51.97 -10.32 -22.73
CA MET I 2 51.71 -11.69 -22.20
C MET I 2 50.98 -11.57 -20.85
N GLU I 3 50.00 -12.46 -20.61
CA GLU I 3 49.11 -12.40 -19.42
C GLU I 3 49.18 -13.73 -18.66
N ASN I 4 49.10 -13.62 -17.35
CA ASN I 4 48.95 -14.74 -16.42
C ASN I 4 47.53 -14.74 -15.84
N ILE I 5 47.08 -15.91 -15.40
CA ILE I 5 45.80 -16.14 -14.70
C ILE I 5 46.16 -16.93 -13.46
N ASN I 6 45.81 -16.43 -12.27
CA ASN I 6 45.91 -17.25 -11.03
C ASN I 6 44.64 -18.10 -10.98
N ILE I 7 44.80 -19.38 -10.71
CA ILE I 7 43.65 -20.33 -10.69
C ILE I 7 43.73 -21.09 -9.39
N VAL I 8 42.58 -21.61 -8.96
CA VAL I 8 42.53 -22.56 -7.82
C VAL I 8 41.66 -23.72 -8.28
N ILE I 9 42.16 -24.93 -8.02
CA ILE I 9 41.46 -26.18 -8.42
C ILE I 9 40.24 -26.29 -7.51
N LYS I 10 39.08 -26.60 -8.11
CA LYS I 10 37.78 -26.62 -7.41
C LYS I 10 37.82 -27.64 -6.29
N ASP I 11 36.96 -27.42 -5.30
CA ASP I 11 36.80 -28.31 -4.13
C ASP I 11 35.74 -29.37 -4.43
N VAL I 12 35.72 -29.91 -5.67
CA VAL I 12 34.66 -30.85 -6.15
C VAL I 12 35.26 -32.09 -6.81
N GLY I 13 34.45 -33.15 -6.86
CA GLY I 13 34.58 -34.31 -7.77
C GLY I 13 33.66 -34.14 -8.96
N TYR I 14 33.98 -34.74 -10.11
CA TYR I 14 33.29 -34.45 -11.39
C TYR I 14 32.42 -35.67 -11.76
N PHE I 15 31.10 -35.49 -11.68
CA PHE I 15 30.08 -36.50 -12.08
C PHE I 15 29.65 -36.13 -13.50
N GLN I 16 30.31 -36.71 -14.50
CA GLN I 16 30.16 -36.26 -15.92
C GLN I 16 29.04 -37.04 -16.60
N ASP I 17 28.47 -36.54 -17.70
CA ASP I 17 27.40 -37.27 -18.43
C ASP I 17 27.97 -38.47 -19.21
N LYS I 18 29.30 -38.60 -19.28
CA LYS I 18 30.02 -39.69 -19.99
C LYS I 18 31.25 -40.05 -19.18
N PRO I 19 31.77 -41.27 -19.27
CA PRO I 19 32.99 -41.65 -18.56
C PRO I 19 34.24 -41.15 -19.28
N GLN I 20 34.34 -39.84 -19.45
CA GLN I 20 35.48 -39.18 -20.12
C GLN I 20 35.58 -37.73 -19.62
N PHE I 21 36.77 -37.15 -19.63
CA PHE I 21 37.01 -35.77 -19.18
C PHE I 21 36.87 -34.77 -20.33
N LEU I 22 37.12 -35.19 -21.56
CA LEU I 22 37.03 -34.30 -22.76
C LEU I 22 35.64 -34.40 -23.36
N ASN I 23 35.00 -33.27 -23.70
CA ASN I 23 33.70 -33.22 -24.42
C ASN I 23 32.61 -33.92 -23.59
N SER I 24 32.67 -33.78 -22.28
CA SER I 24 31.62 -34.21 -21.33
C SER I 24 31.12 -32.99 -20.56
N LYS I 25 29.87 -33.05 -20.11
CA LYS I 25 29.24 -32.01 -19.28
C LYS I 25 29.14 -32.56 -17.87
N SER I 26 29.27 -31.70 -16.88
CA SER I 26 29.10 -32.08 -15.45
C SER I 26 27.60 -32.21 -15.19
N VAL I 27 27.15 -33.39 -14.81
CA VAL I 27 25.79 -33.61 -14.28
C VAL I 27 25.78 -33.08 -12.83
N ARG I 28 26.82 -33.37 -12.08
CA ARG I 28 27.06 -32.78 -10.73
C ARG I 28 28.54 -32.44 -10.57
N GLN I 29 28.83 -31.34 -9.87
CA GLN I 29 30.17 -31.06 -9.31
C GLN I 29 29.98 -31.11 -7.79
N TRP I 30 30.21 -32.28 -7.23
CA TRP I 30 29.92 -32.59 -5.81
C TRP I 30 31.07 -32.09 -4.93
N LYS I 31 30.72 -31.27 -3.95
CA LYS I 31 31.66 -30.74 -2.93
C LYS I 31 32.37 -31.92 -2.25
N HIS I 32 33.67 -31.76 -1.97
CA HIS I 32 34.46 -32.68 -1.12
C HIS I 32 33.61 -33.10 0.07
N GLY I 33 33.54 -34.41 0.35
CA GLY I 33 32.84 -34.96 1.51
C GLY I 33 31.40 -35.31 1.23
N THR I 34 30.81 -34.93 0.09
CA THR I 34 29.42 -35.33 -0.27
C THR I 34 29.32 -36.85 -0.20
N LYS I 35 28.22 -37.36 0.38
CA LYS I 35 27.96 -38.82 0.46
C LYS I 35 27.03 -39.23 -0.70
N VAL I 36 27.41 -40.29 -1.41
CA VAL I 36 26.72 -40.68 -2.66
C VAL I 36 26.60 -42.19 -2.70
N LYS I 37 25.70 -42.66 -3.56
CA LYS I 37 25.58 -44.10 -3.88
C LYS I 37 26.02 -44.30 -5.34
N LEU I 38 26.89 -45.27 -5.59
CA LEU I 38 27.49 -45.47 -6.92
C LEU I 38 27.59 -46.97 -7.20
N THR I 39 27.76 -47.32 -8.49
CA THR I 39 28.05 -48.71 -8.89
C THR I 39 29.29 -48.68 -9.79
N LYS I 40 30.16 -49.67 -9.64
CA LYS I 40 31.38 -49.81 -10.47
C LYS I 40 30.93 -49.90 -11.93
N HIS I 41 31.49 -49.06 -12.81
CA HIS I 41 31.18 -49.05 -14.27
C HIS I 41 32.29 -49.79 -15.02
N ASN I 42 33.56 -49.49 -14.72
CA ASN I 42 34.71 -50.22 -15.29
C ASN I 42 35.88 -50.05 -14.30
N SER I 43 37.10 -50.36 -14.70
CA SER I 43 38.26 -50.37 -13.79
C SER I 43 38.52 -48.95 -13.24
N HIS I 44 38.15 -47.89 -13.96
CA HIS I 44 38.52 -46.49 -13.62
C HIS I 44 37.30 -45.63 -13.28
N TRP I 45 36.07 -46.11 -13.48
CA TRP I 45 34.88 -45.24 -13.38
C TRP I 45 33.78 -45.92 -12.55
N TYR I 46 33.06 -45.10 -11.80
CA TYR I 46 31.77 -45.44 -11.16
C TYR I 46 30.68 -44.74 -11.96
N THR I 47 29.46 -45.24 -11.82
CA THR I 47 28.27 -44.57 -12.38
C THR I 47 27.21 -44.48 -11.28
N GLY I 48 26.29 -43.54 -11.46
CA GLY I 48 25.10 -43.43 -10.61
C GLY I 48 24.03 -42.64 -11.34
N VAL I 49 22.93 -42.39 -10.64
CA VAL I 49 21.73 -41.73 -11.19
C VAL I 49 21.29 -40.67 -10.18
N VAL I 50 20.92 -39.49 -10.66
CA VAL I 50 20.37 -38.38 -9.85
C VAL I 50 19.09 -37.93 -10.52
N LYS I 51 18.29 -37.09 -9.84
CA LYS I 51 17.09 -36.47 -10.41
C LYS I 51 17.36 -35.03 -10.77
N ASP I 52 17.13 -34.64 -12.02
CA ASP I 52 16.98 -33.21 -12.44
C ASP I 52 15.49 -32.98 -12.68
N GLY I 53 14.78 -32.47 -11.68
CA GLY I 53 13.29 -32.45 -11.65
C GLY I 53 12.73 -33.85 -11.48
N ASN I 54 11.93 -34.31 -12.43
CA ASN I 54 11.35 -35.67 -12.47
C ASN I 54 12.25 -36.59 -13.32
N LYS I 55 13.19 -36.01 -14.10
CA LYS I 55 14.09 -36.75 -15.03
C LYS I 55 15.23 -37.41 -14.23
N SER I 56 15.37 -38.72 -14.36
CA SER I 56 16.56 -39.51 -13.95
C SER I 56 17.70 -39.24 -14.94
N VAL I 57 18.90 -38.90 -14.44
CA VAL I 57 20.08 -38.63 -15.31
C VAL I 57 21.24 -39.48 -14.77
N ARG I 58 21.90 -40.20 -15.67
CA ARG I 58 23.08 -41.02 -15.32
C ARG I 58 24.34 -40.17 -15.40
N GLY I 59 25.26 -40.41 -14.48
CA GLY I 59 26.59 -39.78 -14.49
C GLY I 59 27.67 -40.80 -14.23
N TYR I 60 28.90 -40.35 -14.41
CA TYR I 60 30.12 -41.18 -14.30
C TYR I 60 31.14 -40.36 -13.51
N ILE I 61 31.78 -41.00 -12.55
CA ILE I 61 32.83 -40.30 -11.76
C ILE I 61 34.03 -41.23 -11.65
N TYR I 62 35.21 -40.65 -11.82
CA TYR I 62 36.51 -41.37 -11.84
C TYR I 62 36.78 -41.96 -10.45
N HIS I 63 37.39 -43.14 -10.39
CA HIS I 63 37.50 -43.97 -9.16
C HIS I 63 38.18 -43.20 -8.03
N SER I 64 39.16 -42.36 -8.34
CA SER I 64 39.99 -41.68 -7.31
C SER I 64 39.20 -40.52 -6.71
N MET I 65 38.05 -40.15 -7.27
CA MET I 65 37.20 -39.06 -6.72
C MET I 65 36.08 -39.61 -5.84
N ALA I 66 36.05 -40.92 -5.60
CA ALA I 66 35.05 -41.56 -4.74
C ALA I 66 35.74 -42.53 -3.78
N LYS I 67 35.64 -42.23 -2.50
CA LYS I 67 36.25 -43.06 -1.40
C LYS I 67 35.13 -43.95 -0.89
N VAL I 68 35.22 -45.26 -1.13
CA VAL I 68 34.14 -46.23 -0.79
C VAL I 68 34.25 -46.55 0.71
N THR I 69 33.18 -46.31 1.45
CA THR I 69 33.09 -46.44 2.92
C THR I 69 32.31 -47.70 3.30
N SER I 70 31.38 -48.15 2.45
CA SER I 70 30.63 -49.42 2.68
C SER I 70 30.03 -49.97 1.37
N LYS I 71 29.58 -51.22 1.45
CA LYS I 71 28.99 -51.99 0.34
C LYS I 71 27.52 -52.30 0.65
N ASN I 72 26.62 -51.99 -0.28
CA ASN I 72 25.18 -52.33 -0.16
C ASN I 72 24.96 -53.75 -0.67
N SER I 73 23.87 -54.39 -0.25
CA SER I 73 23.43 -55.75 -0.64
C SER I 73 23.18 -55.84 -2.14
N ASP I 74 22.64 -54.80 -2.75
CA ASP I 74 22.29 -54.79 -4.21
C ASP I 74 23.55 -54.66 -5.10
N GLY I 75 24.77 -54.67 -4.51
CA GLY I 75 26.04 -54.56 -5.27
C GLY I 75 26.51 -53.12 -5.45
N SER I 76 25.70 -52.11 -5.14
CA SER I 76 26.13 -50.68 -5.14
C SER I 76 27.06 -50.44 -3.95
N VAL I 77 27.70 -49.28 -3.92
CA VAL I 77 28.60 -48.86 -2.80
C VAL I 77 28.19 -47.48 -2.32
N ASN I 78 28.52 -47.21 -1.07
CA ASN I 78 28.36 -45.86 -0.47
C ASN I 78 29.75 -45.25 -0.47
N ALA I 79 29.86 -44.03 -0.99
CA ALA I 79 31.17 -43.39 -1.10
C ALA I 79 31.05 -41.95 -0.61
N THR I 80 32.21 -41.42 -0.26
CA THR I 80 32.41 -39.98 0.02
C THR I 80 33.21 -39.41 -1.16
N ILE I 81 32.77 -38.27 -1.67
CA ILE I 81 33.50 -37.59 -2.77
C ILE I 81 34.84 -37.06 -2.23
N ASN I 82 35.90 -37.43 -2.94
CA ASN I 82 37.30 -37.00 -2.72
C ASN I 82 37.64 -36.06 -3.87
N ALA I 83 37.49 -34.75 -3.63
CA ALA I 83 37.65 -33.70 -4.65
C ALA I 83 39.11 -33.64 -5.06
N HIS I 84 39.34 -33.66 -6.36
CA HIS I 84 40.65 -33.40 -6.99
C HIS I 84 40.41 -33.20 -8.49
N ALA I 85 41.39 -32.63 -9.16
CA ALA I 85 41.37 -32.41 -10.61
C ALA I 85 42.55 -33.19 -11.23
N PHE I 86 42.71 -33.03 -12.53
CA PHE I 86 43.81 -33.62 -13.29
C PHE I 86 44.34 -32.56 -14.25
N CYS I 87 45.61 -32.68 -14.62
CA CYS I 87 46.13 -32.10 -15.87
C CYS I 87 46.83 -33.21 -16.66
N TRP I 88 46.86 -33.07 -17.98
CA TRP I 88 47.33 -34.12 -18.91
C TRP I 88 48.43 -33.54 -19.80
N ASP I 89 49.38 -34.39 -20.21
CA ASP I 89 50.47 -33.93 -21.11
C ASP I 89 49.95 -33.90 -22.54
N ASN I 90 48.65 -34.08 -22.78
CA ASN I 90 48.09 -33.88 -24.14
C ASN I 90 46.62 -33.45 -24.04
N LYS I 91 46.07 -32.95 -25.15
CA LYS I 91 44.73 -32.32 -25.18
C LYS I 91 43.59 -33.33 -25.40
N LYS I 92 43.89 -34.63 -25.37
CA LYS I 92 42.84 -35.69 -25.40
C LYS I 92 42.26 -35.90 -23.99
N LEU I 93 42.99 -35.48 -22.95
CA LEU I 93 42.57 -35.61 -21.53
C LEU I 93 42.26 -37.09 -21.26
N ASN I 94 43.13 -37.97 -21.71
CA ASN I 94 42.86 -39.42 -21.62
C ASN I 94 44.17 -40.17 -21.56
N GLY I 95 44.52 -40.74 -20.40
CA GLY I 95 45.78 -41.47 -20.19
C GLY I 95 46.99 -40.62 -20.59
N GLY I 96 48.02 -41.27 -21.17
CA GLY I 96 49.33 -40.63 -21.33
C GLY I 96 49.89 -40.29 -19.96
N ASP I 97 50.57 -39.16 -19.86
CA ASP I 97 51.11 -38.68 -18.57
C ASP I 97 50.09 -37.69 -17.98
N PHE I 98 49.63 -37.95 -16.77
CA PHE I 98 48.67 -37.04 -16.08
C PHE I 98 49.04 -36.90 -14.60
N ILE I 99 48.65 -35.79 -13.99
CA ILE I 99 48.95 -35.47 -12.58
C ILE I 99 47.65 -35.20 -11.82
N ASN I 100 47.49 -35.85 -10.66
CA ASN I 100 46.41 -35.60 -9.68
C ASN I 100 46.68 -34.22 -9.04
N LEU I 101 45.86 -33.20 -9.32
CA LEU I 101 45.96 -31.88 -8.66
C LEU I 101 45.02 -31.85 -7.44
N LYS I 102 45.56 -31.66 -6.24
CA LYS I 102 44.75 -31.68 -4.97
C LYS I 102 43.73 -30.55 -5.03
N ARG I 103 42.58 -30.73 -4.41
CA ARG I 103 41.57 -29.65 -4.26
C ARG I 103 42.27 -28.44 -3.65
N GLY I 104 42.01 -27.24 -4.18
CA GLY I 104 42.62 -26.01 -3.65
C GLY I 104 44.02 -25.76 -4.19
N PHE I 105 44.59 -26.66 -5.01
CA PHE I 105 45.90 -26.42 -5.66
C PHE I 105 45.85 -25.05 -6.32
N LYS I 106 46.87 -24.23 -6.06
CA LYS I 106 47.01 -22.87 -6.61
C LYS I 106 47.99 -22.95 -7.78
N GLY I 107 47.57 -22.50 -8.96
CA GLY I 107 48.40 -22.60 -10.15
C GLY I 107 48.36 -21.29 -10.88
N ILE I 108 49.24 -21.20 -11.88
CA ILE I 108 49.29 -20.04 -12.80
C ILE I 108 49.20 -20.63 -14.20
N THR I 109 48.37 -20.05 -15.03
CA THR I 109 48.20 -20.47 -16.42
C THR I 109 48.13 -19.21 -17.26
N HIS I 110 47.77 -19.36 -18.52
CA HIS I 110 47.76 -18.27 -19.52
C HIS I 110 46.48 -18.41 -20.31
N PRO I 111 45.91 -17.29 -20.80
CA PRO I 111 44.73 -17.29 -21.65
C PRO I 111 44.89 -18.36 -22.72
N ALA I 112 43.93 -19.28 -22.79
CA ALA I 112 43.87 -20.33 -23.83
C ALA I 112 42.57 -20.16 -24.61
N SER I 113 42.69 -19.80 -25.89
CA SER I 113 41.56 -19.67 -26.84
C SER I 113 40.89 -21.04 -27.02
N ASP I 114 41.67 -22.15 -26.95
CA ASP I 114 41.18 -23.52 -27.24
C ASP I 114 40.69 -24.22 -25.96
N GLY I 115 40.69 -23.53 -24.80
CA GLY I 115 40.16 -24.08 -23.55
C GLY I 115 41.08 -25.10 -22.89
N PHE I 116 42.29 -25.32 -23.41
CA PHE I 116 43.31 -26.19 -22.76
C PHE I 116 44.35 -25.29 -22.09
N TYR I 117 44.22 -25.11 -20.78
CA TYR I 117 45.01 -24.12 -20.00
C TYR I 117 46.34 -24.76 -19.62
N PRO I 118 47.47 -24.16 -20.06
CA PRO I 118 48.79 -24.74 -19.84
C PRO I 118 49.30 -24.53 -18.41
N LEU I 119 49.85 -25.60 -17.86
CA LEU I 119 50.55 -25.62 -16.56
C LEU I 119 51.98 -26.09 -16.81
N TYR I 120 52.97 -25.23 -16.54
CA TYR I 120 54.40 -25.60 -16.60
C TYR I 120 54.87 -26.03 -15.21
N PHE I 121 55.23 -27.30 -15.06
CA PHE I 121 55.82 -27.85 -13.82
C PHE I 121 57.35 -27.88 -13.96
N ALA I 122 58.07 -27.14 -13.10
CA ALA I 122 59.54 -27.10 -13.03
C ALA I 122 60.12 -28.53 -13.06
N SER I 123 59.69 -29.38 -12.12
CA SER I 123 60.21 -30.76 -11.92
C SER I 123 60.08 -31.57 -13.20
N ARG I 124 59.11 -31.24 -14.06
CA ARG I 124 58.83 -31.96 -15.32
C ARG I 124 59.41 -31.07 -16.43
N LYS I 125 59.72 -31.54 -17.61
CA LYS I 125 60.27 -30.58 -18.61
C LYS I 125 59.18 -30.25 -19.63
N LYS I 126 57.89 -30.32 -19.25
CA LYS I 126 56.83 -30.22 -20.28
C LYS I 126 55.55 -29.58 -19.72
N THR I 127 54.72 -29.20 -20.65
CA THR I 127 53.43 -28.50 -20.45
C THR I 127 52.37 -29.57 -20.18
N PHE I 128 51.62 -29.40 -19.10
CA PHE I 128 50.35 -30.13 -18.88
C PHE I 128 49.19 -29.20 -19.16
N TYR I 129 48.00 -29.78 -19.38
CA TYR I 129 46.79 -29.03 -19.74
C TYR I 129 45.67 -29.39 -18.77
N ILE I 130 44.94 -28.36 -18.35
CA ILE I 130 43.75 -28.49 -17.46
C ILE I 130 42.59 -27.81 -18.16
N PRO I 131 41.42 -28.48 -18.27
CA PRO I 131 40.24 -27.85 -18.87
C PRO I 131 39.60 -26.84 -17.91
N ARG I 132 38.89 -25.86 -18.47
CA ARG I 132 38.31 -24.69 -17.76
C ARG I 132 37.44 -25.16 -16.57
N TYR I 133 36.70 -26.26 -16.71
CA TYR I 133 35.67 -26.66 -15.72
C TYR I 133 36.31 -27.17 -14.43
N MET I 134 37.62 -27.38 -14.37
CA MET I 134 38.24 -27.98 -13.15
C MET I 134 38.84 -26.90 -12.23
N PHE I 135 38.71 -25.61 -12.55
CA PHE I 135 39.30 -24.55 -11.70
C PHE I 135 38.42 -23.30 -11.66
N ASP I 136 38.65 -22.46 -10.64
CA ASP I 136 38.09 -21.10 -10.57
C ASP I 136 39.21 -20.07 -10.76
N ILE I 137 38.86 -18.91 -11.28
CA ILE I 137 39.69 -17.68 -11.33
C ILE I 137 39.12 -16.73 -10.28
N LYS I 138 39.88 -16.40 -9.25
CA LYS I 138 39.48 -15.55 -8.09
C LYS I 138 38.99 -14.17 -8.53
N LYS I 139 37.77 -13.79 -8.10
CA LYS I 139 37.07 -12.52 -8.44
C LYS I 139 37.66 -11.34 -7.67
N MET J 3 -16.61 -24.74 -50.38
CA MET J 3 -17.60 -24.11 -49.51
C MET J 3 -18.84 -23.71 -50.32
N GLU J 4 -20.02 -23.83 -49.71
CA GLU J 4 -21.33 -23.46 -50.29
C GLU J 4 -22.07 -22.55 -49.29
N ASN J 5 -22.93 -21.68 -49.77
CA ASN J 5 -23.84 -20.86 -48.92
C ASN J 5 -25.30 -21.29 -49.13
N ILE J 6 -26.14 -20.91 -48.18
CA ILE J 6 -27.58 -21.28 -48.11
C ILE J 6 -28.30 -19.97 -47.82
N ASN J 7 -29.27 -19.58 -48.65
CA ASN J 7 -30.22 -18.50 -48.27
C ASN J 7 -31.28 -19.11 -47.38
N ILE J 8 -31.59 -18.44 -46.27
CA ILE J 8 -32.59 -18.93 -45.29
C ILE J 8 -33.57 -17.80 -45.01
N VAL J 9 -34.76 -18.17 -44.57
CA VAL J 9 -35.74 -17.20 -44.03
C VAL J 9 -36.25 -17.78 -42.72
N ILE J 10 -36.31 -16.94 -41.70
CA ILE J 10 -36.77 -17.33 -40.35
C ILE J 10 -38.28 -17.57 -40.47
N LYS J 11 -38.76 -18.68 -39.91
CA LYS J 11 -40.16 -19.11 -40.03
C LYS J 11 -41.09 -18.06 -39.42
N ASP J 12 -42.33 -18.07 -39.89
CA ASP J 12 -43.42 -17.20 -39.40
C ASP J 12 -44.16 -17.90 -38.24
N VAL J 13 -43.42 -18.59 -37.35
CA VAL J 13 -44.02 -19.43 -36.26
C VAL J 13 -43.37 -19.12 -34.90
N GLY J 14 -44.11 -19.44 -33.84
CA GLY J 14 -43.61 -19.62 -32.46
C GLY J 14 -43.44 -21.11 -32.19
N TYR J 15 -42.54 -21.46 -31.28
CA TYR J 15 -42.06 -22.86 -31.10
C TYR J 15 -42.65 -23.42 -29.80
N PHE J 16 -43.56 -24.37 -29.94
CA PHE J 16 -44.19 -25.11 -28.81
C PHE J 16 -43.45 -26.43 -28.72
N GLN J 17 -42.39 -26.48 -27.89
CA GLN J 17 -41.43 -27.61 -27.88
C GLN J 17 -41.88 -28.67 -26.88
N ASP J 18 -41.42 -29.92 -27.01
CA ASP J 18 -41.78 -31.01 -26.05
C ASP J 18 -41.06 -30.80 -24.71
N LYS J 19 -40.12 -29.87 -24.61
CA LYS J 19 -39.36 -29.53 -23.38
C LYS J 19 -39.14 -28.04 -23.34
N PRO J 20 -38.95 -27.44 -22.15
CA PRO J 20 -38.67 -26.00 -22.06
C PRO J 20 -37.21 -25.69 -22.34
N GLN J 21 -36.77 -26.05 -23.55
CA GLN J 21 -35.37 -25.82 -23.99
C GLN J 21 -35.38 -25.78 -25.52
N PHE J 22 -34.44 -25.06 -26.12
CA PHE J 22 -34.30 -24.94 -27.59
C PHE J 22 -33.41 -26.06 -28.14
N LEU J 23 -32.47 -26.57 -27.36
CA LEU J 23 -31.51 -27.63 -27.82
C LEU J 23 -32.10 -28.99 -27.49
N ASN J 24 -32.06 -29.94 -28.43
CA ASN J 24 -32.49 -31.35 -28.26
C ASN J 24 -33.97 -31.39 -27.87
N SER J 25 -34.79 -30.50 -28.41
CA SER J 25 -36.26 -30.53 -28.25
C SER J 25 -36.90 -30.68 -29.63
N LYS J 26 -38.07 -31.29 -29.67
CA LYS J 26 -38.90 -31.46 -30.90
C LYS J 26 -40.06 -30.49 -30.77
N SER J 27 -40.52 -29.95 -31.89
CA SER J 27 -41.69 -29.07 -31.94
C SER J 27 -42.93 -29.96 -31.85
N VAL J 28 -43.74 -29.75 -30.83
CA VAL J 28 -45.09 -30.35 -30.71
C VAL J 28 -46.01 -29.55 -31.66
N ARG J 29 -45.87 -28.22 -31.65
CA ARG J 29 -46.51 -27.33 -32.65
C ARG J 29 -45.52 -26.25 -33.07
N GLN J 30 -45.58 -25.88 -34.35
CA GLN J 30 -45.02 -24.60 -34.85
C GLN J 30 -46.23 -23.76 -35.26
N TRP J 31 -46.68 -22.93 -34.34
CA TRP J 31 -47.91 -22.12 -34.47
C TRP J 31 -47.61 -20.87 -35.28
N LYS J 32 -48.36 -20.67 -36.35
CA LYS J 32 -48.33 -19.46 -37.18
C LYS J 32 -48.51 -18.23 -36.31
N HIS J 33 -47.77 -17.16 -36.62
CA HIS J 33 -47.97 -15.82 -36.01
C HIS J 33 -49.47 -15.53 -35.93
N GLY J 34 -49.95 -15.08 -34.77
CA GLY J 34 -51.36 -14.70 -34.58
C GLY J 34 -52.24 -15.85 -34.07
N THR J 35 -51.77 -17.10 -34.05
CA THR J 35 -52.55 -18.23 -33.50
C THR J 35 -52.97 -17.91 -32.06
N LYS J 36 -54.21 -18.20 -31.70
CA LYS J 36 -54.75 -17.96 -30.33
C LYS J 36 -54.71 -19.28 -29.56
N VAL J 37 -54.16 -19.26 -28.35
CA VAL J 37 -53.87 -20.53 -27.59
C VAL J 37 -54.20 -20.29 -26.13
N LYS J 38 -54.30 -21.39 -25.39
CA LYS J 38 -54.42 -21.35 -23.91
C LYS J 38 -53.12 -21.92 -23.30
N LEU J 39 -52.55 -21.24 -22.31
CA LEU J 39 -51.23 -21.58 -21.74
C LEU J 39 -51.29 -21.39 -20.22
N THR J 40 -50.33 -21.93 -19.50
CA THR J 40 -50.10 -21.67 -18.06
C THR J 40 -48.63 -21.34 -17.87
N LYS J 41 -48.32 -20.36 -17.01
CA LYS J 41 -46.92 -20.00 -16.67
C LYS J 41 -46.23 -21.27 -16.13
N HIS J 42 -45.08 -21.64 -16.68
CA HIS J 42 -44.29 -22.82 -16.25
C HIS J 42 -43.14 -22.35 -15.37
N ASN J 43 -42.40 -21.34 -15.81
CA ASN J 43 -41.34 -20.70 -14.98
C ASN J 43 -41.17 -19.26 -15.48
N SER J 44 -40.08 -18.59 -15.09
CA SER J 44 -39.88 -17.15 -15.41
C SER J 44 -39.84 -16.93 -16.92
N HIS J 45 -39.42 -17.91 -17.73
CA HIS J 45 -39.15 -17.71 -19.17
C HIS J 45 -40.09 -18.56 -20.05
N TRP J 46 -40.88 -19.46 -19.48
CA TRP J 46 -41.62 -20.45 -20.29
C TRP J 46 -43.08 -20.54 -19.85
N TYR J 47 -43.94 -20.78 -20.82
CA TYR J 47 -45.34 -21.19 -20.65
C TYR J 47 -45.41 -22.67 -21.03
N THR J 48 -46.44 -23.35 -20.54
CA THR J 48 -46.75 -24.72 -20.98
C THR J 48 -48.24 -24.78 -21.35
N GLY J 49 -48.61 -25.78 -22.14
CA GLY J 49 -50.00 -26.08 -22.45
C GLY J 49 -50.10 -27.49 -22.96
N VAL J 50 -51.31 -27.87 -23.36
CA VAL J 50 -51.64 -29.26 -23.77
C VAL J 50 -52.45 -29.17 -25.07
N VAL J 51 -52.16 -30.03 -26.03
CA VAL J 51 -52.88 -30.13 -27.31
C VAL J 51 -53.22 -31.61 -27.51
N LYS J 52 -54.07 -31.92 -28.48
CA LYS J 52 -54.46 -33.31 -28.81
C LYS J 52 -53.74 -33.69 -30.12
N ASP J 53 -52.99 -34.78 -30.11
CA ASP J 53 -52.56 -35.51 -31.33
C ASP J 53 -53.40 -36.78 -31.42
N GLY J 54 -54.50 -36.74 -32.18
CA GLY J 54 -55.56 -37.76 -32.15
C GLY J 54 -56.33 -37.67 -30.83
N ASN J 55 -56.36 -38.77 -30.07
CA ASN J 55 -56.98 -38.84 -28.71
C ASN J 55 -55.91 -38.56 -27.64
N LYS J 56 -54.62 -38.57 -28.00
CA LYS J 56 -53.48 -38.40 -27.06
C LYS J 56 -53.31 -36.91 -26.73
N SER J 57 -53.35 -36.58 -25.44
CA SER J 57 -52.92 -35.28 -24.86
C SER J 57 -51.38 -35.21 -24.91
N VAL J 58 -50.84 -34.09 -25.41
CA VAL J 58 -49.37 -33.87 -25.51
C VAL J 58 -49.07 -32.50 -24.89
N ARG J 59 -48.12 -32.46 -23.97
CA ARG J 59 -47.71 -31.20 -23.31
C ARG J 59 -46.60 -30.52 -24.15
N GLY J 60 -46.65 -29.20 -24.21
CA GLY J 60 -45.59 -28.41 -24.84
C GLY J 60 -45.22 -27.22 -24.00
N TYR J 61 -44.15 -26.56 -24.41
CA TYR J 61 -43.54 -25.41 -23.71
C TYR J 61 -43.22 -24.36 -24.76
N ILE J 62 -43.54 -23.11 -24.47
CA ILE J 62 -43.22 -22.01 -25.41
C ILE J 62 -42.63 -20.85 -24.61
N TYR J 63 -41.57 -20.27 -25.17
CA TYR J 63 -40.78 -19.18 -24.55
C TYR J 63 -41.65 -17.93 -24.42
N HIS J 64 -41.49 -17.17 -23.35
CA HIS J 64 -42.42 -16.08 -22.95
C HIS J 64 -42.56 -15.03 -24.07
N SER J 65 -41.49 -14.75 -24.82
CA SER J 65 -41.48 -13.66 -25.84
C SER J 65 -42.25 -14.11 -27.09
N MET J 66 -42.61 -15.38 -27.20
CA MET J 66 -43.37 -15.91 -28.36
C MET J 66 -44.88 -15.99 -28.04
N ALA J 67 -45.30 -15.51 -26.88
CA ALA J 67 -46.71 -15.57 -26.45
C ALA J 67 -47.10 -14.22 -25.85
N LYS J 68 -48.03 -13.53 -26.51
CA LYS J 68 -48.59 -12.24 -26.03
C LYS J 68 -49.86 -12.56 -25.25
N VAL J 69 -49.87 -12.35 -23.94
CA VAL J 69 -51.03 -12.69 -23.07
C VAL J 69 -52.08 -11.57 -23.21
N THR J 70 -53.30 -11.92 -23.62
CA THR J 70 -54.41 -10.98 -23.91
C THR J 70 -55.45 -11.03 -22.79
N SER J 71 -55.59 -12.16 -22.07
CA SER J 71 -56.51 -12.27 -20.92
C SER J 71 -56.12 -13.40 -19.97
N LYS J 72 -56.72 -13.41 -18.78
CA LYS J 72 -56.52 -14.40 -17.70
C LYS J 72 -57.81 -15.19 -17.46
N ASN J 73 -57.71 -16.52 -17.42
CA ASN J 73 -58.84 -17.41 -17.05
C ASN J 73 -58.85 -17.56 -15.52
N SER J 74 -60.00 -17.93 -14.96
CA SER J 74 -60.23 -18.13 -13.50
C SER J 74 -59.34 -19.25 -12.96
N ASP J 75 -59.11 -20.31 -13.74
CA ASP J 75 -58.31 -21.50 -13.32
C ASP J 75 -56.80 -21.17 -13.28
N GLY J 76 -56.38 -19.92 -13.51
CA GLY J 76 -54.96 -19.51 -13.48
C GLY J 76 -54.26 -19.64 -14.83
N SER J 77 -54.87 -20.29 -15.83
CA SER J 77 -54.36 -20.30 -17.23
C SER J 77 -54.55 -18.90 -17.85
N VAL J 78 -53.93 -18.68 -19.01
CA VAL J 78 -54.00 -17.39 -19.75
C VAL J 78 -54.35 -17.69 -21.20
N ASN J 79 -54.94 -16.69 -21.86
CA ASN J 79 -55.22 -16.74 -23.32
C ASN J 79 -54.14 -15.88 -23.95
N ALA J 80 -53.48 -16.40 -24.97
CA ALA J 80 -52.35 -15.68 -25.60
C ALA J 80 -52.45 -15.78 -27.10
N THR J 81 -51.79 -14.83 -27.76
CA THR J 81 -51.60 -14.82 -29.23
C THR J 81 -50.12 -15.10 -29.50
N ILE J 82 -49.85 -16.01 -30.43
CA ILE J 82 -48.44 -16.36 -30.77
C ILE J 82 -47.79 -15.18 -31.49
N ASN J 83 -46.63 -14.80 -30.99
CA ASN J 83 -45.71 -13.78 -31.56
C ASN J 83 -44.49 -14.53 -32.12
N ALA J 84 -44.52 -14.86 -33.41
CA ALA J 84 -43.49 -15.60 -34.14
C ALA J 84 -42.19 -14.81 -34.14
N HIS J 85 -41.12 -15.48 -33.74
CA HIS J 85 -39.73 -15.01 -33.87
C HIS J 85 -38.83 -16.21 -33.60
N ALA J 86 -37.56 -16.09 -34.01
CA ALA J 86 -36.54 -17.11 -33.75
C ALA J 86 -35.44 -16.48 -32.90
N PHE J 87 -34.40 -17.27 -32.65
CA PHE J 87 -33.20 -16.84 -31.90
C PHE J 87 -31.99 -17.39 -32.63
N CYS J 88 -30.86 -16.71 -32.49
CA CYS J 88 -29.53 -17.32 -32.69
C CYS J 88 -28.69 -17.04 -31.43
N TRP J 89 -27.74 -17.92 -31.14
CA TRP J 89 -26.95 -17.90 -29.88
C TRP J 89 -25.47 -17.86 -30.21
N ASP J 90 -24.67 -17.22 -29.37
CA ASP J 90 -23.20 -17.18 -29.59
C ASP J 90 -22.58 -18.50 -29.10
N ASN J 91 -23.38 -19.50 -28.73
CA ASN J 91 -22.81 -20.83 -28.40
C ASN J 91 -23.83 -21.93 -28.72
N LYS J 92 -23.37 -23.18 -28.77
CA LYS J 92 -24.16 -24.34 -29.25
C LYS J 92 -25.00 -24.98 -28.13
N LYS J 93 -25.07 -24.37 -26.95
CA LYS J 93 -25.99 -24.83 -25.87
C LYS J 93 -27.40 -24.25 -26.09
N LEU J 94 -27.51 -23.19 -26.90
CA LEU J 94 -28.80 -22.51 -27.23
C LEU J 94 -29.50 -22.16 -25.92
N ASN J 95 -28.76 -21.58 -24.99
CA ASN J 95 -29.30 -21.30 -23.65
C ASN J 95 -28.52 -20.14 -23.04
N GLY J 96 -29.16 -18.97 -22.93
CA GLY J 96 -28.50 -17.76 -22.41
C GLY J 96 -27.23 -17.41 -23.19
N GLY J 97 -26.22 -16.89 -22.49
CA GLY J 97 -25.07 -16.23 -23.11
C GLY J 97 -25.55 -15.05 -23.93
N ASP J 98 -24.93 -14.82 -25.07
CA ASP J 98 -25.33 -13.72 -25.98
C ASP J 98 -26.28 -14.34 -27.03
N PHE J 99 -27.48 -13.80 -27.15
CA PHE J 99 -28.47 -14.29 -28.15
C PHE J 99 -29.18 -13.10 -28.78
N ILE J 100 -29.68 -13.30 -29.99
CA ILE J 100 -30.40 -12.25 -30.77
C ILE J 100 -31.80 -12.74 -31.12
N ASN J 101 -32.81 -11.92 -30.85
CA ASN J 101 -34.20 -12.12 -31.33
C ASN J 101 -34.21 -11.86 -32.85
N LEU J 102 -34.41 -12.88 -33.67
CA LEU J 102 -34.55 -12.74 -35.14
C LEU J 102 -36.05 -12.62 -35.49
N LYS J 103 -36.45 -11.50 -36.08
CA LYS J 103 -37.86 -11.22 -36.48
C LYS J 103 -38.32 -12.30 -37.45
N ARG J 104 -39.61 -12.66 -37.38
CA ARG J 104 -40.21 -13.57 -38.39
C ARG J 104 -39.88 -13.02 -39.79
N GLY J 105 -39.50 -13.87 -40.72
CA GLY J 105 -39.18 -13.44 -42.10
C GLY J 105 -37.77 -12.90 -42.25
N PHE J 106 -36.99 -12.76 -41.20
CA PHE J 106 -35.56 -12.36 -41.31
C PHE J 106 -34.87 -13.21 -42.39
N LYS J 107 -34.20 -12.55 -43.32
CA LYS J 107 -33.48 -13.19 -44.45
C LYS J 107 -31.99 -13.26 -44.10
N GLY J 108 -31.40 -14.43 -44.13
CA GLY J 108 -29.99 -14.59 -43.77
C GLY J 108 -29.28 -15.50 -44.75
N ILE J 109 -27.97 -15.63 -44.58
CA ILE J 109 -27.09 -16.55 -45.33
C ILE J 109 -26.33 -17.37 -44.29
N THR J 110 -26.22 -18.67 -44.50
CA THR J 110 -25.50 -19.59 -43.61
C THR J 110 -24.76 -20.57 -44.52
N HIS J 111 -24.23 -21.65 -43.94
CA HIS J 111 -23.42 -22.67 -44.62
C HIS J 111 -23.86 -24.02 -44.11
N PRO J 112 -23.77 -25.08 -44.95
CA PRO J 112 -24.09 -26.43 -44.53
C PRO J 112 -23.36 -26.74 -43.22
N ALA J 113 -24.11 -27.17 -42.22
CA ALA J 113 -23.62 -27.57 -40.89
C ALA J 113 -23.99 -29.04 -40.68
N SER J 114 -22.98 -29.91 -40.60
CA SER J 114 -23.12 -31.35 -40.30
C SER J 114 -23.72 -31.54 -38.90
N ASP J 115 -23.41 -30.64 -37.96
CA ASP J 115 -23.82 -30.75 -36.53
C ASP J 115 -25.15 -30.02 -36.27
N GLY J 116 -25.81 -29.48 -37.30
CA GLY J 116 -27.12 -28.82 -37.18
C GLY J 116 -27.06 -27.43 -36.53
N PHE J 117 -25.88 -26.89 -36.24
CA PHE J 117 -25.74 -25.49 -35.73
C PHE J 117 -25.28 -24.59 -36.88
N TYR J 118 -26.23 -23.89 -37.49
CA TYR J 118 -26.02 -23.11 -38.74
C TYR J 118 -25.45 -21.75 -38.36
N PRO J 119 -24.25 -21.41 -38.88
CA PRO J 119 -23.59 -20.16 -38.50
C PRO J 119 -24.16 -18.94 -39.22
N LEU J 120 -24.35 -17.87 -38.45
CA LEU J 120 -24.76 -16.54 -38.92
C LEU J 120 -23.66 -15.55 -38.51
N TYR J 121 -22.97 -14.96 -39.48
CA TYR J 121 -21.99 -13.89 -39.23
C TYR J 121 -22.68 -12.54 -39.36
N PHE J 122 -22.78 -11.80 -38.25
CA PHE J 122 -23.30 -10.41 -38.22
C PHE J 122 -22.09 -9.45 -38.25
N ALA J 123 -21.95 -8.65 -39.30
CA ALA J 123 -20.92 -7.60 -39.45
C ALA J 123 -20.86 -6.74 -38.17
N SER J 124 -21.99 -6.18 -37.75
CA SER J 124 -22.12 -5.26 -36.58
C SER J 124 -21.56 -5.91 -35.32
N ARG J 125 -21.57 -7.23 -35.22
CA ARG J 125 -21.08 -8.00 -34.04
C ARG J 125 -19.72 -8.56 -34.48
N LYS J 126 -18.82 -8.96 -33.63
CA LYS J 126 -17.54 -9.47 -34.20
C LYS J 126 -17.54 -10.99 -34.18
N LYS J 127 -18.71 -11.65 -34.18
CA LYS J 127 -18.73 -13.11 -33.88
C LYS J 127 -19.87 -13.83 -34.60
N THR J 128 -19.71 -15.16 -34.59
CA THR J 128 -20.64 -16.13 -35.17
C THR J 128 -21.74 -16.41 -34.16
N PHE J 129 -22.98 -16.32 -34.61
CA PHE J 129 -24.15 -16.87 -33.88
C PHE J 129 -24.59 -18.15 -34.58
N TYR J 130 -25.37 -18.96 -33.87
CA TYR J 130 -25.85 -20.28 -34.35
C TYR J 130 -27.37 -20.32 -34.23
N ILE J 131 -27.98 -20.84 -35.29
CA ILE J 131 -29.45 -21.06 -35.38
C ILE J 131 -29.67 -22.53 -35.71
N PRO J 132 -30.54 -23.23 -34.96
CA PRO J 132 -30.88 -24.62 -35.28
C PRO J 132 -31.79 -24.71 -36.51
N ARG J 133 -31.75 -25.86 -37.19
CA ARG J 133 -32.42 -26.12 -38.49
C ARG J 133 -33.92 -25.79 -38.40
N TYR J 134 -34.56 -26.10 -37.27
CA TYR J 134 -36.04 -26.06 -37.15
C TYR J 134 -36.56 -24.63 -37.13
N MET J 135 -35.70 -23.61 -37.04
CA MET J 135 -36.17 -22.21 -36.92
C MET J 135 -36.17 -21.49 -38.30
N PHE J 136 -35.81 -22.14 -39.38
CA PHE J 136 -35.76 -21.46 -40.70
C PHE J 136 -36.17 -22.39 -41.84
N ASP J 137 -36.54 -21.79 -42.97
CA ASP J 137 -36.73 -22.51 -44.26
C ASP J 137 -35.62 -22.13 -45.24
N ILE J 138 -35.34 -23.03 -46.17
CA ILE J 138 -34.44 -22.82 -47.32
C ILE J 138 -35.30 -22.60 -48.58
N LYS J 139 -35.07 -21.48 -49.29
CA LYS J 139 -35.55 -21.12 -50.67
C LYS J 139 -36.94 -20.49 -50.52
N MET K 1 46.90 26.86 9.57
CA MET K 1 48.09 26.01 9.81
C MET K 1 47.67 24.67 10.43
N MET K 2 48.65 23.88 10.89
CA MET K 2 48.45 22.54 11.50
C MET K 2 47.86 22.69 12.90
N GLU K 3 46.92 21.80 13.27
CA GLU K 3 46.24 21.80 14.59
C GLU K 3 46.37 20.41 15.23
N ASN K 4 46.41 20.36 16.55
CA ASN K 4 46.15 19.09 17.28
C ASN K 4 44.82 19.19 18.03
N ILE K 5 44.28 18.03 18.38
CA ILE K 5 42.98 17.84 19.08
C ILE K 5 43.28 16.92 20.25
N ASN K 6 42.96 17.35 21.47
CA ASN K 6 42.97 16.44 22.64
C ASN K 6 41.67 15.65 22.61
N ILE K 7 41.76 14.34 22.79
CA ILE K 7 40.56 13.46 22.74
C ILE K 7 40.57 12.60 23.98
N VAL K 8 39.38 12.14 24.36
CA VAL K 8 39.25 11.12 25.43
C VAL K 8 38.33 10.03 24.88
N ILE K 9 38.75 8.79 25.06
CA ILE K 9 37.99 7.61 24.57
C ILE K 9 36.74 7.52 25.46
N LYS K 10 35.58 7.32 24.83
CA LYS K 10 34.28 7.33 25.52
C LYS K 10 34.24 6.23 26.57
N ASP K 11 33.38 6.45 27.57
CA ASP K 11 33.15 5.49 28.67
C ASP K 11 32.01 4.53 28.26
N VAL K 12 31.96 4.09 27.00
CA VAL K 12 30.85 3.28 26.44
C VAL K 12 31.36 2.04 25.69
N GLY K 13 30.48 1.04 25.56
CA GLY K 13 30.53 -0.04 24.56
C GLY K 13 29.66 0.30 23.36
N TYR K 14 29.97 -0.24 22.18
CA TYR K 14 29.31 0.17 20.90
C TYR K 14 28.39 -0.96 20.43
N PHE K 15 27.09 -0.70 20.51
CA PHE K 15 26.02 -1.63 20.04
C PHE K 15 25.62 -1.14 18.65
N GLN K 16 26.26 -1.68 17.60
CA GLN K 16 26.16 -1.13 16.22
C GLN K 16 25.00 -1.81 15.48
N ASP K 17 24.49 -1.22 14.41
CA ASP K 17 23.39 -1.83 13.63
C ASP K 17 23.89 -3.01 12.78
N LYS K 18 25.21 -3.21 12.70
CA LYS K 18 25.87 -4.30 11.94
C LYS K 18 27.07 -4.76 12.74
N PRO K 19 27.52 -6.02 12.57
CA PRO K 19 28.71 -6.49 13.28
C PRO K 19 29.99 -6.03 12.60
N GLN K 20 30.16 -4.72 12.52
CA GLN K 20 31.33 -4.07 11.88
C GLN K 20 31.49 -2.67 12.46
N PHE K 21 32.70 -2.14 12.52
CA PHE K 21 33.03 -0.80 13.07
C PHE K 21 32.94 0.26 11.97
N LEU K 22 33.20 -0.09 10.71
CA LEU K 22 33.14 0.87 9.57
C LEU K 22 31.74 0.86 8.96
N ASN K 23 31.16 2.02 8.66
CA ASN K 23 29.85 2.15 7.93
C ASN K 23 28.74 1.49 8.73
N SER K 24 28.80 1.58 10.05
CA SER K 24 27.73 1.15 10.96
C SER K 24 27.30 2.37 11.80
N LYS K 25 26.05 2.35 12.23
CA LYS K 25 25.46 3.36 13.15
C LYS K 25 25.37 2.72 14.53
N SER K 26 25.56 3.52 15.57
CA SER K 26 25.35 3.06 16.96
C SER K 26 23.84 3.01 17.22
N VAL K 27 23.31 1.83 17.51
CA VAL K 27 21.92 1.68 18.01
C VAL K 27 21.93 2.10 19.49
N ARG K 28 22.94 1.68 20.24
CA ARG K 28 23.20 2.17 21.62
C ARG K 28 24.69 2.39 21.83
N GLN K 29 25.06 3.40 22.60
CA GLN K 29 26.40 3.56 23.20
C GLN K 29 26.19 3.41 24.71
N TRP K 30 26.34 2.20 25.20
CA TRP K 30 26.00 1.82 26.59
C TRP K 30 27.16 2.19 27.52
N LYS K 31 26.86 2.96 28.54
CA LYS K 31 27.83 3.34 29.61
C LYS K 31 28.44 2.07 30.21
N HIS K 32 29.72 2.11 30.52
CA HIS K 32 30.43 1.06 31.30
C HIS K 32 29.55 0.63 32.46
N GLY K 33 29.37 -0.69 32.65
CA GLY K 33 28.61 -1.24 33.78
C GLY K 33 27.12 -1.46 33.46
N THR K 34 26.60 -0.96 32.32
CA THR K 34 25.21 -1.24 31.91
C THR K 34 24.98 -2.74 31.86
N LYS K 35 23.84 -3.21 32.39
CA LYS K 35 23.43 -4.63 32.37
C LYS K 35 22.50 -4.85 31.17
N VAL K 36 22.79 -5.89 30.38
CA VAL K 36 22.12 -6.10 29.07
C VAL K 36 21.84 -7.60 28.91
N LYS K 37 20.95 -7.89 27.97
CA LYS K 37 20.69 -9.26 27.52
C LYS K 37 21.20 -9.39 26.08
N LEU K 38 21.93 -10.46 25.77
CA LEU K 38 22.62 -10.65 24.47
C LEU K 38 22.50 -12.13 24.07
N THR K 39 22.84 -12.45 22.83
CA THR K 39 23.10 -13.83 22.36
C THR K 39 24.39 -13.81 21.56
N LYS K 40 25.21 -14.85 21.66
CA LYS K 40 26.44 -15.00 20.83
C LYS K 40 26.02 -14.96 19.35
N HIS K 41 26.65 -14.12 18.54
CA HIS K 41 26.39 -14.02 17.08
C HIS K 41 27.47 -14.79 16.33
N ASN K 42 28.74 -14.57 16.66
CA ASN K 42 29.87 -15.32 16.06
C ASN K 42 31.03 -15.28 17.05
N SER K 43 32.24 -15.63 16.64
CA SER K 43 33.39 -15.76 17.57
C SER K 43 33.72 -14.39 18.19
N HIS K 44 33.40 -13.28 17.54
CA HIS K 44 33.86 -11.93 17.94
C HIS K 44 32.68 -11.02 18.32
N TRP K 45 31.43 -11.43 18.11
CA TRP K 45 30.28 -10.49 18.25
C TRP K 45 29.15 -11.16 19.02
N TYR K 46 28.44 -10.35 19.81
CA TYR K 46 27.13 -10.64 20.40
C TYR K 46 26.10 -9.85 19.62
N THR K 47 24.85 -10.29 19.69
CA THR K 47 23.72 -9.52 19.16
C THR K 47 22.64 -9.43 20.22
N GLY K 48 21.77 -8.45 20.10
CA GLY K 48 20.57 -8.33 20.94
C GLY K 48 19.57 -7.42 20.29
N VAL K 49 18.47 -7.18 20.98
CA VAL K 49 17.35 -6.36 20.46
C VAL K 49 16.94 -5.37 21.55
N VAL K 50 16.68 -4.13 21.17
CA VAL K 50 16.19 -3.06 22.06
C VAL K 50 14.95 -2.45 21.40
N LYS K 51 14.22 -1.61 22.11
CA LYS K 51 12.99 -0.94 21.59
C LYS K 51 13.34 0.52 21.34
N ASP K 52 13.16 1.00 20.10
CA ASP K 52 13.14 2.44 19.75
C ASP K 52 11.66 2.79 19.47
N GLY K 53 10.99 3.34 20.49
CA GLY K 53 9.52 3.45 20.53
C GLY K 53 8.89 2.07 20.70
N ASN K 54 8.03 1.67 19.77
CA ASN K 54 7.41 0.32 19.74
C ASN K 54 8.25 -0.63 18.85
N LYS K 55 9.17 -0.07 18.05
CA LYS K 55 9.99 -0.82 17.06
C LYS K 55 11.13 -1.55 17.76
N SER K 56 11.21 -2.86 17.57
CA SER K 56 12.38 -3.71 17.90
C SER K 56 13.53 -3.43 16.92
N VAL K 57 14.73 -3.19 17.43
CA VAL K 57 15.94 -2.90 16.61
C VAL K 57 17.06 -3.83 17.08
N ARG K 58 17.69 -4.52 16.14
CA ARG K 58 18.78 -5.45 16.43
C ARG K 58 20.11 -4.69 16.42
N GLY K 59 21.01 -5.07 17.33
CA GLY K 59 22.36 -4.53 17.38
C GLY K 59 23.37 -5.62 17.58
N TYR K 60 24.64 -5.24 17.44
CA TYR K 60 25.80 -6.14 17.51
C TYR K 60 26.85 -5.42 18.36
N ILE K 61 27.45 -6.15 19.30
CA ILE K 61 28.51 -5.57 20.15
C ILE K 61 29.66 -6.56 20.22
N TYR K 62 30.87 -6.06 20.10
CA TYR K 62 32.12 -6.83 20.06
C TYR K 62 32.33 -7.55 21.41
N HIS K 63 32.86 -8.77 21.38
CA HIS K 63 32.88 -9.71 22.54
C HIS K 63 33.59 -9.09 23.74
N SER K 64 34.63 -8.28 23.51
CA SER K 64 35.49 -7.75 24.60
C SER K 64 34.76 -6.59 25.29
N MET K 65 33.63 -6.11 24.74
CA MET K 65 32.83 -5.04 25.36
C MET K 65 31.67 -5.61 26.18
N ALA K 66 31.58 -6.92 26.35
CA ALA K 66 30.46 -7.56 27.08
C ALA K 66 30.97 -8.69 27.97
N LYS K 67 30.79 -8.54 29.26
CA LYS K 67 31.27 -9.51 30.29
C LYS K 67 30.05 -10.34 30.68
N VAL K 68 30.03 -11.62 30.34
CA VAL K 68 28.84 -12.48 30.62
C VAL K 68 28.87 -12.95 32.08
N THR K 69 27.80 -12.69 32.83
CA THR K 69 27.65 -13.00 34.27
C THR K 69 26.73 -14.21 34.49
N SER K 70 25.78 -14.48 33.58
CA SER K 70 24.89 -15.66 33.70
C SER K 70 24.25 -16.02 32.34
N LYS K 71 23.63 -17.20 32.30
CA LYS K 71 22.90 -17.76 31.16
C LYS K 71 21.39 -17.86 31.46
N ASN K 72 20.56 -17.39 30.54
CA ASN K 72 19.08 -17.57 30.61
C ASN K 72 18.71 -18.92 30.00
N SER K 73 17.52 -19.44 30.35
CA SER K 73 16.96 -20.73 29.87
C SER K 73 16.74 -20.69 28.35
N ASP K 74 16.34 -19.55 27.80
CA ASP K 74 16.07 -19.39 26.34
C ASP K 74 17.37 -19.36 25.50
N GLY K 75 18.55 -19.56 26.10
CA GLY K 75 19.85 -19.56 25.39
C GLY K 75 20.51 -18.18 25.31
N SER K 76 19.81 -17.09 25.66
CA SER K 76 20.42 -15.74 25.79
C SER K 76 21.31 -15.69 27.03
N VAL K 77 22.10 -14.61 27.16
CA VAL K 77 23.03 -14.41 28.32
C VAL K 77 22.80 -13.03 28.91
N ASN K 78 23.13 -12.89 30.19
CA ASN K 78 23.11 -11.60 30.90
C ASN K 78 24.55 -11.13 30.97
N ALA K 79 24.82 -9.90 30.58
CA ALA K 79 26.18 -9.36 30.53
C ALA K 79 26.22 -7.96 31.09
N THR K 80 27.43 -7.56 31.47
CA THR K 80 27.75 -6.17 31.89
C THR K 80 28.64 -5.56 30.81
N ILE K 81 28.33 -4.35 30.38
CA ILE K 81 29.16 -3.66 29.35
C ILE K 81 30.52 -3.28 29.95
N ASN K 82 31.57 -3.66 29.24
CA ASN K 82 32.98 -3.29 29.46
C ASN K 82 33.40 -2.29 28.39
N ALA K 83 33.30 -1.00 28.68
CA ALA K 83 33.60 0.10 27.74
C ALA K 83 35.09 0.07 27.36
N HIS K 84 35.34 0.13 26.06
CA HIS K 84 36.68 0.39 25.46
C HIS K 84 36.50 0.72 23.99
N ALA K 85 37.51 1.27 23.37
CA ALA K 85 37.51 1.60 21.93
C ALA K 85 38.64 0.82 21.25
N PHE K 86 38.84 1.08 19.97
CA PHE K 86 39.92 0.48 19.15
C PHE K 86 40.50 1.58 18.29
N CYS K 87 41.77 1.44 17.90
CA CYS K 87 42.31 2.08 16.67
C CYS K 87 42.96 1.00 15.80
N TRP K 88 42.98 1.23 14.50
CA TRP K 88 43.40 0.23 13.48
C TRP K 88 44.53 0.81 12.64
N ASP K 89 45.44 -0.04 12.16
CA ASP K 89 46.54 0.43 11.28
C ASP K 89 46.03 0.60 9.86
N ASN K 90 44.73 0.47 9.62
CA ASN K 90 44.16 0.80 8.28
C ASN K 90 42.72 1.29 8.40
N LYS K 91 42.19 1.88 7.34
CA LYS K 91 40.89 2.59 7.34
C LYS K 91 39.71 1.65 7.04
N LYS K 92 39.94 0.34 7.00
CA LYS K 92 38.85 -0.67 6.89
C LYS K 92 38.26 -0.94 8.29
N LEU K 93 39.01 -0.63 9.35
CA LEU K 93 38.58 -0.83 10.77
C LEU K 93 38.19 -2.31 10.93
N ASN K 94 39.02 -3.20 10.43
CA ASN K 94 38.67 -4.64 10.41
C ASN K 94 39.94 -5.46 10.41
N GLY K 95 40.27 -6.12 11.53
CA GLY K 95 41.50 -6.91 11.68
C GLY K 95 42.75 -6.11 11.35
N GLY K 96 43.74 -6.75 10.74
CA GLY K 96 45.11 -6.20 10.62
C GLY K 96 45.67 -5.95 12.00
N ASP K 97 46.40 -4.87 12.17
CA ASP K 97 46.98 -4.50 13.49
C ASP K 97 45.99 -3.51 14.14
N PHE K 98 45.52 -3.82 15.35
CA PHE K 98 44.60 -2.93 16.09
C PHE K 98 44.97 -2.93 17.56
N ILE K 99 44.62 -1.85 18.27
CA ILE K 99 44.93 -1.68 19.71
C ILE K 99 43.65 -1.43 20.50
N ASN K 100 43.45 -2.15 21.59
CA ASN K 100 42.38 -1.91 22.58
C ASN K 100 42.71 -0.62 23.34
N LEU K 101 41.95 0.46 23.14
CA LEU K 101 42.12 1.72 23.91
C LEU K 101 41.17 1.71 25.11
N LYS K 102 41.73 1.76 26.33
CA LYS K 102 40.90 1.69 27.58
C LYS K 102 39.94 2.88 27.63
N ARG K 103 38.77 2.70 28.24
CA ARG K 103 37.83 3.82 28.47
C ARG K 103 38.61 4.95 29.17
N GLY K 104 38.41 6.20 28.73
CA GLY K 104 39.09 7.34 29.35
C GLY K 104 40.50 7.56 28.83
N PHE K 105 41.03 6.68 27.97
CA PHE K 105 42.35 6.90 27.34
C PHE K 105 42.40 8.32 26.78
N LYS K 106 43.47 9.05 27.13
CA LYS K 106 43.69 10.45 26.69
C LYS K 106 44.68 10.41 25.53
N GLY K 107 44.32 10.98 24.39
CA GLY K 107 45.18 10.95 23.21
C GLY K 107 45.21 12.27 22.53
N ILE K 108 46.07 12.37 21.51
CA ILE K 108 46.19 13.57 20.66
C ILE K 108 46.04 13.10 19.22
N THR K 109 45.26 13.81 18.42
CA THR K 109 45.06 13.50 16.99
C THR K 109 45.06 14.83 16.26
N HIS K 110 44.67 14.82 15.00
CA HIS K 110 44.69 15.99 14.09
C HIS K 110 43.40 15.97 13.31
N PRO K 111 42.89 17.15 12.91
CA PRO K 111 41.70 17.26 12.09
C PRO K 111 41.82 16.29 10.90
N ALA K 112 40.83 15.42 10.74
CA ALA K 112 40.72 14.48 9.61
C ALA K 112 39.42 14.79 8.86
N SER K 113 39.55 15.24 7.61
CA SER K 113 38.44 15.50 6.67
C SER K 113 37.70 14.19 6.38
N ASP K 114 38.39 13.03 6.36
CA ASP K 114 37.80 11.73 5.96
C ASP K 114 37.28 10.96 7.20
N GLY K 115 37.33 11.56 8.40
CA GLY K 115 36.79 10.93 9.61
C GLY K 115 37.66 9.83 10.19
N PHE K 116 38.85 9.57 9.63
CA PHE K 116 39.80 8.60 10.22
C PHE K 116 40.90 9.38 10.95
N TYR K 117 40.78 9.48 12.26
CA TYR K 117 41.63 10.36 13.11
C TYR K 117 42.93 9.62 13.42
N PRO K 118 44.08 10.21 13.03
CA PRO K 118 45.36 9.55 13.19
C PRO K 118 45.89 9.63 14.63
N LEU K 119 46.40 8.50 15.09
CA LEU K 119 47.08 8.33 16.40
C LEU K 119 48.49 7.82 16.10
N TYR K 120 49.51 8.62 16.41
CA TYR K 120 50.93 8.23 16.36
C TYR K 120 51.34 7.70 17.71
N PHE K 121 51.64 6.40 17.79
CA PHE K 121 52.22 5.73 19.00
C PHE K 121 53.74 5.63 18.81
N ALA K 122 54.52 6.28 19.68
CA ALA K 122 56.00 6.31 19.64
C ALA K 122 56.56 4.88 19.45
N SER K 123 56.19 3.96 20.35
CA SER K 123 56.69 2.57 20.41
C SER K 123 56.45 1.85 19.06
N ARG K 124 55.44 2.27 18.30
CA ARG K 124 55.02 1.56 17.09
C ARG K 124 55.59 2.02 15.75
N LYS K 125 55.90 3.28 15.52
CA LYS K 125 56.47 3.73 14.22
C LYS K 125 55.45 3.66 13.09
N LYS K 126 54.14 3.62 13.36
CA LYS K 126 53.12 3.80 12.31
C LYS K 126 51.85 4.44 12.88
N THR K 127 51.01 4.88 11.96
CA THR K 127 49.76 5.61 12.23
C THR K 127 48.66 4.58 12.47
N PHE K 128 47.92 4.71 13.56
CA PHE K 128 46.63 4.04 13.77
C PHE K 128 45.50 5.06 13.57
N TYR K 129 44.31 4.55 13.32
CA TYR K 129 43.12 5.37 12.99
C TYR K 129 42.00 4.99 13.95
N ILE K 130 41.31 6.01 14.45
CA ILE K 130 40.13 5.89 15.35
C ILE K 130 39.01 6.69 14.69
N PRO K 131 37.81 6.09 14.53
CA PRO K 131 36.68 6.84 13.98
C PRO K 131 36.10 7.81 15.03
N ARG K 132 35.44 8.86 14.56
CA ARG K 132 34.93 10.00 15.35
C ARG K 132 34.06 9.51 16.50
N TYR K 133 33.24 8.47 16.28
CA TYR K 133 32.19 8.06 17.24
C TYR K 133 32.78 7.41 18.47
N MET K 134 34.08 7.12 18.52
CA MET K 134 34.69 6.41 19.69
C MET K 134 35.34 7.37 20.68
N PHE K 135 35.30 8.68 20.46
CA PHE K 135 35.97 9.62 21.41
C PHE K 135 35.17 10.92 21.54
N ASP K 136 35.45 11.66 22.60
CA ASP K 136 34.98 13.06 22.77
C ASP K 136 36.17 14.04 22.63
N ILE K 137 35.88 15.22 22.14
CA ILE K 137 36.78 16.41 22.18
C ILE K 137 36.22 17.33 23.27
N LYS K 138 36.96 17.57 24.35
CA LYS K 138 36.58 18.54 25.43
C LYS K 138 36.44 19.97 24.86
N LYS K 139 35.29 20.63 25.06
CA LYS K 139 34.98 21.99 24.54
C LYS K 139 33.92 22.63 25.44
N MET L 1 -14.50 -9.19 1.28
CA MET L 1 -13.52 -8.19 1.85
C MET L 1 -12.14 -8.85 1.92
N MET L 2 -12.06 -10.18 2.14
CA MET L 2 -10.80 -10.98 2.05
C MET L 2 -10.46 -11.17 0.56
N GLU L 3 -9.16 -11.07 0.21
CA GLU L 3 -8.60 -11.17 -1.15
C GLU L 3 -7.45 -12.18 -1.16
N ASN L 4 -7.17 -12.84 -2.26
CA ASN L 4 -5.94 -13.67 -2.41
C ASN L 4 -4.96 -13.02 -3.42
N ILE L 5 -3.69 -13.35 -3.28
CA ILE L 5 -2.57 -12.86 -4.13
C ILE L 5 -1.80 -14.10 -4.59
N ASN L 6 -1.63 -14.27 -5.90
CA ASN L 6 -0.69 -15.30 -6.43
C ASN L 6 0.71 -14.70 -6.38
N ILE L 7 1.68 -15.45 -5.88
CA ILE L 7 3.08 -14.98 -5.78
C ILE L 7 3.99 -16.02 -6.40
N VAL L 8 5.18 -15.61 -6.80
CA VAL L 8 6.25 -16.53 -7.23
C VAL L 8 7.53 -16.09 -6.53
N ILE L 9 8.23 -17.05 -5.95
CA ILE L 9 9.49 -16.79 -5.21
C ILE L 9 10.55 -16.39 -6.25
N LYS L 10 11.29 -15.32 -5.98
CA LYS L 10 12.28 -14.72 -6.91
C LYS L 10 13.36 -15.75 -7.22
N ASP L 11 14.01 -15.56 -8.36
CA ASP L 11 15.13 -16.39 -8.86
C ASP L 11 16.46 -15.81 -8.35
N VAL L 12 16.52 -15.33 -7.10
CA VAL L 12 17.70 -14.62 -6.53
C VAL L 12 18.11 -15.17 -5.15
N GLY L 13 19.36 -14.94 -4.79
CA GLY L 13 19.89 -15.01 -3.41
C GLY L 13 19.97 -13.61 -2.82
N TYR L 14 19.89 -13.47 -1.50
CA TYR L 14 19.71 -12.15 -0.82
C TYR L 14 21.03 -11.76 -0.13
N PHE L 15 21.70 -10.75 -0.68
CA PHE L 15 22.94 -10.17 -0.14
C PHE L 15 22.53 -8.93 0.66
N GLN L 16 22.28 -9.10 1.96
CA GLN L 16 21.62 -8.05 2.80
C GLN L 16 22.70 -7.14 3.42
N ASP L 17 22.34 -5.94 3.86
CA ASP L 17 23.31 -5.02 4.50
C ASP L 17 23.66 -5.50 5.93
N LYS L 18 22.95 -6.49 6.45
CA LYS L 18 23.14 -7.08 7.80
C LYS L 18 22.91 -8.57 7.72
N PRO L 19 23.49 -9.40 8.61
CA PRO L 19 23.25 -10.84 8.60
C PRO L 19 21.93 -11.20 9.27
N GLN L 20 20.85 -10.67 8.73
CA GLN L 20 19.47 -10.90 9.26
C GLN L 20 18.49 -10.69 8.10
N PHE L 21 17.36 -11.38 8.14
CA PHE L 21 16.29 -11.26 7.11
C PHE L 21 15.31 -10.14 7.47
N LEU L 22 15.13 -9.84 8.76
CA LEU L 22 14.16 -8.80 9.21
C LEU L 22 14.90 -7.46 9.34
N ASN L 23 14.31 -6.37 8.85
CA ASN L 23 14.83 -4.98 8.99
C ASN L 23 16.23 -4.87 8.38
N SER L 24 16.46 -5.55 7.27
CA SER L 24 17.69 -5.40 6.45
C SER L 24 17.30 -4.98 5.04
N LYS L 25 18.21 -4.32 4.34
CA LYS L 25 18.03 -3.90 2.92
C LYS L 25 18.90 -4.82 2.08
N SER L 26 18.45 -5.13 0.86
CA SER L 26 19.23 -5.90 -0.11
C SER L 26 20.28 -4.98 -0.71
N VAL L 27 21.54 -5.30 -0.52
CA VAL L 27 22.67 -4.64 -1.23
C VAL L 27 22.71 -5.22 -2.64
N ARG L 28 22.52 -6.53 -2.78
CA ARG L 28 22.31 -7.20 -4.10
C ARG L 28 21.21 -8.26 -3.94
N GLN L 29 20.41 -8.43 -5.00
CA GLN L 29 19.58 -9.63 -5.22
C GLN L 29 20.18 -10.32 -6.44
N TRP L 30 21.12 -11.23 -6.20
CA TRP L 30 21.93 -11.89 -7.23
C TRP L 30 21.13 -13.03 -7.87
N LYS L 31 21.03 -12.98 -9.19
CA LYS L 31 20.40 -14.06 -10.00
C LYS L 31 21.05 -15.40 -9.67
N HIS L 32 20.25 -16.46 -9.60
CA HIS L 32 20.74 -17.86 -9.54
C HIS L 32 21.91 -18.03 -10.49
N GLY L 33 23.01 -18.63 -10.04
CA GLY L 33 24.19 -18.92 -10.88
C GLY L 33 25.24 -17.81 -10.85
N THR L 34 24.96 -16.64 -10.27
CA THR L 34 25.99 -15.56 -10.18
C THR L 34 27.22 -16.09 -9.44
N LYS L 35 28.42 -15.81 -9.93
CA LYS L 35 29.71 -16.21 -9.30
C LYS L 35 30.23 -15.04 -8.45
N VAL L 36 30.61 -15.31 -7.21
CA VAL L 36 30.97 -14.26 -6.22
C VAL L 36 32.16 -14.72 -5.40
N LYS L 37 32.79 -13.75 -4.72
CA LYS L 37 33.81 -14.05 -3.69
C LYS L 37 33.22 -13.68 -2.32
N LEU L 38 33.35 -14.55 -1.34
CA LEU L 38 32.76 -14.39 -0.01
C LEU L 38 33.77 -14.81 1.06
N THR L 39 33.52 -14.45 2.31
CA THR L 39 34.24 -14.98 3.49
C THR L 39 33.21 -15.45 4.51
N LYS L 40 33.45 -16.58 5.14
CA LYS L 40 32.59 -17.11 6.23
C LYS L 40 32.50 -16.02 7.31
N HIS L 41 31.29 -15.66 7.72
CA HIS L 41 31.02 -14.64 8.75
C HIS L 41 30.68 -15.33 10.06
N ASN L 42 29.78 -16.29 10.04
CA ASN L 42 29.46 -17.15 11.20
C ASN L 42 28.93 -18.49 10.68
N SER L 43 28.31 -19.32 11.52
CA SER L 43 27.90 -20.68 11.15
C SER L 43 26.86 -20.63 10.03
N HIS L 44 26.08 -19.56 9.90
CA HIS L 44 24.93 -19.49 8.96
C HIS L 44 25.12 -18.43 7.86
N TRP L 45 26.16 -17.60 7.93
CA TRP L 45 26.27 -16.43 7.02
C TRP L 45 27.66 -16.30 6.43
N TYR L 46 27.71 -15.82 5.20
CA TYR L 46 28.92 -15.34 4.51
C TYR L 46 28.81 -13.83 4.44
N THR L 47 29.95 -13.17 4.24
CA THR L 47 30.00 -11.73 3.95
C THR L 47 30.88 -11.49 2.73
N GLY L 48 30.69 -10.35 2.09
CA GLY L 48 31.55 -9.89 1.00
C GLY L 48 31.40 -8.41 0.81
N VAL L 49 32.05 -7.86 -0.20
CA VAL L 49 32.09 -6.41 -0.51
C VAL L 49 31.83 -6.22 -2.00
N VAL L 50 31.02 -5.23 -2.37
CA VAL L 50 30.76 -4.85 -3.78
C VAL L 50 30.96 -3.34 -3.87
N LYS L 51 30.97 -2.79 -5.09
CA LYS L 51 31.11 -1.34 -5.33
C LYS L 51 29.74 -0.79 -5.75
N ASP L 52 29.21 0.20 -5.04
CA ASP L 52 28.11 1.08 -5.53
C ASP L 52 28.73 2.43 -5.90
N GLY L 53 29.03 2.63 -7.18
CA GLY L 53 29.89 3.72 -7.67
C GLY L 53 31.33 3.46 -7.25
N ASN L 54 31.93 4.41 -6.52
CA ASN L 54 33.29 4.27 -5.91
C ASN L 54 33.18 3.79 -4.48
N LYS L 55 31.99 3.73 -3.89
CA LYS L 55 31.75 3.31 -2.48
C LYS L 55 31.78 1.77 -2.39
N SER L 56 32.67 1.23 -1.56
CA SER L 56 32.70 -0.19 -1.14
C SER L 56 31.57 -0.42 -0.13
N VAL L 57 30.74 -1.44 -0.32
CA VAL L 57 29.57 -1.75 0.55
C VAL L 57 29.65 -3.23 0.94
N ARG L 58 29.54 -3.52 2.22
CA ARG L 58 29.59 -4.88 2.76
C ARG L 58 28.17 -5.48 2.75
N GLY L 59 28.08 -6.76 2.44
CA GLY L 59 26.81 -7.51 2.51
C GLY L 59 27.02 -8.84 3.16
N TYR L 60 25.90 -9.50 3.44
CA TYR L 60 25.83 -10.79 4.14
C TYR L 60 24.83 -11.66 3.39
N ILE L 61 25.19 -12.91 3.16
CA ILE L 61 24.28 -13.85 2.46
C ILE L 61 24.28 -15.17 3.22
N TYR L 62 23.10 -15.74 3.39
CA TYR L 62 22.86 -16.97 4.16
C TYR L 62 23.56 -18.16 3.47
N HIS L 63 24.10 -19.09 4.25
CA HIS L 63 25.01 -20.16 3.77
C HIS L 63 24.36 -20.99 2.65
N SER L 64 23.06 -21.23 2.71
CA SER L 64 22.37 -22.15 1.77
C SER L 64 22.14 -21.44 0.44
N MET L 65 22.39 -20.13 0.35
CA MET L 65 22.25 -19.37 -0.91
C MET L 65 23.59 -19.23 -1.64
N ALA L 66 24.65 -19.83 -1.11
CA ALA L 66 26.01 -19.74 -1.69
C ALA L 66 26.62 -21.14 -1.71
N LYS L 67 26.84 -21.67 -2.91
CA LYS L 67 27.46 -22.99 -3.12
C LYS L 67 28.96 -22.75 -3.33
N VAL L 68 29.78 -23.20 -2.37
CA VAL L 68 31.24 -22.93 -2.39
C VAL L 68 31.89 -23.95 -3.34
N THR L 69 32.60 -23.45 -4.35
CA THR L 69 33.21 -24.25 -5.43
C THR L 69 34.73 -24.34 -5.22
N SER L 70 35.35 -23.34 -4.57
CA SER L 70 36.79 -23.39 -4.23
C SER L 70 37.15 -22.45 -3.06
N LYS L 71 38.34 -22.65 -2.52
CA LYS L 71 38.88 -21.91 -1.36
C LYS L 71 40.12 -21.12 -1.78
N ASN L 72 40.15 -19.82 -1.52
CA ASN L 72 41.33 -18.97 -1.79
C ASN L 72 42.29 -19.05 -0.59
N SER L 73 43.58 -18.73 -0.80
CA SER L 73 44.65 -18.80 0.22
C SER L 73 44.37 -17.84 1.39
N ASP L 74 43.81 -16.66 1.10
CA ASP L 74 43.51 -15.61 2.10
C ASP L 74 42.32 -15.99 2.99
N GLY L 75 41.74 -17.20 2.88
CA GLY L 75 40.59 -17.65 3.70
C GLY L 75 39.22 -17.29 3.10
N SER L 76 39.16 -16.48 2.04
CA SER L 76 37.92 -16.25 1.25
C SER L 76 37.59 -17.51 0.44
N VAL L 77 36.38 -17.55 -0.12
CA VAL L 77 35.87 -18.69 -0.93
C VAL L 77 35.27 -18.13 -2.21
N ASN L 78 35.25 -18.96 -3.25
CA ASN L 78 34.56 -18.65 -4.52
C ASN L 78 33.27 -19.45 -4.48
N ALA L 79 32.15 -18.80 -4.76
CA ALA L 79 30.84 -19.46 -4.63
C ALA L 79 29.96 -19.10 -5.82
N THR L 80 28.97 -19.94 -6.03
CA THR L 80 27.87 -19.70 -7.00
C THR L 80 26.59 -19.48 -6.21
N ILE L 81 25.82 -18.46 -6.55
CA ILE L 81 24.54 -18.15 -5.86
C ILE L 81 23.52 -19.24 -6.20
N ASN L 82 22.94 -19.81 -5.15
CA ASN L 82 21.83 -20.78 -5.16
C ASN L 82 20.58 -20.05 -4.66
N ALA L 83 19.78 -19.53 -5.57
CA ALA L 83 18.56 -18.74 -5.30
C ALA L 83 17.54 -19.62 -4.59
N HIS L 84 17.02 -19.12 -3.48
CA HIS L 84 15.88 -19.69 -2.74
C HIS L 84 15.41 -18.62 -1.74
N ALA L 85 14.20 -18.79 -1.23
CA ALA L 85 13.63 -17.93 -0.19
C ALA L 85 13.36 -18.78 1.05
N PHE L 86 12.75 -18.15 2.03
CA PHE L 86 12.33 -18.76 3.30
C PHE L 86 10.96 -18.24 3.65
N CYS L 87 10.20 -19.04 4.39
CA CYS L 87 9.09 -18.55 5.23
C CYS L 87 9.31 -19.09 6.65
N TRP L 88 8.81 -18.34 7.63
CA TRP L 88 9.07 -18.60 9.08
C TRP L 88 7.74 -18.72 9.82
N ASP L 89 7.69 -19.54 10.87
CA ASP L 89 6.46 -19.67 11.67
C ASP L 89 6.36 -18.48 12.64
N ASN L 90 7.23 -17.48 12.55
CA ASN L 90 7.07 -16.25 13.36
C ASN L 90 7.65 -15.04 12.62
N LYS L 91 7.29 -13.83 13.05
CA LYS L 91 7.60 -12.57 12.32
C LYS L 91 8.96 -11.98 12.73
N LYS L 92 9.78 -12.73 13.49
CA LYS L 92 11.19 -12.34 13.75
C LYS L 92 12.08 -12.76 12.57
N LEU L 93 11.62 -13.70 11.75
CA LEU L 93 12.34 -14.22 10.56
C LEU L 93 13.72 -14.71 11.02
N ASN L 94 13.77 -15.46 12.11
CA ASN L 94 15.06 -15.86 12.71
C ASN L 94 14.85 -17.16 13.48
N GLY L 95 15.42 -18.26 12.98
CA GLY L 95 15.25 -19.60 13.57
C GLY L 95 13.79 -19.97 13.76
N GLY L 96 13.49 -20.69 14.85
CA GLY L 96 12.19 -21.34 15.05
C GLY L 96 11.96 -22.34 13.93
N ASP L 97 10.74 -22.44 13.47
CA ASP L 97 10.40 -23.36 12.35
C ASP L 97 10.43 -22.52 11.05
N PHE L 98 11.23 -22.92 10.07
CA PHE L 98 11.27 -22.23 8.77
C PHE L 98 11.35 -23.26 7.64
N ILE L 99 10.92 -22.86 6.45
CA ILE L 99 10.92 -23.73 5.23
C ILE L 99 11.72 -23.05 4.13
N ASN L 100 12.63 -23.80 3.50
CA ASN L 100 13.36 -23.41 2.27
C ASN L 100 12.35 -23.44 1.10
N LEU L 101 11.97 -22.30 0.54
CA LEU L 101 11.11 -22.22 -0.66
C LEU L 101 11.99 -22.16 -1.91
N LYS L 102 11.89 -23.15 -2.80
CA LYS L 102 12.71 -23.22 -4.04
C LYS L 102 12.45 -21.98 -4.91
N ARG L 103 13.45 -21.54 -5.64
CA ARG L 103 13.26 -20.43 -6.62
C ARG L 103 12.08 -20.82 -7.54
N GLY L 104 11.19 -19.89 -7.83
CA GLY L 104 10.03 -20.15 -8.70
C GLY L 104 8.87 -20.79 -7.98
N PHE L 105 8.99 -21.13 -6.69
CA PHE L 105 7.85 -21.66 -5.90
C PHE L 105 6.62 -20.78 -6.12
N LYS L 106 5.50 -21.38 -6.46
CA LYS L 106 4.21 -20.68 -6.70
C LYS L 106 3.35 -20.82 -5.45
N GLY L 107 2.93 -19.69 -4.86
CA GLY L 107 2.16 -19.71 -3.62
C GLY L 107 0.97 -18.79 -3.73
N ILE L 108 0.09 -18.89 -2.74
CA ILE L 108 -1.08 -18.00 -2.56
C ILE L 108 -0.98 -17.41 -1.17
N THR L 109 -1.19 -16.12 -1.05
CA THR L 109 -1.14 -15.40 0.24
C THR L 109 -2.29 -14.41 0.23
N HIS L 110 -2.28 -13.48 1.20
CA HIS L 110 -3.34 -12.47 1.39
C HIS L 110 -2.64 -11.15 1.66
N PRO L 111 -3.28 -10.03 1.27
CA PRO L 111 -2.76 -8.70 1.57
C PRO L 111 -2.40 -8.62 3.05
N ALA L 112 -1.16 -8.24 3.34
CA ALA L 112 -0.61 -8.05 4.70
C ALA L 112 -0.16 -6.58 4.83
N SER L 113 -0.83 -5.83 5.68
CA SER L 113 -0.50 -4.41 5.99
C SER L 113 0.91 -4.32 6.62
N ASP L 114 1.33 -5.34 7.38
CA ASP L 114 2.61 -5.34 8.16
C ASP L 114 3.74 -5.98 7.33
N GLY L 115 3.49 -6.35 6.07
CA GLY L 115 4.54 -6.91 5.19
C GLY L 115 4.92 -8.35 5.50
N PHE L 116 4.25 -9.04 6.43
CA PHE L 116 4.46 -10.48 6.70
C PHE L 116 3.33 -11.28 6.03
N TYR L 117 3.59 -11.82 4.85
CA TYR L 117 2.58 -12.46 3.98
C TYR L 117 2.37 -13.90 4.43
N PRO L 118 1.14 -14.28 4.81
CA PRO L 118 0.87 -15.61 5.34
C PRO L 118 0.78 -16.69 4.26
N LEU L 119 1.42 -17.81 4.53
CA LEU L 119 1.37 -19.03 3.70
C LEU L 119 0.84 -20.18 4.58
N TYR L 120 -0.33 -20.73 4.25
CA TYR L 120 -0.86 -21.94 4.92
C TYR L 120 -0.44 -23.18 4.11
N PHE L 121 0.39 -24.02 4.70
CA PHE L 121 0.79 -25.34 4.15
C PHE L 121 -0.10 -26.44 4.74
N ALA L 122 -0.90 -27.11 3.92
CA ALA L 122 -1.76 -28.28 4.29
C ALA L 122 -0.94 -29.28 5.13
N SER L 123 0.21 -29.75 4.63
CA SER L 123 1.05 -30.78 5.28
C SER L 123 1.45 -30.35 6.71
N ARG L 124 1.51 -29.06 6.97
CA ARG L 124 1.89 -28.48 8.29
C ARG L 124 0.57 -28.01 8.91
N LYS L 125 0.44 -27.76 10.20
CA LYS L 125 -0.90 -27.34 10.67
C LYS L 125 -0.87 -25.84 10.93
N LYS L 126 0.02 -25.07 10.29
CA LYS L 126 0.24 -23.67 10.76
C LYS L 126 0.64 -22.72 9.64
N THR L 127 0.55 -21.44 9.97
CA THR L 127 0.84 -20.29 9.11
C THR L 127 2.35 -20.04 9.17
N PHE L 128 2.97 -19.94 7.99
CA PHE L 128 4.32 -19.38 7.84
C PHE L 128 4.19 -17.98 7.23
N TYR L 129 5.26 -17.19 7.36
CA TYR L 129 5.31 -15.80 6.89
C TYR L 129 6.52 -15.62 5.98
N ILE L 130 6.29 -14.95 4.86
CA ILE L 130 7.33 -14.57 3.87
C ILE L 130 7.32 -13.06 3.71
N PRO L 131 8.47 -12.39 3.82
CA PRO L 131 8.54 -10.95 3.59
C PRO L 131 8.41 -10.58 2.10
N ARG L 132 7.93 -9.36 1.83
CA ARG L 132 7.57 -8.86 0.49
C ARG L 132 8.75 -9.02 -0.48
N TYR L 133 9.99 -8.78 -0.01
CA TYR L 133 11.17 -8.68 -0.89
C TYR L 133 11.57 -10.04 -1.45
N MET L 134 10.98 -11.15 -1.01
CA MET L 134 11.39 -12.50 -1.47
C MET L 134 10.50 -13.03 -2.60
N PHE L 135 9.52 -12.28 -3.06
CA PHE L 135 8.60 -12.79 -4.11
C PHE L 135 8.19 -11.67 -5.07
N ASP L 136 7.70 -12.07 -6.26
CA ASP L 136 7.01 -11.17 -7.20
C ASP L 136 5.51 -11.52 -7.27
N ILE L 137 4.71 -10.53 -7.62
CA ILE L 137 3.27 -10.69 -7.97
C ILE L 137 3.19 -10.48 -9.48
N LYS L 138 2.80 -11.51 -10.23
CA LYS L 138 2.77 -11.52 -11.72
C LYS L 138 1.79 -10.45 -12.26
N LYS L 139 2.27 -9.57 -13.16
CA LYS L 139 1.47 -8.48 -13.80
C LYS L 139 0.53 -9.00 -14.89
C1 MLI M . -36.18 -27.72 22.67
C2 MLI M . -36.85 -26.58 21.93
C3 MLI M . -35.39 -27.21 23.88
O6 MLI M . -37.07 -25.55 22.57
O7 MLI M . -37.15 -26.76 20.70
O8 MLI M . -35.73 -27.61 25.03
O9 MLI M . -34.45 -26.44 23.67
C1 MLI N . 17.68 -8.57 -35.43
C2 MLI N . 17.15 -7.15 -35.64
C3 MLI N . 17.04 -9.57 -36.42
O6 MLI N . 17.39 -6.26 -34.79
O7 MLI N . 16.47 -6.92 -36.63
O8 MLI N . 17.11 -10.88 -36.22
O9 MLI N . 16.47 -9.06 -37.38
C1 MLI O . 12.13 27.08 -3.85
C2 MLI O . 12.91 28.33 -3.46
C3 MLI O . 13.06 25.96 -4.28
O6 MLI O . 13.16 28.53 -2.27
O7 MLI O . 13.30 29.12 -4.37
O8 MLI O . 14.28 26.25 -4.29
O9 MLI O . 12.60 24.81 -4.60
C1 MLI P . 17.64 30.26 -0.93
C2 MLI P . 18.56 30.14 0.28
C3 MLI P . 16.19 29.78 -1.06
O6 MLI P . 18.54 29.15 1.03
O7 MLI P . 19.33 30.98 0.37
O8 MLI P . 15.91 28.67 -0.56
O9 MLI P . 15.34 30.54 -1.72
C1 MLI Q . 2.20 22.10 0.64
C2 MLI Q . 0.98 21.45 -0.02
C3 MLI Q . 2.47 21.33 1.95
O6 MLI Q . 0.86 20.22 0.15
O7 MLI Q . 0.16 22.17 -0.67
O8 MLI Q . 3.61 20.67 2.13
O9 MLI Q . 1.52 21.35 2.78
#